data_7ZEI
#
_entry.id   7ZEI
#
_cell.length_a   91.090
_cell.length_b   108.740
_cell.length_c   251.270
_cell.angle_alpha   90.000
_cell.angle_beta   90.000
_cell.angle_gamma   90.000
#
_symmetry.space_group_name_H-M   'P 21 21 21'
#
loop_
_entity.id
_entity.type
_entity.pdbx_description
1 polymer Ch_Gaf159A
2 non-polymer 'MAGNESIUM ION'
3 non-polymer 'CALCIUM ION'
4 non-polymer '2-(N-MORPHOLINO)-ETHANESULFONIC ACID'
5 non-polymer GLYCEROL
6 non-polymer 2-AMINO-2-HYDROXYMETHYL-PROPANE-1,3-DIOL
7 water water
#
_entity_poly.entity_id   1
_entity_poly.type   'polypeptide(L)'
_entity_poly.pdbx_seq_one_letter_code
;VPRPPAPLFRDPIYDGAADPTIIYNHLEKSWWILYTNRRANQKLPGKAFMHGTDIGIAESKDGGRTWFYRGTIELQYGRG
RNTFWAPEVIFYEGEYHMYVSFVPGVPQDWNAERYILYYKSKNLWDWEFVCKLELSSNKVIDACVFQMPDGTFRMWYKDE
ADHSYIYAAESNNLKDWKILGPALTDRPQEGPNVFWWKSKYWMITDPWCGLGVYSSEDATAWHRHENILDRPGKREDDGQ
IGHHADVLVIDDETAYIFYFTHPEGMEGTEEFWKDSKYWRTSLQVAKLEYVDGKVVCDRDKEFDFYLPDLFAHHHHHH
;
_entity_poly.pdbx_strand_id   A,B,C,D,E,F
#
# COMPACT_ATOMS: atom_id res chain seq x y z
N PRO A 2 -49.93 -6.44 21.35
CA PRO A 2 -50.69 -7.58 21.93
C PRO A 2 -49.78 -8.73 22.38
N ARG A 3 -50.36 -9.72 23.06
CA ARG A 3 -49.65 -10.94 23.53
C ARG A 3 -49.10 -11.66 22.31
N PRO A 4 -47.99 -12.41 22.44
CA PRO A 4 -47.46 -13.19 21.32
C PRO A 4 -48.43 -14.31 20.97
N PRO A 5 -48.35 -14.85 19.74
CA PRO A 5 -49.09 -16.06 19.40
C PRO A 5 -48.57 -17.22 20.25
N ALA A 6 -49.46 -18.14 20.62
CA ALA A 6 -49.14 -19.40 21.32
C ALA A 6 -49.89 -20.54 20.65
N PRO A 7 -49.21 -21.55 20.07
CA PRO A 7 -47.74 -21.55 19.98
C PRO A 7 -47.27 -20.41 19.08
N LEU A 8 -46.02 -19.99 19.22
CA LEU A 8 -45.41 -18.95 18.35
C LEU A 8 -45.48 -19.44 16.90
N PHE A 9 -45.14 -20.71 16.69
CA PHE A 9 -45.00 -21.29 15.33
C PHE A 9 -44.88 -22.81 15.38
N ARG A 10 -45.61 -23.48 14.48
CA ARG A 10 -45.42 -24.91 14.15
C ARG A 10 -45.02 -25.01 12.68
N ASP A 11 -44.04 -25.88 12.40
CA ASP A 11 -43.59 -26.14 11.01
C ASP A 11 -44.71 -26.82 10.23
N PRO A 12 -45.07 -26.33 9.03
CA PRO A 12 -46.16 -26.90 8.24
C PRO A 12 -45.76 -27.99 7.21
N ILE A 13 -44.54 -28.52 7.31
CA ILE A 13 -44.04 -29.63 6.44
C ILE A 13 -43.99 -30.91 7.27
N TYR A 14 -43.20 -30.92 8.36
CA TYR A 14 -42.98 -32.10 9.23
C TYR A 14 -43.49 -31.86 10.67
N ASP A 15 -43.80 -30.62 11.04
CA ASP A 15 -44.28 -30.26 12.40
C ASP A 15 -43.19 -30.59 13.44
N GLY A 16 -41.91 -30.37 13.10
CA GLY A 16 -40.78 -30.71 13.97
C GLY A 16 -39.92 -29.51 14.33
N ALA A 17 -40.49 -28.32 14.44
CA ALA A 17 -39.74 -27.06 14.70
C ALA A 17 -39.07 -27.13 16.07
N ALA A 18 -37.76 -26.91 16.14
CA ALA A 18 -36.97 -26.99 17.39
C ALA A 18 -35.71 -26.14 17.28
N ASP A 19 -35.04 -25.89 18.42
CA ASP A 19 -33.72 -25.23 18.49
C ASP A 19 -33.77 -23.90 17.75
N PRO A 20 -34.76 -23.03 18.04
CA PRO A 20 -34.91 -21.77 17.30
C PRO A 20 -33.71 -20.83 17.50
N THR A 21 -33.33 -20.13 16.43
CA THR A 21 -32.39 -18.98 16.47
C THR A 21 -33.07 -17.84 15.71
N ILE A 22 -33.20 -16.67 16.34
CA ILE A 22 -33.88 -15.51 15.73
C ILE A 22 -32.82 -14.56 15.19
N ILE A 23 -33.05 -14.05 13.98
CA ILE A 23 -32.08 -13.20 13.24
C ILE A 23 -32.86 -12.19 12.41
N TYR A 24 -32.47 -10.93 12.48
CA TYR A 24 -33.06 -9.86 11.64
C TYR A 24 -32.52 -10.02 10.22
N ASN A 25 -33.43 -10.07 9.26
CA ASN A 25 -33.14 -10.11 7.80
C ASN A 25 -33.07 -8.65 7.32
N HIS A 26 -31.88 -8.08 7.23
CA HIS A 26 -31.68 -6.62 6.95
C HIS A 26 -32.05 -6.30 5.50
N LEU A 27 -31.85 -7.24 4.57
CA LEU A 27 -32.14 -7.01 3.12
C LEU A 27 -33.65 -6.96 2.89
N GLU A 28 -34.42 -7.83 3.53
CA GLU A 28 -35.89 -7.94 3.30
C GLU A 28 -36.66 -7.22 4.41
N LYS A 29 -35.97 -6.67 5.41
CA LYS A 29 -36.57 -5.92 6.54
C LYS A 29 -37.65 -6.77 7.17
N SER A 30 -37.25 -7.91 7.74
CA SER A 30 -38.16 -8.88 8.38
C SER A 30 -37.41 -9.62 9.47
N TRP A 31 -38.15 -10.22 10.40
CA TRP A 31 -37.57 -11.11 11.44
C TRP A 31 -37.69 -12.56 10.95
N TRP A 32 -36.57 -13.28 10.99
CA TRP A 32 -36.49 -14.72 10.67
C TRP A 32 -36.23 -15.51 11.95
N ILE A 33 -36.94 -16.61 12.11
CA ILE A 33 -36.54 -17.71 13.03
C ILE A 33 -36.11 -18.88 12.16
N LEU A 34 -34.85 -19.30 12.31
CA LEU A 34 -34.31 -20.53 11.72
C LEU A 34 -34.38 -21.63 12.78
N TYR A 35 -34.77 -22.84 12.39
CA TYR A 35 -35.03 -23.92 13.36
C TYR A 35 -34.66 -25.27 12.74
N THR A 36 -34.16 -26.18 13.57
CA THR A 36 -34.10 -27.61 13.25
C THR A 36 -35.52 -28.06 12.94
N ASN A 37 -35.74 -28.72 11.81
CA ASN A 37 -37.06 -29.30 11.51
C ASN A 37 -36.95 -30.82 11.55
N ARG A 38 -37.25 -31.41 12.72
CA ARG A 38 -37.35 -32.88 12.87
C ARG A 38 -38.46 -33.38 11.96
N ARG A 39 -38.35 -34.61 11.48
CA ARG A 39 -39.35 -35.23 10.56
C ARG A 39 -40.43 -35.88 11.44
N ALA A 40 -41.07 -35.06 12.27
CA ALA A 40 -41.84 -35.49 13.47
C ALA A 40 -43.18 -36.12 13.08
N ASN A 41 -43.74 -35.82 11.90
CA ASN A 41 -45.09 -36.31 11.51
C ASN A 41 -44.98 -37.52 10.58
N GLN A 42 -43.80 -38.15 10.50
CA GLN A 42 -43.57 -39.34 9.66
C GLN A 42 -43.46 -40.57 10.57
N LYS A 43 -43.97 -41.71 10.11
CA LYS A 43 -43.86 -43.01 10.81
C LYS A 43 -42.52 -43.65 10.42
N LEU A 44 -41.54 -43.60 11.31
CA LEU A 44 -40.12 -43.91 11.01
C LEU A 44 -39.55 -44.88 12.02
N PRO A 45 -38.53 -45.67 11.61
CA PRO A 45 -37.87 -46.60 12.52
C PRO A 45 -36.95 -45.91 13.52
N GLY A 46 -36.92 -46.44 14.74
CA GLY A 46 -35.98 -46.02 15.80
C GLY A 46 -36.02 -44.51 16.01
N LYS A 47 -34.85 -43.87 16.01
CA LYS A 47 -34.71 -42.41 16.27
C LYS A 47 -34.52 -41.66 14.94
N ALA A 48 -34.99 -42.21 13.81
CA ALA A 48 -34.84 -41.62 12.46
C ALA A 48 -35.43 -40.20 12.40
N PHE A 49 -36.53 -39.92 13.12
CA PHE A 49 -37.25 -38.62 12.98
C PHE A 49 -36.33 -37.46 13.42
N MET A 50 -35.36 -37.72 14.30
CA MET A 50 -34.41 -36.71 14.80
C MET A 50 -33.32 -36.43 13.76
N HIS A 51 -33.25 -37.20 12.67
CA HIS A 51 -32.13 -37.17 11.69
C HIS A 51 -32.65 -36.91 10.28
N GLY A 52 -31.74 -36.64 9.35
CA GLY A 52 -32.09 -36.29 7.95
C GLY A 52 -32.83 -34.96 7.91
N THR A 53 -32.48 -34.06 8.83
CA THR A 53 -33.17 -32.77 9.08
C THR A 53 -32.50 -31.63 8.31
N ASP A 54 -33.31 -30.68 7.86
CA ASP A 54 -32.85 -29.39 7.33
C ASP A 54 -33.30 -28.30 8.30
N ILE A 55 -33.00 -27.05 7.94
CA ILE A 55 -33.32 -25.84 8.73
C ILE A 55 -34.55 -25.18 8.09
N GLY A 56 -35.60 -24.98 8.88
CA GLY A 56 -36.82 -24.28 8.45
C GLY A 56 -36.71 -22.79 8.69
N ILE A 57 -37.51 -22.01 7.96
CA ILE A 57 -37.57 -20.52 8.03
C ILE A 57 -39.01 -20.12 8.37
N ALA A 58 -39.19 -19.40 9.49
CA ALA A 58 -40.42 -18.65 9.82
C ALA A 58 -40.10 -17.16 9.75
N GLU A 59 -40.98 -16.37 9.13
CA GLU A 59 -40.76 -14.92 8.91
C GLU A 59 -41.93 -14.14 9.49
N SER A 60 -41.63 -13.02 10.16
CA SER A 60 -42.64 -12.03 10.59
C SER A 60 -42.29 -10.65 10.01
N LYS A 61 -43.27 -9.98 9.42
CA LYS A 61 -43.16 -8.61 8.87
C LYS A 61 -43.95 -7.62 9.74
N ASP A 62 -44.54 -8.06 10.86
CA ASP A 62 -45.39 -7.21 11.72
C ASP A 62 -44.86 -7.26 13.16
N GLY A 63 -43.55 -7.40 13.33
CA GLY A 63 -42.88 -7.37 14.65
C GLY A 63 -43.26 -8.56 15.52
N GLY A 64 -43.55 -9.71 14.91
CA GLY A 64 -43.71 -10.99 15.61
C GLY A 64 -45.15 -11.33 15.97
N ARG A 65 -46.12 -10.52 15.54
CA ARG A 65 -47.56 -10.82 15.81
C ARG A 65 -47.99 -12.03 14.98
N THR A 66 -47.56 -12.09 13.71
CA THR A 66 -47.89 -13.18 12.77
C THR A 66 -46.62 -13.71 12.13
N TRP A 67 -46.54 -15.03 11.99
CA TRP A 67 -45.38 -15.77 11.42
C TRP A 67 -45.86 -16.60 10.24
N PHE A 68 -45.05 -16.66 9.20
CA PHE A 68 -45.31 -17.46 7.98
C PHE A 68 -44.06 -18.27 7.66
N TYR A 69 -44.25 -19.57 7.42
CA TYR A 69 -43.23 -20.47 6.85
C TYR A 69 -42.80 -19.94 5.48
N ARG A 70 -41.49 -19.85 5.25
CA ARG A 70 -40.92 -19.38 3.95
C ARG A 70 -40.26 -20.53 3.19
N GLY A 71 -39.80 -21.58 3.87
CA GLY A 71 -39.08 -22.68 3.22
C GLY A 71 -37.93 -23.18 4.06
N THR A 72 -36.91 -23.72 3.40
CA THR A 72 -35.77 -24.42 4.04
C THR A 72 -34.45 -23.80 3.60
N ILE A 73 -33.46 -23.95 4.47
CA ILE A 73 -32.02 -23.93 4.14
C ILE A 73 -31.57 -25.40 4.13
N GLU A 74 -31.26 -25.91 2.94
CA GLU A 74 -30.81 -27.30 2.70
C GLU A 74 -29.31 -27.27 2.43
N LEU A 75 -28.52 -27.43 3.49
CA LEU A 75 -27.04 -27.36 3.43
C LEU A 75 -26.51 -28.67 2.87
N GLN A 76 -25.30 -28.63 2.32
CA GLN A 76 -24.57 -29.83 1.86
C GLN A 76 -23.20 -29.86 2.53
N TYR A 77 -22.83 -31.03 3.07
CA TYR A 77 -21.46 -31.35 3.52
C TYR A 77 -21.14 -32.77 3.05
N GLY A 78 -20.33 -32.87 1.99
CA GLY A 78 -20.03 -34.14 1.32
C GLY A 78 -21.25 -34.69 0.60
N ARG A 79 -21.26 -35.98 0.31
CA ARG A 79 -22.33 -36.63 -0.49
C ARG A 79 -23.43 -37.14 0.44
N GLY A 80 -24.63 -37.30 -0.13
CA GLY A 80 -25.73 -38.05 0.48
C GLY A 80 -26.67 -37.19 1.29
N ARG A 81 -27.66 -37.85 1.90
CA ARG A 81 -28.66 -37.24 2.81
C ARG A 81 -28.03 -37.25 4.21
N ASN A 82 -27.78 -36.07 4.77
CA ASN A 82 -27.12 -35.92 6.09
C ASN A 82 -28.09 -35.19 7.02
N THR A 83 -27.61 -34.83 8.21
CA THR A 83 -28.43 -34.28 9.32
C THR A 83 -27.83 -32.92 9.73
N PHE A 84 -28.65 -31.88 9.73
CA PHE A 84 -28.26 -30.50 10.16
C PHE A 84 -29.13 -30.09 11.35
N TRP A 85 -28.49 -29.61 12.41
CA TRP A 85 -29.11 -29.33 13.72
C TRP A 85 -28.74 -27.93 14.22
N ALA A 86 -29.70 -27.24 14.83
CA ALA A 86 -29.48 -26.21 15.88
C ALA A 86 -28.50 -25.15 15.38
N PRO A 87 -28.80 -24.44 14.29
CA PRO A 87 -27.90 -23.40 13.80
C PRO A 87 -27.81 -22.23 14.80
N GLU A 88 -26.59 -21.72 15.00
CA GLU A 88 -26.32 -20.38 15.52
C GLU A 88 -26.12 -19.47 14.31
N VAL A 89 -26.75 -18.31 14.26
CA VAL A 89 -26.52 -17.32 13.18
C VAL A 89 -26.30 -15.94 13.81
N ILE A 90 -25.19 -15.30 13.47
CA ILE A 90 -24.90 -13.88 13.84
C ILE A 90 -24.66 -13.11 12.56
N PHE A 91 -25.04 -11.83 12.57
CA PHE A 91 -24.69 -10.85 11.53
C PHE A 91 -23.47 -10.07 12.01
N TYR A 92 -22.42 -10.04 11.19
CA TYR A 92 -21.16 -9.33 11.50
C TYR A 92 -20.43 -8.96 10.21
N GLU A 93 -20.00 -7.70 10.10
CA GLU A 93 -19.24 -7.15 8.95
C GLU A 93 -19.94 -7.56 7.64
N GLY A 94 -21.24 -7.26 7.54
CA GLY A 94 -22.03 -7.30 6.30
C GLY A 94 -22.43 -8.71 5.86
N GLU A 95 -22.19 -9.72 6.71
CA GLU A 95 -22.46 -11.14 6.37
C GLU A 95 -23.09 -11.87 7.54
N TYR A 96 -23.84 -12.93 7.25
CA TYR A 96 -24.42 -13.87 8.23
C TYR A 96 -23.45 -15.05 8.38
N HIS A 97 -23.16 -15.41 9.63
CA HIS A 97 -22.20 -16.47 10.01
C HIS A 97 -22.99 -17.56 10.73
N MET A 98 -23.03 -18.77 10.17
CA MET A 98 -23.80 -19.90 10.73
C MET A 98 -22.84 -20.94 11.28
N TYR A 99 -23.07 -21.37 12.52
CA TYR A 99 -22.41 -22.53 13.16
C TYR A 99 -23.50 -23.58 13.36
N VAL A 100 -23.50 -24.57 12.48
CA VAL A 100 -24.59 -25.60 12.43
C VAL A 100 -23.98 -26.93 12.84
N SER A 101 -24.74 -27.73 13.60
CA SER A 101 -24.32 -29.08 14.02
C SER A 101 -24.66 -30.08 12.90
N PHE A 102 -23.75 -31.01 12.65
CA PHE A 102 -23.82 -31.97 11.53
C PHE A 102 -23.72 -33.38 12.09
N VAL A 103 -24.64 -34.26 11.67
CA VAL A 103 -24.56 -35.73 11.92
C VAL A 103 -24.52 -36.41 10.55
N PRO A 104 -23.50 -37.26 10.29
CA PRO A 104 -23.44 -37.97 9.01
C PRO A 104 -24.64 -38.89 8.81
N GLY A 105 -25.18 -38.86 7.59
CA GLY A 105 -26.30 -39.73 7.15
C GLY A 105 -27.58 -39.45 7.91
N VAL A 106 -28.38 -40.49 8.10
CA VAL A 106 -29.67 -40.43 8.85
C VAL A 106 -29.66 -41.58 9.84
N PRO A 107 -28.92 -41.44 10.96
CA PRO A 107 -28.91 -42.45 12.01
C PRO A 107 -30.32 -42.76 12.55
N GLN A 108 -30.45 -43.96 13.13
CA GLN A 108 -31.70 -44.46 13.77
C GLN A 108 -31.43 -44.67 15.26
N ASP A 109 -30.24 -44.24 15.72
CA ASP A 109 -29.81 -44.27 17.14
C ASP A 109 -28.80 -43.15 17.32
N TRP A 110 -28.13 -43.08 18.47
CA TRP A 110 -27.14 -42.03 18.78
C TRP A 110 -25.73 -42.45 18.34
N ASN A 111 -25.57 -43.55 17.59
CA ASN A 111 -24.24 -44.14 17.24
C ASN A 111 -23.68 -43.43 16.01
N ALA A 112 -23.34 -42.15 16.15
CA ALA A 112 -22.75 -41.34 15.05
C ALA A 112 -21.96 -40.17 15.62
N GLU A 113 -21.03 -39.66 14.83
CA GLU A 113 -20.24 -38.45 15.15
C GLU A 113 -21.18 -37.24 15.08
N ARG A 114 -20.74 -36.12 15.67
CA ARG A 114 -21.38 -34.80 15.53
C ARG A 114 -20.26 -33.77 15.37
N TYR A 115 -20.34 -32.95 14.33
CA TYR A 115 -19.39 -31.83 14.07
C TYR A 115 -20.15 -30.51 14.11
N ILE A 116 -19.42 -29.43 14.34
CA ILE A 116 -19.93 -28.05 14.09
C ILE A 116 -19.26 -27.54 12.82
N LEU A 117 -20.08 -27.09 11.88
CA LEU A 117 -19.66 -26.58 10.55
C LEU A 117 -19.96 -25.07 10.48
N TYR A 118 -19.09 -24.35 9.77
CA TYR A 118 -19.20 -22.89 9.54
C TYR A 118 -19.64 -22.67 8.09
N TYR A 119 -20.80 -22.03 7.90
CA TYR A 119 -21.31 -21.54 6.59
C TYR A 119 -21.51 -20.03 6.69
N LYS A 120 -21.39 -19.34 5.55
CA LYS A 120 -21.61 -17.87 5.46
C LYS A 120 -22.64 -17.56 4.38
N SER A 121 -23.33 -16.44 4.53
CA SER A 121 -24.39 -15.96 3.59
C SER A 121 -24.40 -14.44 3.58
N LYS A 122 -24.74 -13.85 2.42
CA LYS A 122 -25.01 -12.39 2.30
C LYS A 122 -26.50 -12.11 2.52
N ASN A 123 -27.39 -13.12 2.37
CA ASN A 123 -28.84 -12.88 2.17
C ASN A 123 -29.74 -13.85 2.96
N LEU A 124 -29.17 -14.74 3.77
CA LEU A 124 -29.88 -15.73 4.64
C LEU A 124 -30.50 -16.87 3.81
N TRP A 125 -30.71 -16.72 2.50
CA TRP A 125 -31.24 -17.80 1.62
C TRP A 125 -30.10 -18.74 1.19
N ASP A 126 -28.99 -18.16 0.74
CA ASP A 126 -27.92 -18.88 0.01
C ASP A 126 -26.67 -18.94 0.90
N TRP A 127 -26.15 -20.14 1.13
CA TRP A 127 -25.06 -20.39 2.10
C TRP A 127 -23.88 -21.03 1.36
N GLU A 128 -22.68 -20.62 1.75
CA GLU A 128 -21.39 -21.18 1.26
C GLU A 128 -20.68 -21.83 2.44
N PHE A 129 -20.30 -23.10 2.29
CA PHE A 129 -19.48 -23.85 3.27
C PHE A 129 -18.12 -23.15 3.41
N VAL A 130 -17.68 -22.91 4.65
CA VAL A 130 -16.33 -22.36 4.94
C VAL A 130 -15.43 -23.50 5.44
N CYS A 131 -15.76 -24.11 6.59
CA CYS A 131 -14.92 -25.16 7.21
C CYS A 131 -15.68 -25.93 8.29
N LYS A 132 -15.15 -27.11 8.61
CA LYS A 132 -15.47 -27.88 9.83
C LYS A 132 -14.61 -27.34 10.97
N LEU A 133 -15.22 -26.98 12.10
CA LEU A 133 -14.48 -26.54 13.31
C LEU A 133 -13.76 -27.76 13.89
N GLU A 134 -12.52 -27.57 14.36
CA GLU A 134 -11.77 -28.59 15.13
C GLU A 134 -11.92 -28.25 16.62
N LEU A 135 -12.89 -28.87 17.28
CA LEU A 135 -13.19 -28.64 18.71
C LEU A 135 -12.72 -29.84 19.53
N SER A 136 -13.20 -29.99 20.76
CA SER A 136 -12.62 -30.89 21.79
C SER A 136 -12.86 -32.36 21.45
N SER A 137 -13.83 -32.68 20.59
CA SER A 137 -14.13 -34.07 20.17
C SER A 137 -14.87 -34.08 18.82
N ASN A 138 -15.18 -35.28 18.31
CA ASN A 138 -16.02 -35.47 17.11
C ASN A 138 -17.44 -35.87 17.56
N LYS A 139 -17.86 -35.39 18.73
CA LYS A 139 -19.26 -35.46 19.22
C LYS A 139 -19.63 -34.11 19.87
N VAL A 140 -19.66 -33.06 19.05
CA VAL A 140 -19.90 -31.66 19.50
C VAL A 140 -21.12 -31.10 18.77
N ILE A 141 -22.02 -30.44 19.50
CA ILE A 141 -23.28 -29.86 18.94
C ILE A 141 -23.62 -28.55 19.66
N ASP A 142 -24.59 -27.82 19.09
CA ASP A 142 -25.37 -26.74 19.75
C ASP A 142 -24.47 -25.52 20.02
N ALA A 143 -23.80 -25.01 18.99
CA ALA A 143 -22.96 -23.79 19.08
C ALA A 143 -23.83 -22.60 19.47
N CYS A 144 -23.29 -21.71 20.31
CA CYS A 144 -23.74 -20.31 20.44
C CYS A 144 -22.50 -19.42 20.51
N VAL A 145 -22.63 -18.19 20.04
CA VAL A 145 -21.47 -17.26 19.90
C VAL A 145 -21.86 -15.94 20.55
N PHE A 146 -20.89 -15.29 21.19
CA PHE A 146 -21.02 -13.92 21.73
C PHE A 146 -19.67 -13.21 21.59
N GLN A 147 -19.67 -11.97 21.11
CA GLN A 147 -18.43 -11.16 20.95
C GLN A 147 -18.09 -10.54 22.30
N MET A 148 -16.87 -10.77 22.77
CA MET A 148 -16.35 -10.24 24.06
C MET A 148 -15.80 -8.84 23.84
N PRO A 149 -15.62 -8.03 24.92
CA PRO A 149 -15.22 -6.63 24.78
C PRO A 149 -13.90 -6.39 24.02
N ASP A 150 -12.95 -7.32 24.06
CA ASP A 150 -11.63 -7.18 23.38
C ASP A 150 -11.77 -7.52 21.89
N GLY A 151 -12.99 -7.83 21.42
CA GLY A 151 -13.29 -8.09 20.00
C GLY A 151 -13.28 -9.58 19.69
N THR A 152 -12.69 -10.41 20.55
CA THR A 152 -12.64 -11.88 20.41
C THR A 152 -14.07 -12.43 20.51
N PHE A 153 -14.43 -13.33 19.60
CA PHE A 153 -15.69 -14.12 19.66
C PHE A 153 -15.47 -15.32 20.57
N ARG A 154 -16.44 -15.58 21.45
CA ARG A 154 -16.44 -16.77 22.33
C ARG A 154 -17.58 -17.67 21.84
N MET A 155 -17.32 -18.98 21.78
CA MET A 155 -18.32 -19.99 21.39
C MET A 155 -18.51 -20.94 22.57
N TRP A 156 -19.76 -21.33 22.82
CA TRP A 156 -20.09 -22.43 23.74
C TRP A 156 -20.75 -23.55 22.94
N TYR A 157 -20.51 -24.79 23.33
CA TYR A 157 -21.05 -25.99 22.65
C TYR A 157 -21.07 -27.14 23.66
N LYS A 158 -21.83 -28.18 23.32
CA LYS A 158 -21.96 -29.41 24.12
C LYS A 158 -20.94 -30.42 23.60
N ASP A 159 -20.12 -30.98 24.49
CA ASP A 159 -19.18 -32.07 24.14
C ASP A 159 -19.72 -33.38 24.71
N GLU A 160 -20.36 -34.20 23.87
CA GLU A 160 -20.98 -35.48 24.29
C GLU A 160 -19.89 -36.50 24.64
N ALA A 161 -18.66 -36.31 24.17
CA ALA A 161 -17.50 -37.20 24.47
C ALA A 161 -16.95 -36.90 25.87
N ASP A 162 -17.26 -35.73 26.45
CA ASP A 162 -16.86 -35.38 27.85
C ASP A 162 -18.13 -35.05 28.66
N HIS A 163 -18.93 -36.09 28.95
CA HIS A 163 -20.04 -36.07 29.94
C HIS A 163 -21.14 -35.08 29.53
N SER A 164 -21.23 -34.71 28.24
CA SER A 164 -22.20 -33.72 27.72
C SER A 164 -22.05 -32.41 28.52
N TYR A 165 -20.81 -32.02 28.83
CA TYR A 165 -20.48 -30.73 29.49
C TYR A 165 -20.47 -29.63 28.42
N ILE A 166 -20.82 -28.41 28.83
CA ILE A 166 -20.68 -27.19 27.99
C ILE A 166 -19.20 -26.82 28.00
N TYR A 167 -18.61 -26.72 26.80
CA TYR A 167 -17.22 -26.25 26.55
C TYR A 167 -17.28 -24.83 25.98
N ALA A 168 -16.15 -24.13 26.06
CA ALA A 168 -15.95 -22.79 25.45
C ALA A 168 -14.77 -22.86 24.50
N ALA A 169 -14.84 -22.06 23.43
CA ALA A 169 -13.77 -21.84 22.45
C ALA A 169 -13.75 -20.35 22.10
N GLU A 170 -12.69 -19.87 21.44
CA GLU A 170 -12.57 -18.44 21.08
C GLU A 170 -11.96 -18.31 19.69
N SER A 171 -12.26 -17.21 19.00
CA SER A 171 -11.81 -16.90 17.63
C SER A 171 -11.71 -15.38 17.45
N ASN A 172 -10.70 -14.93 16.71
CA ASN A 172 -10.56 -13.51 16.31
C ASN A 172 -11.10 -13.31 14.89
N ASN A 173 -11.26 -14.37 14.11
CA ASN A 173 -11.59 -14.28 12.66
C ASN A 173 -12.88 -15.03 12.30
N LEU A 174 -13.56 -15.64 13.28
CA LEU A 174 -14.86 -16.36 13.14
C LEU A 174 -14.69 -17.71 12.40
N LYS A 175 -13.49 -18.03 11.91
CA LYS A 175 -13.23 -19.27 11.11
C LYS A 175 -12.44 -20.27 11.96
N ASP A 176 -11.34 -19.82 12.58
CA ASP A 176 -10.39 -20.66 13.36
C ASP A 176 -10.70 -20.48 14.85
N TRP A 177 -10.95 -21.58 15.55
CA TRP A 177 -11.43 -21.59 16.96
C TRP A 177 -10.42 -22.33 17.83
N LYS A 178 -9.99 -21.68 18.92
CA LYS A 178 -9.11 -22.25 19.95
C LYS A 178 -9.98 -22.74 21.12
N ILE A 179 -9.78 -24.00 21.54
CA ILE A 179 -10.53 -24.61 22.67
C ILE A 179 -10.04 -23.94 23.97
N LEU A 180 -10.97 -23.40 24.77
CA LEU A 180 -10.67 -22.84 26.11
C LEU A 180 -10.82 -23.95 27.16
N GLY A 181 -11.76 -24.88 26.95
CA GLY A 181 -11.98 -26.06 27.78
C GLY A 181 -13.40 -26.10 28.36
N PRO A 182 -13.66 -27.03 29.31
CA PRO A 182 -14.97 -27.12 29.96
C PRO A 182 -15.34 -25.79 30.64
N ALA A 183 -16.53 -25.29 30.36
CA ALA A 183 -17.10 -24.05 30.95
C ALA A 183 -18.01 -24.38 32.14
N LEU A 184 -18.80 -25.44 32.02
CA LEU A 184 -19.75 -25.91 33.07
C LEU A 184 -19.59 -27.43 33.22
N THR A 185 -19.29 -27.89 34.43
CA THR A 185 -19.04 -29.32 34.74
C THR A 185 -20.00 -29.77 35.85
N ASP A 186 -21.10 -29.04 36.07
CA ASP A 186 -22.06 -29.28 37.18
C ASP A 186 -23.06 -30.38 36.79
N ARG A 187 -23.46 -30.43 35.51
CA ARG A 187 -24.48 -31.40 35.03
C ARG A 187 -24.37 -31.54 33.51
N PRO A 188 -24.81 -32.68 32.93
CA PRO A 188 -24.92 -32.79 31.48
C PRO A 188 -26.05 -31.85 31.03
N GLN A 189 -25.85 -31.14 29.93
CA GLN A 189 -26.86 -30.21 29.36
C GLN A 189 -26.44 -29.82 27.94
N GLU A 190 -27.33 -29.14 27.23
CA GLU A 190 -27.09 -28.76 25.82
C GLU A 190 -27.71 -27.40 25.56
N GLY A 191 -27.74 -26.99 24.28
CA GLY A 191 -28.35 -25.73 23.83
C GLY A 191 -27.90 -24.51 24.63
N PRO A 192 -26.58 -24.31 24.85
CA PRO A 192 -26.10 -23.10 25.53
C PRO A 192 -26.48 -21.85 24.74
N ASN A 193 -26.82 -20.79 25.45
CA ASN A 193 -27.16 -19.48 24.85
C ASN A 193 -26.67 -18.37 25.78
N VAL A 194 -25.70 -17.57 25.32
CA VAL A 194 -25.06 -16.50 26.14
C VAL A 194 -25.52 -15.14 25.62
N PHE A 195 -25.88 -14.26 26.55
CA PHE A 195 -26.26 -12.86 26.25
C PHE A 195 -25.84 -11.96 27.41
N TRP A 196 -25.78 -10.66 27.13
CA TRP A 196 -25.45 -9.60 28.10
C TRP A 196 -26.74 -8.82 28.39
N TRP A 197 -27.05 -8.63 29.67
CA TRP A 197 -28.27 -7.96 30.16
C TRP A 197 -28.07 -7.61 31.63
N LYS A 198 -28.61 -6.48 32.08
CA LYS A 198 -28.58 -6.08 33.51
C LYS A 198 -27.13 -6.14 34.02
N SER A 199 -26.18 -5.67 33.21
CA SER A 199 -24.76 -5.43 33.59
C SER A 199 -24.02 -6.74 33.88
N LYS A 200 -24.50 -7.88 33.35
CA LYS A 200 -23.90 -9.22 33.56
C LYS A 200 -24.04 -10.06 32.30
N TYR A 201 -23.19 -11.08 32.17
CA TYR A 201 -23.36 -12.20 31.21
C TYR A 201 -24.34 -13.21 31.81
N TRP A 202 -25.17 -13.78 30.95
CA TRP A 202 -26.13 -14.87 31.30
C TRP A 202 -25.89 -16.02 30.34
N MET A 203 -25.93 -17.25 30.85
CA MET A 203 -26.05 -18.44 29.99
C MET A 203 -27.34 -19.16 30.34
N ILE A 204 -28.12 -19.45 29.30
CA ILE A 204 -29.28 -20.40 29.35
C ILE A 204 -28.76 -21.72 28.79
N THR A 205 -29.08 -22.82 29.47
CA THR A 205 -28.76 -24.20 29.03
C THR A 205 -30.04 -25.03 29.01
N ASP A 206 -29.96 -26.24 28.47
CA ASP A 206 -31.08 -27.21 28.51
C ASP A 206 -30.57 -28.49 29.17
N PRO A 207 -30.69 -28.59 30.51
CA PRO A 207 -30.44 -29.84 31.23
C PRO A 207 -31.63 -30.81 31.27
N TRP A 208 -32.65 -30.58 30.44
CA TRP A 208 -33.79 -31.49 30.18
C TRP A 208 -34.74 -31.59 31.39
N CYS A 209 -34.78 -30.53 32.21
CA CYS A 209 -35.74 -30.39 33.35
C CYS A 209 -36.13 -28.92 33.44
N GLY A 210 -36.51 -28.34 32.29
CA GLY A 210 -36.52 -26.89 32.08
C GLY A 210 -35.12 -26.41 31.77
N LEU A 211 -34.94 -25.11 31.65
CA LEU A 211 -33.67 -24.49 31.17
C LEU A 211 -32.86 -24.03 32.37
N GLY A 212 -31.55 -24.26 32.33
CA GLY A 212 -30.58 -23.76 33.32
C GLY A 212 -30.32 -22.28 33.11
N VAL A 213 -30.06 -21.57 34.21
CA VAL A 213 -29.73 -20.12 34.20
C VAL A 213 -28.45 -19.93 35.02
N TYR A 214 -27.44 -19.31 34.40
CA TYR A 214 -26.16 -18.94 35.05
C TYR A 214 -25.88 -17.46 34.78
N SER A 215 -25.17 -16.81 35.71
CA SER A 215 -24.66 -15.43 35.51
C SER A 215 -23.13 -15.42 35.68
N SER A 216 -22.48 -14.43 35.09
CA SER A 216 -21.01 -14.24 35.10
C SER A 216 -20.69 -12.77 34.91
N GLU A 217 -19.60 -12.32 35.53
CA GLU A 217 -19.00 -10.97 35.31
C GLU A 217 -18.07 -11.02 34.09
N ASP A 218 -17.54 -12.20 33.73
CA ASP A 218 -16.44 -12.32 32.75
C ASP A 218 -16.75 -13.35 31.65
N ALA A 219 -17.90 -14.03 31.72
CA ALA A 219 -18.31 -15.13 30.80
C ALA A 219 -17.31 -16.30 30.90
N THR A 220 -16.70 -16.49 32.06
CA THR A 220 -15.74 -17.59 32.36
C THR A 220 -16.16 -18.28 33.67
N ALA A 221 -16.30 -17.50 34.75
CA ALA A 221 -16.72 -17.97 36.09
C ALA A 221 -18.24 -17.83 36.21
N TRP A 222 -18.97 -18.95 36.15
CA TRP A 222 -20.45 -18.97 36.11
C TRP A 222 -21.02 -19.31 37.49
N HIS A 223 -22.09 -18.60 37.85
CA HIS A 223 -22.86 -18.79 39.11
C HIS A 223 -24.26 -19.28 38.72
N ARG A 224 -24.64 -20.48 39.21
CA ARG A 224 -25.89 -21.15 38.82
C ARG A 224 -27.06 -20.57 39.61
N HIS A 225 -28.17 -20.30 38.93
CA HIS A 225 -29.44 -19.81 39.53
C HIS A 225 -30.51 -20.88 39.34
N GLU A 226 -31.76 -20.56 39.60
CA GLU A 226 -32.89 -21.52 39.46
C GLU A 226 -33.18 -21.72 37.97
N ASN A 227 -33.65 -22.91 37.62
CA ASN A 227 -34.13 -23.23 36.25
C ASN A 227 -35.34 -22.33 35.92
N ILE A 228 -35.58 -22.10 34.63
CA ILE A 228 -36.83 -21.45 34.12
C ILE A 228 -37.55 -22.45 33.20
N LEU A 229 -38.85 -22.25 33.00
CA LEU A 229 -39.69 -23.06 32.08
C LEU A 229 -39.64 -24.53 32.48
N ASP A 230 -39.58 -24.78 33.80
CA ASP A 230 -39.48 -26.15 34.38
C ASP A 230 -40.88 -26.63 34.81
N ARG A 231 -41.86 -25.73 34.84
CA ARG A 231 -43.26 -26.07 35.20
C ARG A 231 -44.16 -25.81 33.99
N PRO A 232 -45.21 -26.64 33.77
CA PRO A 232 -46.12 -26.43 32.65
C PRO A 232 -46.71 -25.02 32.61
N GLY A 233 -46.80 -24.46 31.39
CA GLY A 233 -47.55 -23.23 31.10
C GLY A 233 -49.01 -23.54 30.76
N LYS A 234 -49.86 -22.52 30.80
CA LYS A 234 -51.32 -22.63 30.55
C LYS A 234 -51.62 -22.38 29.07
N ARG A 235 -50.70 -21.78 28.32
CA ARG A 235 -50.95 -21.39 26.90
C ARG A 235 -50.94 -22.63 26.01
N GLU A 236 -51.53 -22.53 24.82
CA GLU A 236 -51.62 -23.67 23.86
C GLU A 236 -50.21 -24.18 23.56
N ASP A 237 -50.00 -25.50 23.72
CA ASP A 237 -48.74 -26.22 23.42
C ASP A 237 -47.61 -25.74 24.35
N ASP A 238 -47.93 -25.08 25.47
CA ASP A 238 -46.89 -24.54 26.40
C ASP A 238 -46.93 -25.32 27.72
N GLY A 239 -47.57 -26.50 27.75
CA GLY A 239 -47.86 -27.24 28.99
C GLY A 239 -46.79 -28.26 29.35
N GLN A 240 -45.54 -28.03 28.93
CA GLN A 240 -44.40 -28.95 29.19
C GLN A 240 -43.14 -28.11 29.38
N ILE A 241 -42.05 -28.75 29.80
CA ILE A 241 -40.73 -28.08 30.00
C ILE A 241 -40.33 -27.38 28.70
N GLY A 242 -39.71 -26.21 28.83
CA GLY A 242 -39.11 -25.49 27.69
C GLY A 242 -37.78 -26.13 27.30
N HIS A 243 -37.41 -26.02 26.03
CA HIS A 243 -36.15 -26.61 25.47
C HIS A 243 -35.39 -25.57 24.63
N HIS A 244 -34.07 -25.80 24.55
CA HIS A 244 -33.09 -25.18 23.63
C HIS A 244 -33.54 -23.77 23.22
N ALA A 245 -33.21 -22.78 24.04
CA ALA A 245 -33.71 -21.39 23.93
C ALA A 245 -32.73 -20.53 23.13
N ASP A 246 -33.28 -19.44 22.57
CA ASP A 246 -32.49 -18.31 22.03
C ASP A 246 -33.04 -17.05 22.67
N VAL A 247 -32.16 -16.19 23.20
CA VAL A 247 -32.57 -14.94 23.86
C VAL A 247 -32.30 -13.77 22.90
N LEU A 248 -33.30 -12.90 22.75
CA LEU A 248 -33.19 -11.64 21.99
C LEU A 248 -33.35 -10.48 22.96
N VAL A 249 -32.28 -9.71 23.15
CA VAL A 249 -32.31 -8.46 23.95
C VAL A 249 -32.73 -7.32 23.01
N ILE A 250 -33.87 -6.70 23.30
CA ILE A 250 -34.36 -5.50 22.56
C ILE A 250 -33.70 -4.26 23.17
N ASP A 251 -33.74 -4.14 24.50
CA ASP A 251 -33.16 -2.99 25.23
C ASP A 251 -32.90 -3.39 26.69
N ASP A 252 -32.52 -2.44 27.55
CA ASP A 252 -32.10 -2.69 28.95
C ASP A 252 -33.27 -3.27 29.77
N GLU A 253 -34.52 -3.05 29.35
CA GLU A 253 -35.74 -3.48 30.08
C GLU A 253 -36.39 -4.69 29.40
N THR A 254 -36.11 -4.93 28.11
CA THR A 254 -36.90 -5.86 27.25
C THR A 254 -35.99 -6.95 26.69
N ALA A 255 -36.17 -8.19 27.13
CA ALA A 255 -35.50 -9.39 26.58
C ALA A 255 -36.52 -10.52 26.44
N TYR A 256 -36.56 -11.13 25.26
CA TYR A 256 -37.49 -12.25 24.94
C TYR A 256 -36.69 -13.54 24.86
N ILE A 257 -37.29 -14.64 25.31
CA ILE A 257 -36.71 -15.99 25.19
C ILE A 257 -37.58 -16.81 24.24
N PHE A 258 -36.97 -17.28 23.16
CA PHE A 258 -37.57 -18.19 22.15
C PHE A 258 -37.14 -19.61 22.51
N TYR A 259 -38.08 -20.54 22.53
CA TYR A 259 -37.80 -21.93 22.96
C TYR A 259 -38.78 -22.85 22.22
N PHE A 260 -38.68 -24.16 22.49
CA PHE A 260 -39.67 -25.13 21.96
C PHE A 260 -40.11 -26.06 23.07
N THR A 261 -41.26 -26.68 22.85
CA THR A 261 -41.81 -27.77 23.70
C THR A 261 -42.10 -28.97 22.82
N HIS A 262 -42.11 -30.15 23.44
CA HIS A 262 -42.86 -31.35 23.00
C HIS A 262 -44.20 -31.29 23.70
N PRO A 263 -45.22 -30.62 23.10
CA PRO A 263 -46.46 -30.35 23.81
C PRO A 263 -47.23 -31.58 24.33
N GLU A 264 -47.04 -32.75 23.71
CA GLU A 264 -47.69 -34.02 24.13
C GLU A 264 -46.92 -34.65 25.31
N GLY A 265 -45.69 -34.18 25.57
CA GLY A 265 -44.88 -34.62 26.74
C GLY A 265 -44.42 -36.06 26.65
N MET A 266 -44.24 -36.70 27.80
CA MET A 266 -43.78 -38.10 27.98
C MET A 266 -42.35 -38.29 27.47
N GLU A 267 -41.53 -37.23 27.42
CA GLU A 267 -40.08 -37.39 27.15
C GLU A 267 -39.46 -38.26 28.24
N GLY A 268 -38.47 -39.08 27.88
CA GLY A 268 -37.71 -39.91 28.83
C GLY A 268 -38.38 -41.27 29.07
N THR A 269 -39.46 -41.57 28.33
CA THR A 269 -40.21 -42.86 28.41
C THR A 269 -40.01 -43.64 27.10
N GLU A 270 -40.21 -44.95 27.15
CA GLU A 270 -40.24 -45.83 25.95
C GLU A 270 -41.43 -45.41 25.08
N GLU A 271 -42.55 -44.99 25.70
CA GLU A 271 -43.79 -44.57 25.00
C GLU A 271 -43.46 -43.45 24.00
N PHE A 272 -42.58 -42.52 24.37
CA PHE A 272 -42.17 -41.38 23.52
C PHE A 272 -41.71 -41.90 22.14
N TRP A 273 -40.87 -42.93 22.13
CA TRP A 273 -40.24 -43.47 20.91
C TRP A 273 -41.20 -44.41 20.15
N LYS A 274 -42.18 -44.99 20.84
CA LYS A 274 -43.06 -46.04 20.24
C LYS A 274 -44.29 -45.39 19.58
N ASP A 275 -44.62 -44.15 19.92
CA ASP A 275 -45.80 -43.45 19.34
C ASP A 275 -45.35 -42.10 18.79
N SER A 276 -45.43 -41.93 17.46
CA SER A 276 -44.96 -40.72 16.75
C SER A 276 -45.80 -39.49 17.14
N LYS A 277 -46.95 -39.66 17.80
CA LYS A 277 -47.76 -38.50 18.28
C LYS A 277 -46.92 -37.62 19.22
N TYR A 278 -45.92 -38.19 19.91
CA TYR A 278 -45.07 -37.47 20.89
C TYR A 278 -43.95 -36.66 20.21
N TRP A 279 -43.71 -36.87 18.91
CA TRP A 279 -42.49 -36.35 18.24
C TRP A 279 -42.64 -34.87 17.89
N ARG A 280 -43.86 -34.38 17.66
CA ARG A 280 -44.09 -32.99 17.20
C ARG A 280 -43.61 -32.01 18.26
N THR A 281 -43.13 -30.86 17.82
CA THR A 281 -42.61 -29.77 18.67
C THR A 281 -43.20 -28.44 18.20
N SER A 282 -43.32 -27.50 19.13
CA SER A 282 -43.91 -26.17 18.91
C SER A 282 -42.94 -25.11 19.41
N LEU A 283 -42.70 -24.07 18.61
CA LEU A 283 -41.93 -22.88 19.07
C LEU A 283 -42.83 -22.03 19.96
N GLN A 284 -42.23 -21.38 20.94
CA GLN A 284 -42.90 -20.49 21.92
C GLN A 284 -42.00 -19.29 22.15
N VAL A 285 -42.58 -18.22 22.68
CA VAL A 285 -41.80 -17.07 23.20
C VAL A 285 -42.36 -16.74 24.58
N ALA A 286 -41.49 -16.22 25.44
CA ALA A 286 -41.84 -15.68 26.77
C ALA A 286 -40.97 -14.45 27.01
N LYS A 287 -41.31 -13.68 28.03
CA LYS A 287 -40.58 -12.44 28.39
C LYS A 287 -39.72 -12.73 29.62
N LEU A 288 -38.43 -12.42 29.55
CA LEU A 288 -37.51 -12.51 30.70
C LEU A 288 -37.78 -11.33 31.63
N GLU A 289 -37.66 -11.59 32.93
CA GLU A 289 -37.68 -10.55 33.99
C GLU A 289 -36.38 -10.66 34.79
N TYR A 290 -36.08 -9.60 35.54
CA TYR A 290 -34.90 -9.50 36.44
C TYR A 290 -35.44 -9.21 37.84
N VAL A 291 -35.37 -10.20 38.73
CA VAL A 291 -35.95 -10.15 40.10
C VAL A 291 -34.89 -10.62 41.09
N ASP A 292 -34.56 -9.78 42.07
CA ASP A 292 -33.57 -10.09 43.14
C ASP A 292 -32.27 -10.58 42.48
N GLY A 293 -31.82 -9.87 41.45
CA GLY A 293 -30.50 -10.08 40.82
C GLY A 293 -30.43 -11.31 39.92
N LYS A 294 -31.58 -11.91 39.59
CA LYS A 294 -31.65 -13.18 38.82
C LYS A 294 -32.60 -13.03 37.63
N VAL A 295 -32.21 -13.57 36.49
CA VAL A 295 -33.12 -13.71 35.31
C VAL A 295 -34.12 -14.82 35.61
N VAL A 296 -35.41 -14.48 35.52
CA VAL A 296 -36.55 -15.39 35.77
C VAL A 296 -37.52 -15.25 34.60
N CYS A 297 -38.56 -16.07 34.57
CA CYS A 297 -39.54 -16.09 33.45
C CYS A 297 -40.85 -16.70 33.93
N ASP A 298 -41.94 -15.93 33.82
CA ASP A 298 -43.32 -16.42 34.00
C ASP A 298 -43.93 -16.59 32.60
N ARG A 299 -43.90 -17.81 32.09
CA ARG A 299 -44.37 -18.15 30.72
C ARG A 299 -45.87 -17.87 30.58
N ASP A 300 -46.61 -17.77 31.69
CA ASP A 300 -48.08 -17.52 31.68
C ASP A 300 -48.40 -16.03 31.68
N LYS A 301 -47.45 -15.17 32.08
CA LYS A 301 -47.73 -13.72 32.26
C LYS A 301 -47.89 -13.04 30.90
N GLU A 302 -49.01 -12.35 30.70
CA GLU A 302 -49.31 -11.55 29.48
C GLU A 302 -48.25 -10.45 29.35
N PHE A 303 -47.80 -10.18 28.13
CA PHE A 303 -46.91 -9.03 27.79
C PHE A 303 -47.20 -8.60 26.35
N ASP A 304 -46.86 -7.35 26.02
CA ASP A 304 -47.01 -6.80 24.65
C ASP A 304 -45.72 -7.08 23.89
N PHE A 305 -45.76 -8.11 23.04
CA PHE A 305 -44.62 -8.61 22.25
C PHE A 305 -44.47 -7.70 21.03
N TYR A 306 -43.29 -7.13 20.83
CA TYR A 306 -42.96 -6.39 19.59
C TYR A 306 -41.47 -6.53 19.26
N LEU A 307 -41.19 -6.91 18.01
CA LEU A 307 -39.83 -7.02 17.43
C LEU A 307 -39.63 -5.88 16.45
N PRO A 308 -39.00 -4.77 16.86
CA PRO A 308 -38.81 -3.63 15.98
C PRO A 308 -37.76 -3.92 14.91
N ASP A 309 -37.84 -3.23 13.78
CA ASP A 309 -36.75 -3.20 12.78
C ASP A 309 -35.48 -2.70 13.46
N LEU A 310 -34.33 -3.26 13.07
CA LEU A 310 -33.00 -2.79 13.53
C LEU A 310 -32.55 -1.69 12.57
N PHE A 311 -32.13 -0.55 13.12
CA PHE A 311 -31.76 0.69 12.39
C PHE A 311 -30.25 0.95 12.57
N PRO B 2 -10.57 -11.64 8.57
CA PRO B 2 -11.45 -11.31 7.43
C PRO B 2 -10.71 -11.26 6.09
N ARG B 3 -11.46 -11.14 4.99
CA ARG B 3 -10.92 -10.90 3.63
C ARG B 3 -9.93 -9.75 3.69
N PRO B 4 -8.86 -9.76 2.87
CA PRO B 4 -7.99 -8.60 2.78
C PRO B 4 -8.75 -7.42 2.17
N PRO B 5 -8.32 -6.17 2.41
CA PRO B 5 -8.83 -5.03 1.65
C PRO B 5 -8.52 -5.25 0.16
N ALA B 6 -9.44 -4.80 -0.71
CA ALA B 6 -9.25 -4.76 -2.18
C ALA B 6 -9.67 -3.39 -2.68
N PRO B 7 -8.75 -2.58 -3.26
CA PRO B 7 -7.33 -2.94 -3.36
C PRO B 7 -6.67 -3.00 -1.97
N LEU B 8 -5.54 -3.70 -1.87
CA LEU B 8 -4.78 -3.75 -0.60
C LEU B 8 -4.35 -2.33 -0.24
N PHE B 9 -3.85 -1.59 -1.22
CA PHE B 9 -3.29 -0.24 -0.98
C PHE B 9 -3.10 0.52 -2.29
N ARG B 10 -3.43 1.81 -2.28
CA ARG B 10 -3.02 2.78 -3.31
C ARG B 10 -2.18 3.87 -2.62
N ASP B 11 -1.11 4.30 -3.29
CA ASP B 11 -0.21 5.36 -2.78
C ASP B 11 -0.94 6.70 -2.83
N PRO B 12 -0.96 7.47 -1.71
CA PRO B 12 -1.68 8.74 -1.65
C PRO B 12 -0.91 10.00 -2.07
N ILE B 13 0.24 9.83 -2.73
CA ILE B 13 1.09 10.95 -3.24
C ILE B 13 0.98 10.99 -4.76
N TYR B 14 1.39 9.90 -5.42
CA TYR B 14 1.43 9.78 -6.90
C TYR B 14 0.49 8.68 -7.41
N ASP B 15 -0.04 7.81 -6.52
CA ASP B 15 -0.93 6.69 -6.90
C ASP B 15 -0.20 5.75 -7.87
N GLY B 16 1.10 5.49 -7.61
CA GLY B 16 1.94 4.67 -8.50
C GLY B 16 2.52 3.45 -7.80
N ALA B 17 1.84 2.88 -6.80
CA ALA B 17 2.36 1.77 -5.98
C ALA B 17 2.60 0.53 -6.85
N ALA B 18 3.82 -0.01 -6.85
CA ALA B 18 4.19 -1.19 -7.66
C ALA B 18 5.33 -1.96 -7.01
N ASP B 19 5.60 -3.17 -7.50
CA ASP B 19 6.78 -3.99 -7.12
C ASP B 19 6.85 -4.12 -5.61
N PRO B 20 5.76 -4.52 -4.92
CA PRO B 20 5.74 -4.56 -3.46
C PRO B 20 6.73 -5.58 -2.89
N THR B 21 7.36 -5.24 -1.78
CA THR B 21 8.13 -6.19 -0.94
C THR B 21 7.66 -6.02 0.50
N ILE B 22 7.32 -7.12 1.17
CA ILE B 22 6.75 -7.06 2.54
C ILE B 22 7.84 -7.46 3.53
N ILE B 23 7.90 -6.76 4.66
CA ILE B 23 8.94 -6.97 5.69
C ILE B 23 8.32 -6.63 7.06
N TYR B 24 8.57 -7.46 8.07
CA TYR B 24 8.16 -7.16 9.45
C TYR B 24 9.13 -6.12 10.03
N ASN B 25 8.58 -5.04 10.57
CA ASN B 25 9.32 -3.97 11.27
C ASN B 25 9.37 -4.34 12.76
N HIS B 26 10.49 -4.93 13.21
CA HIS B 26 10.64 -5.49 14.58
C HIS B 26 10.52 -4.36 15.61
N LEU B 27 11.02 -3.17 15.30
CA LEU B 27 11.10 -2.03 16.25
C LEU B 27 9.69 -1.47 16.50
N GLU B 28 8.90 -1.32 15.43
CA GLU B 28 7.57 -0.66 15.50
C GLU B 28 6.45 -1.69 15.65
N LYS B 29 6.80 -2.99 15.64
CA LYS B 29 5.84 -4.11 15.87
C LYS B 29 4.73 -4.00 14.83
N SER B 30 5.11 -3.93 13.56
CA SER B 30 4.18 -3.68 12.44
C SER B 30 4.71 -4.34 11.18
N TRP B 31 3.82 -4.51 10.19
CA TRP B 31 4.18 -5.01 8.84
C TRP B 31 4.30 -3.81 7.90
N TRP B 32 5.41 -3.76 7.17
CA TRP B 32 5.68 -2.73 6.14
C TRP B 32 5.61 -3.38 4.76
N ILE B 33 4.92 -2.73 3.83
CA ILE B 33 5.11 -2.96 2.38
C ILE B 33 5.90 -1.78 1.84
N LEU B 34 7.08 -2.07 1.29
CA LEU B 34 7.90 -1.09 0.52
C LEU B 34 7.58 -1.31 -0.95
N TYR B 35 7.43 -0.23 -1.71
CA TYR B 35 6.97 -0.31 -3.11
C TYR B 35 7.64 0.80 -3.92
N THR B 36 7.93 0.49 -5.18
CA THR B 36 8.22 1.53 -6.19
C THR B 36 7.00 2.45 -6.26
N ASN B 37 7.20 3.75 -6.18
CA ASN B 37 6.08 4.71 -6.38
C ASN B 37 6.30 5.44 -7.71
N ARG B 38 5.72 4.91 -8.79
CA ARG B 38 5.68 5.62 -10.09
C ARG B 38 4.97 6.95 -9.89
N ARG B 39 5.34 7.97 -10.67
CA ARG B 39 4.74 9.32 -10.60
C ARG B 39 3.50 9.31 -11.51
N ALA B 40 2.55 8.43 -11.20
CA ALA B 40 1.49 7.94 -12.12
C ALA B 40 0.39 8.99 -12.32
N ASN B 41 0.20 9.91 -11.37
CA ASN B 41 -0.94 10.87 -11.42
C ASN B 41 -0.46 12.22 -11.97
N GLN B 42 0.72 12.27 -12.61
CA GLN B 42 1.28 13.51 -13.18
C GLN B 42 1.18 13.44 -14.71
N LYS B 43 0.96 14.60 -15.36
CA LYS B 43 0.96 14.72 -16.83
C LYS B 43 2.41 14.96 -17.26
N LEU B 44 3.07 13.92 -17.78
CA LEU B 44 4.54 13.91 -17.99
C LEU B 44 4.84 13.45 -19.41
N PRO B 45 6.00 13.89 -19.96
CA PRO B 45 6.43 13.46 -21.30
C PRO B 45 6.90 12.00 -21.33
N GLY B 46 6.60 11.30 -22.42
CA GLY B 46 7.11 9.94 -22.70
C GLY B 46 6.90 9.02 -21.52
N LYS B 47 7.94 8.29 -21.12
CA LYS B 47 7.88 7.30 -20.02
C LYS B 47 8.43 7.91 -18.72
N ALA B 48 8.36 9.24 -18.57
CA ALA B 48 8.85 9.93 -17.36
C ALA B 48 8.19 9.37 -16.09
N PHE B 49 6.92 8.96 -16.13
CA PHE B 49 6.16 8.53 -14.92
C PHE B 49 6.82 7.31 -14.27
N MET B 50 7.54 6.50 -15.06
CA MET B 50 8.22 5.27 -14.61
C MET B 50 9.55 5.60 -13.91
N HIS B 51 9.99 6.86 -13.95
CA HIS B 51 11.35 7.28 -13.51
C HIS B 51 11.27 8.40 -12.49
N GLY B 52 12.41 8.76 -11.88
CA GLY B 52 12.45 9.77 -10.80
C GLY B 52 11.66 9.31 -9.59
N THR B 53 11.65 7.99 -9.37
CA THR B 53 10.80 7.30 -8.37
C THR B 53 11.58 7.08 -7.07
N ASP B 54 10.86 7.15 -5.95
CA ASP B 54 11.34 6.74 -4.61
C ASP B 54 10.53 5.53 -4.16
N ILE B 55 10.82 5.05 -2.96
CA ILE B 55 10.17 3.88 -2.33
C ILE B 55 9.16 4.39 -1.30
N GLY B 56 7.89 4.01 -1.48
CA GLY B 56 6.81 4.32 -0.53
C GLY B 56 6.72 3.28 0.57
N ILE B 57 6.12 3.66 1.70
CA ILE B 57 5.94 2.80 2.90
C ILE B 57 4.45 2.73 3.22
N ALA B 58 3.87 1.52 3.21
CA ALA B 58 2.52 1.23 3.74
C ALA B 58 2.69 0.35 4.97
N GLU B 59 2.06 0.71 6.09
CA GLU B 59 2.19 0.02 7.39
C GLU B 59 0.84 -0.52 7.83
N SER B 60 0.84 -1.75 8.36
CA SER B 60 -0.32 -2.31 9.11
C SER B 60 0.14 -2.68 10.52
N LYS B 61 -0.63 -2.23 11.52
CA LYS B 61 -0.41 -2.52 12.96
C LYS B 61 -1.47 -3.51 13.48
N ASP B 62 -2.40 -3.95 12.63
CA ASP B 62 -3.55 -4.80 13.07
C ASP B 62 -3.57 -6.11 12.26
N GLY B 63 -2.40 -6.59 11.84
CA GLY B 63 -2.24 -7.89 11.17
C GLY B 63 -2.75 -7.90 9.75
N GLY B 64 -2.75 -6.75 9.06
CA GLY B 64 -3.08 -6.64 7.63
C GLY B 64 -4.52 -6.20 7.37
N ARG B 65 -5.31 -5.96 8.42
CA ARG B 65 -6.73 -5.52 8.27
C ARG B 65 -6.77 -4.10 7.69
N THR B 66 -5.92 -3.20 8.18
CA THR B 66 -5.87 -1.79 7.74
C THR B 66 -4.42 -1.38 7.43
N TRP B 67 -4.26 -0.55 6.41
CA TRP B 67 -2.96 -0.10 5.89
C TRP B 67 -2.95 1.43 5.85
N PHE B 68 -1.82 2.02 6.21
CA PHE B 68 -1.63 3.49 6.26
C PHE B 68 -0.27 3.83 5.65
N TYR B 69 -0.28 4.80 4.74
CA TYR B 69 0.96 5.41 4.20
C TYR B 69 1.75 6.05 5.34
N ARG B 70 3.06 5.80 5.39
CA ARG B 70 3.96 6.39 6.43
C ARG B 70 4.91 7.43 5.81
N GLY B 71 5.23 7.31 4.52
CA GLY B 71 6.20 8.20 3.86
C GLY B 71 7.07 7.47 2.87
N THR B 72 8.27 7.99 2.65
CA THR B 72 9.20 7.50 1.61
C THR B 72 10.54 7.13 2.21
N ILE B 73 11.23 6.23 1.51
CA ILE B 73 12.70 6.04 1.57
C ILE B 73 13.27 6.72 0.32
N GLU B 74 13.98 7.82 0.52
CA GLU B 74 14.58 8.65 -0.55
C GLU B 74 16.09 8.39 -0.54
N LEU B 75 16.52 7.43 -1.35
CA LEU B 75 17.93 6.99 -1.41
C LEU B 75 18.71 7.99 -2.25
N GLN B 76 20.02 8.05 -2.04
CA GLN B 76 20.94 8.84 -2.89
C GLN B 76 22.04 7.91 -3.40
N TYR B 77 22.35 8.03 -4.68
CA TYR B 77 23.54 7.42 -5.32
C TYR B 77 24.11 8.46 -6.28
N GLY B 78 25.24 9.07 -5.87
CA GLY B 78 25.82 10.23 -6.57
C GLY B 78 24.89 11.43 -6.53
N ARG B 79 25.10 12.36 -7.46
CA ARG B 79 24.37 13.65 -7.48
C ARG B 79 23.08 13.50 -8.31
N GLY B 80 22.12 14.38 -8.04
CA GLY B 80 20.97 14.64 -8.91
C GLY B 80 19.74 13.85 -8.51
N ARG B 81 18.67 14.03 -9.27
CA ARG B 81 17.40 13.29 -9.15
C ARG B 81 17.54 12.00 -9.96
N ASN B 82 17.54 10.86 -9.30
CA ASN B 82 17.72 9.54 -9.95
C ASN B 82 16.45 8.71 -9.78
N THR B 83 16.51 7.44 -10.18
CA THR B 83 15.35 6.52 -10.20
C THR B 83 15.67 5.30 -9.34
N PHE B 84 14.81 4.99 -8.36
CA PHE B 84 14.93 3.79 -7.49
C PHE B 84 13.71 2.89 -7.72
N TRP B 85 13.97 1.61 -7.96
CA TRP B 85 12.96 0.60 -8.36
C TRP B 85 13.05 -0.66 -7.50
N ALA B 86 11.89 -1.22 -7.16
CA ALA B 86 11.68 -2.66 -6.88
C ALA B 86 12.70 -3.15 -5.85
N PRO B 87 12.72 -2.60 -4.63
CA PRO B 87 13.66 -3.07 -3.61
C PRO B 87 13.34 -4.51 -3.20
N GLU B 88 14.39 -5.30 -3.01
CA GLU B 88 14.39 -6.52 -2.16
C GLU B 88 14.86 -6.07 -0.77
N VAL B 89 14.20 -6.50 0.29
CA VAL B 89 14.66 -6.23 1.67
C VAL B 89 14.55 -7.54 2.47
N ILE B 90 15.67 -7.95 3.06
CA ILE B 90 15.71 -9.10 4.02
C ILE B 90 16.28 -8.60 5.33
N PHE B 91 15.83 -9.21 6.43
CA PHE B 91 16.40 -9.01 7.79
C PHE B 91 17.38 -10.14 8.05
N TYR B 92 18.62 -9.79 8.42
CA TYR B 92 19.70 -10.77 8.71
C TYR B 92 20.72 -10.14 9.67
N GLU B 93 21.05 -10.86 10.74
CA GLU B 93 22.10 -10.46 11.71
C GLU B 93 21.88 -8.99 12.12
N GLY B 94 20.67 -8.69 12.61
CA GLY B 94 20.32 -7.43 13.30
C GLY B 94 20.14 -6.26 12.36
N GLU B 95 20.20 -6.46 11.03
CA GLU B 95 20.12 -5.35 10.04
C GLU B 95 19.18 -5.73 8.90
N TYR B 96 18.58 -4.71 8.28
CA TYR B 96 17.80 -4.82 7.02
C TYR B 96 18.78 -4.58 5.87
N HIS B 97 18.75 -5.47 4.89
CA HIS B 97 19.63 -5.48 3.69
C HIS B 97 18.75 -5.24 2.46
N MET B 98 18.98 -4.13 1.76
CA MET B 98 18.18 -3.74 0.58
C MET B 98 19.02 -3.88 -0.68
N TYR B 99 18.48 -4.57 -1.69
CA TYR B 99 19.01 -4.64 -3.07
C TYR B 99 18.01 -3.93 -3.96
N VAL B 100 18.32 -2.68 -4.32
CA VAL B 100 17.40 -1.76 -5.02
C VAL B 100 17.96 -1.56 -6.43
N SER B 101 17.06 -1.42 -7.40
CA SER B 101 17.42 -1.17 -8.81
C SER B 101 17.52 0.34 -9.01
N PHE B 102 18.59 0.77 -9.67
CA PHE B 102 18.92 2.19 -9.88
C PHE B 102 18.95 2.48 -11.39
N VAL B 103 18.25 3.52 -11.79
CA VAL B 103 18.36 4.10 -13.17
C VAL B 103 18.87 5.53 -13.00
N PRO B 104 19.98 5.91 -13.68
CA PRO B 104 20.49 7.27 -13.59
C PRO B 104 19.50 8.28 -14.15
N GLY B 105 19.36 9.41 -13.45
CA GLY B 105 18.51 10.53 -13.84
C GLY B 105 17.04 10.15 -13.87
N VAL B 106 16.29 10.80 -14.76
CA VAL B 106 14.83 10.57 -14.96
C VAL B 106 14.62 10.38 -16.46
N PRO B 107 14.94 9.19 -17.01
CA PRO B 107 14.70 8.92 -18.41
C PRO B 107 13.22 9.08 -18.82
N GLN B 108 13.00 9.25 -20.12
CA GLN B 108 11.65 9.36 -20.73
C GLN B 108 11.47 8.21 -21.73
N ASP B 109 12.42 7.29 -21.76
CA ASP B 109 12.39 6.05 -22.59
C ASP B 109 13.21 4.99 -21.85
N TRP B 110 13.46 3.84 -22.49
CA TRP B 110 14.22 2.73 -21.86
C TRP B 110 15.73 2.85 -22.13
N ASN B 111 16.21 3.98 -22.67
CA ASN B 111 17.61 4.12 -23.16
C ASN B 111 18.51 4.59 -22.02
N ALA B 112 18.67 3.77 -20.98
CA ALA B 112 19.53 4.08 -19.82
C ALA B 112 20.04 2.78 -19.20
N GLU B 113 21.14 2.90 -18.45
CA GLU B 113 21.69 1.78 -17.66
C GLU B 113 20.73 1.46 -16.51
N ARG B 114 20.90 0.28 -15.93
CA ARG B 114 20.25 -0.11 -14.64
C ARG B 114 21.28 -0.88 -13.82
N TYR B 115 21.44 -0.51 -12.55
CA TYR B 115 22.33 -1.21 -11.59
C TYR B 115 21.49 -1.73 -10.45
N ILE B 116 22.01 -2.73 -9.75
CA ILE B 116 21.49 -3.15 -8.42
C ILE B 116 22.47 -2.62 -7.37
N LEU B 117 21.94 -1.89 -6.39
CA LEU B 117 22.71 -1.25 -5.30
C LEU B 117 22.33 -1.91 -3.98
N TYR B 118 23.32 -2.04 -3.09
CA TYR B 118 23.17 -2.60 -1.72
C TYR B 118 23.22 -1.45 -0.72
N TYR B 119 22.13 -1.28 0.03
CA TYR B 119 22.02 -0.36 1.19
C TYR B 119 21.65 -1.19 2.42
N LYS B 120 22.04 -0.74 3.62
CA LYS B 120 21.66 -1.43 4.87
C LYS B 120 21.03 -0.42 5.83
N SER B 121 20.22 -0.92 6.75
CA SER B 121 19.46 -0.11 7.73
C SER B 121 19.34 -0.88 9.05
N LYS B 122 19.39 -0.16 10.16
CA LYS B 122 19.07 -0.71 11.50
C LYS B 122 17.57 -0.59 11.78
N ASN B 123 16.84 0.27 11.06
CA ASN B 123 15.49 0.72 11.51
C ASN B 123 14.48 0.89 10.36
N LEU B 124 14.83 0.54 9.12
CA LEU B 124 13.98 0.62 7.89
C LEU B 124 13.75 2.07 7.44
N TRP B 125 13.91 3.08 8.31
CA TRP B 125 13.77 4.51 7.91
C TRP B 125 15.05 5.00 7.22
N ASP B 126 16.20 4.71 7.84
CA ASP B 126 17.51 5.37 7.55
C ASP B 126 18.43 4.33 6.92
N TRP B 127 18.96 4.64 5.73
CA TRP B 127 19.72 3.68 4.88
C TRP B 127 21.12 4.23 4.63
N GLU B 128 22.10 3.33 4.69
CA GLU B 128 23.53 3.60 4.40
C GLU B 128 23.89 2.85 3.13
N PHE B 129 24.44 3.55 2.14
CA PHE B 129 24.96 2.94 0.90
C PHE B 129 26.15 2.04 1.26
N VAL B 130 26.16 0.81 0.74
CA VAL B 130 27.30 -0.14 0.91
C VAL B 130 28.08 -0.19 -0.40
N CYS B 131 27.46 -0.67 -1.49
CA CYS B 131 28.15 -0.84 -2.78
C CYS B 131 27.17 -1.03 -3.93
N LYS B 132 27.66 -0.78 -5.14
CA LYS B 132 27.03 -1.19 -6.43
C LYS B 132 27.48 -2.63 -6.71
N LEU B 133 26.53 -3.53 -6.97
CA LEU B 133 26.85 -4.93 -7.34
C LEU B 133 27.44 -4.93 -8.76
N GLU B 134 28.43 -5.80 -9.01
CA GLU B 134 28.99 -6.03 -10.36
C GLU B 134 28.39 -7.34 -10.89
N LEU B 135 27.29 -7.23 -11.64
CA LEU B 135 26.56 -8.39 -12.18
C LEU B 135 26.83 -8.50 -13.68
N SER B 136 26.03 -9.27 -14.41
CA SER B 136 26.31 -9.77 -15.78
C SER B 136 26.27 -8.64 -16.81
N SER B 137 25.67 -7.48 -16.49
CA SER B 137 25.58 -6.33 -17.43
C SER B 137 25.31 -5.02 -16.67
N ASN B 138 25.28 -3.92 -17.41
CA ASN B 138 24.93 -2.56 -16.96
C ASN B 138 23.42 -2.30 -17.16
N LYS B 139 22.61 -3.35 -17.33
CA LYS B 139 21.13 -3.26 -17.41
C LYS B 139 20.51 -4.39 -16.60
N VAL B 140 20.64 -4.32 -15.27
CA VAL B 140 20.16 -5.38 -14.33
C VAL B 140 19.18 -4.76 -13.34
N ILE B 141 18.04 -5.42 -13.12
CA ILE B 141 16.97 -4.93 -12.20
C ILE B 141 16.30 -6.09 -11.48
N ASP B 142 15.50 -5.75 -10.47
CA ASP B 142 14.46 -6.62 -9.86
C ASP B 142 15.14 -7.76 -9.08
N ALA B 143 16.03 -7.42 -8.15
CA ALA B 143 16.72 -8.41 -7.29
C ALA B 143 15.70 -9.12 -6.40
N CYS B 144 15.89 -10.42 -6.19
CA CYS B 144 15.35 -11.15 -5.02
C CYS B 144 16.47 -12.03 -4.45
N VAL B 145 16.43 -12.27 -3.14
CA VAL B 145 17.49 -13.02 -2.43
C VAL B 145 16.83 -14.16 -1.65
N PHE B 146 17.53 -15.29 -1.55
CA PHE B 146 17.12 -16.43 -0.70
C PHE B 146 18.38 -17.09 -0.14
N GLN B 147 18.38 -17.39 1.16
CA GLN B 147 19.53 -18.07 1.82
C GLN B 147 19.40 -19.57 1.55
N MET B 148 20.47 -20.17 1.01
CA MET B 148 20.55 -21.63 0.70
C MET B 148 20.92 -22.38 1.97
N PRO B 149 20.68 -23.71 2.04
CA PRO B 149 20.94 -24.48 3.26
C PRO B 149 22.37 -24.40 3.81
N ASP B 150 23.37 -24.20 2.95
CA ASP B 150 24.81 -24.12 3.35
C ASP B 150 25.13 -22.73 3.93
N GLY B 151 24.17 -21.80 3.92
CA GLY B 151 24.30 -20.46 4.53
C GLY B 151 24.63 -19.39 3.50
N THR B 152 25.05 -19.79 2.29
CA THR B 152 25.26 -18.88 1.13
C THR B 152 23.93 -18.23 0.75
N PHE B 153 23.97 -17.00 0.27
CA PHE B 153 22.79 -16.29 -0.31
C PHE B 153 22.84 -16.42 -1.82
N ARG B 154 21.68 -16.70 -2.42
CA ARG B 154 21.50 -16.67 -3.89
C ARG B 154 20.64 -15.46 -4.23
N MET B 155 21.01 -14.73 -5.28
CA MET B 155 20.22 -13.59 -5.81
C MET B 155 19.76 -13.96 -7.22
N TRP B 156 18.52 -13.62 -7.56
CA TRP B 156 18.03 -13.65 -8.96
C TRP B 156 17.69 -12.22 -9.38
N TYR B 157 17.86 -11.94 -10.66
CA TYR B 157 17.64 -10.59 -11.24
C TYR B 157 17.39 -10.74 -12.73
N LYS B 158 16.84 -9.68 -13.32
CA LYS B 158 16.56 -9.60 -14.77
C LYS B 158 17.75 -8.93 -15.45
N ASP B 159 18.32 -9.58 -16.47
CA ASP B 159 19.41 -9.00 -17.29
C ASP B 159 18.81 -8.56 -18.63
N GLU B 160 18.52 -7.26 -18.77
CA GLU B 160 17.90 -6.71 -19.98
C GLU B 160 18.91 -6.71 -21.13
N ALA B 161 20.22 -6.76 -20.85
CA ALA B 161 21.27 -6.84 -21.88
C ALA B 161 21.29 -8.24 -22.52
N ASP B 162 20.76 -9.26 -21.83
CA ASP B 162 20.64 -10.64 -22.37
C ASP B 162 19.17 -11.07 -22.38
N HIS B 163 18.38 -10.49 -23.29
CA HIS B 163 17.01 -10.94 -23.66
C HIS B 163 16.04 -10.86 -22.48
N SER B 164 16.33 -10.05 -21.47
CA SER B 164 15.52 -9.94 -20.22
C SER B 164 15.34 -11.34 -19.61
N TYR B 165 16.41 -12.14 -19.62
CA TYR B 165 16.45 -13.46 -18.95
C TYR B 165 16.72 -13.25 -17.46
N ILE B 166 16.21 -14.18 -16.65
CA ILE B 166 16.52 -14.24 -15.19
C ILE B 166 17.91 -14.89 -15.03
N TYR B 167 18.81 -14.17 -14.37
CA TYR B 167 20.17 -14.62 -14.00
C TYR B 167 20.21 -14.89 -12.50
N ALA B 168 21.21 -15.66 -12.06
CA ALA B 168 21.49 -15.94 -10.63
C ALA B 168 22.91 -15.47 -10.28
N ALA B 169 23.11 -15.10 -9.02
CA ALA B 169 24.41 -14.75 -8.42
C ALA B 169 24.41 -15.29 -6.99
N GLU B 170 25.57 -15.36 -6.34
CA GLU B 170 25.67 -15.88 -4.96
C GLU B 170 26.64 -15.04 -4.14
N SER B 171 26.47 -15.06 -2.83
CA SER B 171 27.28 -14.28 -1.85
C SER B 171 27.33 -15.01 -0.51
N ASN B 172 28.50 -14.98 0.13
CA ASN B 172 28.73 -15.51 1.50
C ASN B 172 28.60 -14.39 2.54
N ASN B 173 28.62 -13.13 2.13
CA ASN B 173 28.71 -11.97 3.06
C ASN B 173 27.68 -10.87 2.76
N LEU B 174 26.80 -11.07 1.77
CA LEU B 174 25.69 -10.13 1.38
C LEU B 174 26.23 -8.88 0.68
N LYS B 175 27.56 -8.70 0.61
CA LYS B 175 28.18 -7.50 0.00
C LYS B 175 28.80 -7.86 -1.35
N ASP B 176 29.60 -8.94 -1.41
CA ASP B 176 30.34 -9.38 -2.62
C ASP B 176 29.54 -10.49 -3.31
N TRP B 177 29.21 -10.30 -4.59
CA TRP B 177 28.34 -11.24 -5.36
C TRP B 177 29.11 -11.77 -6.57
N LYS B 178 29.12 -13.10 -6.73
CA LYS B 178 29.68 -13.82 -7.89
C LYS B 178 28.53 -14.21 -8.83
N ILE B 179 28.66 -13.90 -10.12
CA ILE B 179 27.65 -14.24 -11.17
C ILE B 179 27.68 -15.76 -11.37
N LEU B 180 26.52 -16.42 -11.31
CA LEU B 180 26.37 -17.86 -11.61
C LEU B 180 26.01 -18.04 -13.09
N GLY B 181 25.15 -17.18 -13.62
CA GLY B 181 24.78 -17.15 -15.05
C GLY B 181 23.27 -17.22 -15.24
N PRO B 182 22.79 -17.42 -16.50
CA PRO B 182 21.37 -17.47 -16.79
C PRO B 182 20.70 -18.63 -16.02
N ALA B 183 19.57 -18.33 -15.36
CA ALA B 183 18.75 -19.30 -14.60
C ALA B 183 17.57 -19.75 -15.46
N LEU B 184 16.88 -18.81 -16.12
CA LEU B 184 15.71 -19.09 -17.01
C LEU B 184 15.93 -18.38 -18.35
N THR B 185 15.83 -19.13 -19.46
CA THR B 185 16.08 -18.62 -20.83
C THR B 185 14.89 -18.96 -21.74
N ASP B 186 13.71 -19.23 -21.15
CA ASP B 186 12.50 -19.68 -21.88
C ASP B 186 11.73 -18.49 -22.44
N ARG B 187 11.72 -17.36 -21.73
CA ARG B 187 10.95 -16.15 -22.13
C ARG B 187 11.53 -14.93 -21.41
N PRO B 188 11.36 -13.71 -21.97
CA PRO B 188 11.71 -12.49 -21.25
C PRO B 188 10.72 -12.33 -20.10
N GLN B 189 11.20 -11.93 -18.93
CA GLN B 189 10.35 -11.75 -17.72
C GLN B 189 11.14 -10.98 -16.66
N GLU B 190 10.44 -10.48 -15.64
CA GLU B 190 11.09 -9.65 -14.59
C GLU B 190 10.51 -10.04 -13.23
N GLY B 191 10.89 -9.31 -12.20
CA GLY B 191 10.38 -9.47 -10.82
C GLY B 191 10.49 -10.91 -10.32
N PRO B 192 11.67 -11.58 -10.45
CA PRO B 192 11.82 -12.92 -9.91
C PRO B 192 11.61 -12.89 -8.39
N ASN B 193 11.00 -13.93 -7.85
CA ASN B 193 10.74 -14.04 -6.39
C ASN B 193 10.82 -15.50 -5.99
N VAL B 194 11.85 -15.86 -5.20
CA VAL B 194 12.13 -17.27 -4.82
C VAL B 194 11.72 -17.47 -3.36
N PHE B 195 11.04 -18.58 -3.09
CA PHE B 195 10.64 -18.99 -1.72
C PHE B 195 10.66 -20.52 -1.63
N TRP B 196 10.69 -21.03 -0.40
CA TRP B 196 10.63 -22.47 -0.09
C TRP B 196 9.24 -22.78 0.48
N TRP B 197 8.56 -23.79 -0.07
CA TRP B 197 7.19 -24.17 0.34
C TRP B 197 6.91 -25.58 -0.18
N LYS B 198 6.19 -26.40 0.59
CA LYS B 198 5.77 -27.75 0.17
C LYS B 198 6.99 -28.54 -0.32
N SER B 199 8.09 -28.45 0.42
CA SER B 199 9.33 -29.29 0.26
C SER B 199 10.03 -29.01 -1.08
N LYS B 200 9.83 -27.82 -1.67
CA LYS B 200 10.47 -27.42 -2.95
C LYS B 200 10.78 -25.92 -2.94
N TYR B 201 11.72 -25.50 -3.79
CA TYR B 201 11.92 -24.08 -4.16
C TYR B 201 10.88 -23.71 -5.23
N TRP B 202 10.37 -22.49 -5.14
CA TRP B 202 9.45 -21.89 -6.13
C TRP B 202 10.06 -20.58 -6.61
N MET B 203 9.91 -20.27 -7.89
CA MET B 203 10.15 -18.91 -8.41
C MET B 203 8.87 -18.40 -9.07
N ILE B 204 8.44 -17.22 -8.65
CA ILE B 204 7.42 -16.40 -9.34
C ILE B 204 8.16 -15.40 -10.22
N THR B 205 7.71 -15.25 -11.46
CA THR B 205 8.25 -14.23 -12.41
C THR B 205 7.09 -13.40 -12.94
N ASP B 206 7.41 -12.34 -13.68
CA ASP B 206 6.38 -11.52 -14.38
C ASP B 206 6.75 -11.47 -15.86
N PRO B 207 6.25 -12.43 -16.66
CA PRO B 207 6.37 -12.38 -18.12
C PRO B 207 5.28 -11.54 -18.82
N TRP B 208 4.53 -10.75 -18.05
CA TRP B 208 3.58 -9.72 -18.54
C TRP B 208 2.35 -10.36 -19.21
N CYS B 209 1.97 -11.56 -18.78
CA CYS B 209 0.68 -12.20 -19.14
C CYS B 209 0.21 -12.99 -17.91
N GLY B 210 0.13 -12.30 -16.78
CA GLY B 210 0.09 -12.93 -15.45
C GLY B 210 1.47 -13.35 -15.03
N LEU B 211 1.59 -14.02 -13.88
CA LEU B 211 2.88 -14.35 -13.26
C LEU B 211 3.29 -15.78 -13.62
N GLY B 212 4.57 -15.97 -13.94
CA GLY B 212 5.18 -17.28 -14.18
C GLY B 212 5.41 -18.01 -12.87
N VAL B 213 5.31 -19.34 -12.89
CA VAL B 213 5.53 -20.21 -11.70
C VAL B 213 6.49 -21.32 -12.12
N TYR B 214 7.59 -21.47 -11.37
CA TYR B 214 8.58 -22.57 -11.53
C TYR B 214 8.83 -23.22 -10.18
N SER B 215 9.15 -24.52 -10.18
CA SER B 215 9.62 -25.26 -8.98
C SER B 215 11.00 -25.86 -9.25
N SER B 216 11.72 -26.17 -8.18
CA SER B 216 13.11 -26.71 -8.23
C SER B 216 13.41 -27.47 -6.94
N GLU B 217 14.19 -28.55 -7.04
CA GLU B 217 14.70 -29.31 -5.87
C GLU B 217 15.95 -28.61 -5.31
N ASP B 218 16.66 -27.83 -6.13
CA ASP B 218 18.02 -27.31 -5.81
C ASP B 218 18.17 -25.82 -6.10
N ALA B 219 17.10 -25.13 -6.52
CA ALA B 219 17.09 -23.69 -6.88
C ALA B 219 18.06 -23.42 -8.04
N THR B 220 18.29 -24.41 -8.90
CA THR B 220 19.20 -24.32 -10.08
C THR B 220 18.47 -24.84 -11.32
N ALA B 221 17.99 -26.09 -11.27
CA ALA B 221 17.20 -26.74 -12.34
C ALA B 221 15.71 -26.45 -12.09
N TRP B 222 15.12 -25.57 -12.90
CA TRP B 222 13.71 -25.09 -12.73
C TRP B 222 12.78 -25.85 -13.68
N HIS B 223 11.56 -26.14 -13.19
CA HIS B 223 10.47 -26.81 -13.92
C HIS B 223 9.28 -25.83 -13.99
N ARG B 224 8.83 -25.51 -15.20
CA ARG B 224 7.80 -24.48 -15.44
C ARG B 224 6.42 -25.09 -15.20
N HIS B 225 5.56 -24.34 -14.50
CA HIS B 225 4.14 -24.66 -14.23
C HIS B 225 3.28 -23.62 -14.95
N GLU B 226 1.96 -23.67 -14.73
CA GLU B 226 1.00 -22.72 -15.35
C GLU B 226 1.17 -21.36 -14.70
N ASN B 227 1.01 -20.29 -15.47
CA ASN B 227 0.94 -18.90 -14.98
C ASN B 227 -0.19 -18.78 -13.96
N ILE B 228 -0.08 -17.81 -13.04
CA ILE B 228 -1.16 -17.45 -12.07
C ILE B 228 -1.51 -15.97 -12.29
N LEU B 229 -2.70 -15.57 -11.85
CA LEU B 229 -3.19 -14.16 -11.90
C LEU B 229 -3.14 -13.67 -13.35
N ASP B 230 -3.48 -14.55 -14.29
CA ASP B 230 -3.46 -14.27 -15.76
C ASP B 230 -4.88 -13.98 -16.25
N ARG B 231 -5.89 -14.22 -15.42
CA ARG B 231 -7.32 -14.00 -15.75
C ARG B 231 -7.90 -12.97 -14.78
N PRO B 232 -8.75 -12.04 -15.28
CA PRO B 232 -9.32 -10.98 -14.45
C PRO B 232 -10.01 -11.50 -13.19
N GLY B 233 -9.79 -10.83 -12.06
CA GLY B 233 -10.51 -11.08 -10.79
C GLY B 233 -11.76 -10.23 -10.71
N LYS B 234 -12.65 -10.55 -9.76
CA LYS B 234 -13.93 -9.86 -9.54
C LYS B 234 -13.78 -8.76 -8.48
N ARG B 235 -12.69 -8.78 -7.70
CA ARG B 235 -12.49 -7.83 -6.58
C ARG B 235 -12.12 -6.45 -7.13
N GLU B 236 -12.38 -5.40 -6.34
CA GLU B 236 -12.08 -4.00 -6.70
C GLU B 236 -10.61 -3.89 -7.11
N ASP B 237 -10.37 -3.33 -8.30
CA ASP B 237 -9.02 -3.07 -8.88
C ASP B 237 -8.27 -4.38 -9.18
N ASP B 238 -8.95 -5.54 -9.17
CA ASP B 238 -8.29 -6.85 -9.36
C ASP B 238 -8.69 -7.47 -10.72
N GLY B 239 -9.28 -6.67 -11.63
CA GLY B 239 -9.84 -7.15 -12.90
C GLY B 239 -8.83 -7.16 -14.03
N GLN B 240 -7.53 -7.27 -13.72
CA GLN B 240 -6.44 -7.25 -14.72
C GLN B 240 -5.35 -8.23 -14.28
N ILE B 241 -4.39 -8.50 -15.15
CA ILE B 241 -3.25 -9.43 -14.85
C ILE B 241 -2.50 -8.90 -13.63
N GLY B 242 -2.01 -9.81 -12.78
CA GLY B 242 -1.14 -9.47 -11.65
C GLY B 242 0.29 -9.21 -12.12
N HIS B 243 1.00 -8.33 -11.42
CA HIS B 243 2.40 -7.97 -11.79
C HIS B 243 3.33 -7.99 -10.58
N HIS B 244 4.63 -8.10 -10.87
CA HIS B 244 5.81 -8.08 -9.94
C HIS B 244 5.41 -8.41 -8.50
N ALA B 245 5.36 -9.70 -8.18
CA ALA B 245 4.85 -10.13 -6.86
C ALA B 245 5.95 -10.39 -5.83
N ASP B 246 5.51 -10.48 -4.57
CA ASP B 246 6.36 -10.86 -3.42
C ASP B 246 5.56 -11.91 -2.65
N VAL B 247 6.19 -13.04 -2.35
CA VAL B 247 5.51 -14.15 -1.62
C VAL B 247 5.95 -14.10 -0.16
N LEU B 248 4.99 -14.12 0.74
CA LEU B 248 5.23 -14.25 2.20
C LEU B 248 4.72 -15.62 2.64
N VAL B 249 5.65 -16.50 3.03
CA VAL B 249 5.32 -17.82 3.65
C VAL B 249 5.12 -17.58 5.15
N ILE B 250 3.89 -17.80 5.64
CA ILE B 250 3.54 -17.72 7.09
C ILE B 250 3.92 -19.05 7.75
N ASP B 251 3.50 -20.16 7.15
CA ASP B 251 3.78 -21.53 7.69
C ASP B 251 3.64 -22.55 6.55
N ASP B 252 3.69 -23.84 6.86
CA ASP B 252 3.68 -24.94 5.84
C ASP B 252 2.37 -24.91 5.04
N GLU B 253 1.28 -24.34 5.58
CA GLU B 253 -0.07 -24.36 4.96
C GLU B 253 -0.42 -23.00 4.34
N THR B 254 0.20 -21.91 4.79
CA THR B 254 -0.27 -20.51 4.53
C THR B 254 0.84 -19.71 3.85
N ALA B 255 0.59 -19.29 2.60
CA ALA B 255 1.48 -18.37 1.85
C ALA B 255 0.61 -17.34 1.12
N TYR B 256 0.98 -16.07 1.24
CA TYR B 256 0.29 -14.93 0.59
C TYR B 256 1.16 -14.42 -0.55
N ILE B 257 0.52 -13.98 -1.63
CA ILE B 257 1.23 -13.34 -2.77
C ILE B 257 0.75 -11.88 -2.86
N PHE B 258 1.70 -10.96 -2.71
CA PHE B 258 1.51 -9.50 -2.88
C PHE B 258 1.90 -9.15 -4.30
N TYR B 259 1.08 -8.35 -4.97
CA TYR B 259 1.29 -8.01 -6.40
C TYR B 259 0.64 -6.66 -6.68
N PHE B 260 0.73 -6.20 -7.92
CA PHE B 260 0.04 -4.95 -8.33
C PHE B 260 -0.69 -5.18 -9.65
N THR B 261 -1.68 -4.31 -9.89
CA THR B 261 -2.48 -4.27 -11.14
C THR B 261 -2.52 -2.83 -11.66
N HIS B 262 -2.81 -2.70 -12.95
CA HIS B 262 -3.27 -1.46 -13.62
C HIS B 262 -4.78 -1.54 -13.75
N PRO B 263 -5.56 -1.07 -12.74
CA PRO B 263 -7.01 -1.30 -12.74
C PRO B 263 -7.75 -0.69 -13.94
N GLU B 264 -7.19 0.34 -14.60
CA GLU B 264 -7.81 0.98 -15.78
C GLU B 264 -7.59 0.11 -17.02
N GLY B 265 -6.70 -0.88 -16.96
CA GLY B 265 -6.46 -1.85 -18.04
C GLY B 265 -5.77 -1.20 -19.24
N MET B 266 -6.05 -1.73 -20.45
CA MET B 266 -5.49 -1.26 -21.74
C MET B 266 -3.96 -1.38 -21.74
N GLU B 267 -3.40 -2.31 -20.98
CA GLU B 267 -1.92 -2.45 -20.88
C GLU B 267 -1.35 -2.78 -22.26
N GLY B 268 -0.20 -2.18 -22.58
CA GLY B 268 0.56 -2.41 -23.82
C GLY B 268 0.00 -1.65 -25.01
N THR B 269 -1.17 -1.01 -24.88
CA THR B 269 -1.84 -0.32 -26.01
C THR B 269 -1.21 1.04 -26.23
N GLU B 270 -1.40 1.60 -27.43
CA GLU B 270 -1.02 3.00 -27.75
C GLU B 270 -1.65 3.93 -26.71
N GLU B 271 -2.93 3.72 -26.38
CA GLU B 271 -3.71 4.58 -25.46
C GLU B 271 -3.05 4.59 -24.08
N PHE B 272 -2.58 3.43 -23.61
CA PHE B 272 -1.95 3.28 -22.28
C PHE B 272 -0.84 4.32 -22.11
N TRP B 273 0.07 4.39 -23.07
CA TRP B 273 1.30 5.22 -22.98
C TRP B 273 0.97 6.70 -23.23
N LYS B 274 -0.11 6.99 -23.96
CA LYS B 274 -0.49 8.37 -24.38
C LYS B 274 -1.33 9.06 -23.31
N ASP B 275 -2.10 8.31 -22.51
CA ASP B 275 -3.12 8.88 -21.59
C ASP B 275 -2.77 8.51 -20.14
N SER B 276 -2.44 9.51 -19.31
CA SER B 276 -1.94 9.33 -17.93
C SER B 276 -2.98 8.64 -17.04
N LYS B 277 -4.26 8.61 -17.42
CA LYS B 277 -5.30 7.92 -16.61
C LYS B 277 -4.95 6.44 -16.46
N TYR B 278 -4.20 5.85 -17.40
CA TYR B 278 -3.85 4.40 -17.38
C TYR B 278 -2.64 4.10 -16.50
N TRP B 279 -1.92 5.10 -15.98
CA TRP B 279 -0.59 4.87 -15.35
C TRP B 279 -0.72 4.39 -13.91
N ARG B 280 -1.82 4.72 -13.23
CA ARG B 280 -1.97 4.41 -11.78
C ARG B 280 -2.01 2.88 -11.59
N THR B 281 -1.54 2.44 -10.44
CA THR B 281 -1.45 1.00 -10.08
C THR B 281 -1.98 0.82 -8.66
N SER B 282 -2.47 -0.37 -8.37
CA SER B 282 -3.03 -0.76 -7.05
C SER B 282 -2.31 -2.01 -6.56
N LEU B 283 -1.91 -2.02 -5.28
CA LEU B 283 -1.40 -3.24 -4.62
C LEU B 283 -2.60 -4.14 -4.31
N GLN B 284 -2.35 -5.45 -4.37
CA GLN B 284 -3.34 -6.49 -4.04
C GLN B 284 -2.63 -7.59 -3.26
N VAL B 285 -3.40 -8.41 -2.55
CA VAL B 285 -2.89 -9.70 -2.00
C VAL B 285 -3.88 -10.80 -2.37
N ALA B 286 -3.37 -12.00 -2.56
CA ALA B 286 -4.14 -13.24 -2.78
C ALA B 286 -3.45 -14.36 -1.99
N LYS B 287 -4.10 -15.52 -1.91
CA LYS B 287 -3.60 -16.68 -1.13
C LYS B 287 -3.17 -17.76 -2.12
N LEU B 288 -1.94 -18.27 -1.97
CA LEU B 288 -1.45 -19.42 -2.77
C LEU B 288 -2.07 -20.68 -2.19
N GLU B 289 -2.41 -21.63 -3.06
CA GLU B 289 -2.81 -23.00 -2.66
C GLU B 289 -1.89 -23.98 -3.39
N TYR B 290 -1.85 -25.22 -2.90
CA TYR B 290 -1.03 -26.31 -3.47
C TYR B 290 -1.98 -27.47 -3.80
N VAL B 291 -2.18 -27.70 -5.10
CA VAL B 291 -3.14 -28.71 -5.65
C VAL B 291 -2.42 -29.55 -6.70
N ASP B 292 -2.42 -30.88 -6.54
CA ASP B 292 -1.83 -31.85 -7.49
C ASP B 292 -0.38 -31.45 -7.82
N GLY B 293 0.40 -31.08 -6.80
CA GLY B 293 1.84 -30.80 -6.92
C GLY B 293 2.12 -29.44 -7.54
N LYS B 294 1.11 -28.57 -7.64
CA LYS B 294 1.21 -27.27 -8.34
C LYS B 294 0.81 -26.13 -7.41
N VAL B 295 1.61 -25.06 -7.39
CA VAL B 295 1.21 -23.75 -6.78
C VAL B 295 0.19 -23.11 -7.72
N VAL B 296 -1.02 -22.87 -7.20
CA VAL B 296 -2.15 -22.22 -7.92
C VAL B 296 -2.62 -21.04 -7.07
N CYS B 297 -3.50 -20.21 -7.63
CA CYS B 297 -4.04 -19.02 -6.94
C CYS B 297 -5.40 -18.64 -7.54
N ASP B 298 -6.45 -18.73 -6.73
CA ASP B 298 -7.80 -18.20 -7.06
C ASP B 298 -7.95 -16.83 -6.39
N ARG B 299 -7.69 -15.77 -7.15
CA ARG B 299 -7.69 -14.37 -6.66
C ARG B 299 -9.10 -13.98 -6.18
N ASP B 300 -10.14 -14.69 -6.61
CA ASP B 300 -11.56 -14.40 -6.24
C ASP B 300 -11.94 -15.10 -4.94
N LYS B 301 -11.26 -16.17 -4.56
CA LYS B 301 -11.66 -17.05 -3.43
C LYS B 301 -11.40 -16.31 -2.12
N GLU B 302 -12.44 -16.17 -1.28
CA GLU B 302 -12.31 -15.49 0.05
C GLU B 302 -11.31 -16.30 0.88
N PHE B 303 -10.51 -15.61 1.69
CA PHE B 303 -9.59 -16.20 2.68
C PHE B 303 -9.44 -15.20 3.83
N ASP B 304 -9.02 -15.70 5.00
CA ASP B 304 -8.66 -14.85 6.15
C ASP B 304 -7.22 -14.39 5.93
N PHE B 305 -7.03 -13.08 5.78
CA PHE B 305 -5.70 -12.44 5.63
C PHE B 305 -5.22 -12.02 7.02
N TYR B 306 -4.23 -12.73 7.55
CA TYR B 306 -3.66 -12.44 8.89
C TYR B 306 -2.13 -12.46 8.83
N LEU B 307 -1.52 -11.33 9.20
CA LEU B 307 -0.05 -11.19 9.33
C LEU B 307 0.29 -11.22 10.82
N PRO B 308 0.93 -12.31 11.31
CA PRO B 308 1.20 -12.42 12.74
C PRO B 308 2.37 -11.52 13.17
N ASP B 309 2.38 -11.08 14.43
CA ASP B 309 3.58 -10.45 15.04
C ASP B 309 4.67 -11.51 15.13
N LEU B 310 5.91 -11.13 14.80
CA LEU B 310 7.10 -12.02 14.83
C LEU B 310 7.97 -11.69 16.05
N PHE B 311 8.56 -12.72 16.66
CA PHE B 311 9.35 -12.62 17.92
C PHE B 311 10.62 -13.46 17.78
N PRO C 2 8.19 -32.13 26.07
CA PRO C 2 7.73 -32.51 27.42
C PRO C 2 7.63 -31.31 28.39
N ARG C 3 7.05 -31.56 29.57
CA ARG C 3 7.02 -30.58 30.70
C ARG C 3 8.43 -30.10 30.97
N PRO C 4 8.61 -28.83 31.41
CA PRO C 4 9.93 -28.37 31.83
C PRO C 4 10.34 -29.14 33.09
N PRO C 5 11.64 -29.20 33.40
CA PRO C 5 12.09 -29.70 34.71
C PRO C 5 11.46 -28.81 35.80
N ALA C 6 11.13 -29.41 36.94
CA ALA C 6 10.66 -28.71 38.16
C ALA C 6 11.43 -29.26 39.36
N PRO C 7 12.25 -28.45 40.05
CA PRO C 7 12.52 -27.06 39.66
C PRO C 7 13.23 -26.99 38.31
N LEU C 8 13.20 -25.84 37.65
CA LEU C 8 13.94 -25.62 36.39
C LEU C 8 15.44 -25.80 36.68
N PHE C 9 15.92 -25.22 37.77
CA PHE C 9 17.36 -25.18 38.10
C PHE C 9 17.58 -24.72 39.53
N ARG C 10 18.51 -25.39 40.21
CA ARG C 10 19.10 -24.96 41.50
C ARG C 10 20.60 -24.77 41.30
N ASP C 11 21.14 -23.71 41.87
CA ASP C 11 22.58 -23.40 41.78
C ASP C 11 23.36 -24.42 42.59
N PRO C 12 24.42 -25.05 42.03
CA PRO C 12 25.17 -26.08 42.74
C PRO C 12 26.38 -25.61 43.57
N ILE C 13 26.50 -24.30 43.82
CA ILE C 13 27.58 -23.70 44.65
C ILE C 13 26.97 -23.27 45.99
N TYR C 14 25.99 -22.37 45.94
CA TYR C 14 25.35 -21.75 47.13
C TYR C 14 23.85 -22.06 47.20
N ASP C 15 23.24 -22.60 46.13
CA ASP C 15 21.79 -22.93 46.07
C ASP C 15 20.96 -21.66 46.27
N GLY C 16 21.39 -20.54 45.68
CA GLY C 16 20.75 -19.22 45.86
C GLY C 16 20.28 -18.60 44.55
N ALA C 17 19.90 -19.41 43.57
CA ALA C 17 19.51 -18.93 42.22
C ALA C 17 18.26 -18.05 42.33
N ALA C 18 18.32 -16.83 41.79
CA ALA C 18 17.22 -15.84 41.86
C ALA C 18 17.32 -14.83 40.71
N ASP C 19 16.26 -14.07 40.50
CA ASP C 19 16.20 -12.92 39.55
C ASP C 19 16.70 -13.36 38.18
N PRO C 20 16.18 -14.48 37.62
CA PRO C 20 16.70 -15.00 36.36
C PRO C 20 16.49 -14.04 35.18
N THR C 21 17.44 -14.03 34.26
CA THR C 21 17.29 -13.38 32.93
C THR C 21 17.78 -14.40 31.89
N ILE C 22 16.99 -14.63 30.84
CA ILE C 22 17.32 -15.64 29.80
C ILE C 22 17.84 -14.89 28.56
N ILE C 23 18.90 -15.43 27.95
CA ILE C 23 19.56 -14.81 26.77
C ILE C 23 20.07 -15.94 25.89
N TYR C 24 19.85 -15.83 24.57
CA TYR C 24 20.42 -16.78 23.60
C TYR C 24 21.91 -16.45 23.42
N ASN C 25 22.75 -17.47 23.57
CA ASN C 25 24.22 -17.38 23.33
C ASN C 25 24.46 -17.73 21.86
N HIS C 26 24.60 -16.73 20.99
CA HIS C 26 24.67 -16.92 19.52
C HIS C 26 25.96 -17.67 19.14
N LEU C 27 27.07 -17.42 19.86
CA LEU C 27 28.39 -18.04 19.56
C LEU C 27 28.37 -19.54 19.87
N GLU C 28 27.76 -19.95 20.99
CA GLU C 28 27.79 -21.36 21.46
C GLU C 28 26.48 -22.07 21.05
N LYS C 29 25.57 -21.35 20.39
CA LYS C 29 24.27 -21.87 19.90
C LYS C 29 23.55 -22.59 21.06
N SER C 30 23.38 -21.88 22.17
CA SER C 30 22.79 -22.42 23.42
C SER C 30 21.98 -21.33 24.11
N TRP C 31 21.11 -21.73 25.03
CA TRP C 31 20.33 -20.80 25.88
C TRP C 31 21.02 -20.69 27.24
N TRP C 32 21.24 -19.45 27.68
CA TRP C 32 21.82 -19.13 29.00
C TRP C 32 20.75 -18.50 29.89
N ILE C 33 20.67 -18.96 31.13
CA ILE C 33 19.98 -18.21 32.22
C ILE C 33 21.07 -17.65 33.14
N LEU C 34 21.11 -16.32 33.26
CA LEU C 34 21.97 -15.61 34.23
C LEU C 34 21.11 -15.29 35.44
N TYR C 35 21.66 -15.45 36.64
CA TYR C 35 20.85 -15.30 37.87
C TYR C 35 21.73 -14.75 38.99
N THR C 36 21.13 -13.93 39.85
CA THR C 36 21.70 -13.58 41.16
C THR C 36 21.93 -14.90 41.89
N ASN C 37 23.12 -15.13 42.43
CA ASN C 37 23.35 -16.34 43.27
C ASN C 37 23.55 -15.89 44.71
N ARG C 38 22.46 -15.87 45.49
CA ARG C 38 22.52 -15.63 46.95
C ARG C 38 23.39 -16.71 47.57
N ARG C 39 24.10 -16.37 48.65
CA ARG C 39 24.97 -17.33 49.38
C ARG C 39 24.09 -18.08 50.39
N ALA C 40 23.06 -18.76 49.87
CA ALA C 40 21.88 -19.22 50.62
C ALA C 40 22.22 -20.43 51.52
N ASN C 41 23.23 -21.23 51.18
CA ASN C 41 23.53 -22.48 51.94
C ASN C 41 24.62 -22.25 52.98
N GLN C 42 24.90 -20.99 53.33
CA GLN C 42 25.95 -20.62 54.32
C GLN C 42 25.27 -20.08 55.58
N LYS C 43 25.82 -20.40 56.75
CA LYS C 43 25.34 -19.87 58.05
C LYS C 43 26.00 -18.50 58.27
N LEU C 44 25.22 -17.44 58.09
CA LEU C 44 25.75 -16.05 58.00
C LEU C 44 24.97 -15.12 58.92
N PRO C 45 25.60 -14.01 59.36
CA PRO C 45 24.95 -13.00 60.16
C PRO C 45 23.92 -12.17 59.38
N GLY C 46 22.83 -11.81 60.04
CA GLY C 46 21.79 -10.91 59.51
C GLY C 46 21.36 -11.29 58.10
N LYS C 47 21.40 -10.33 57.18
CA LYS C 47 20.98 -10.51 55.77
C LYS C 47 22.21 -10.67 54.87
N ALA C 48 23.35 -11.11 55.40
CA ALA C 48 24.59 -11.31 54.63
C ALA C 48 24.36 -12.22 53.41
N PHE C 49 23.49 -13.24 53.51
CA PHE C 49 23.33 -14.25 52.43
C PHE C 49 22.84 -13.57 51.14
N MET C 50 22.13 -12.45 51.27
CA MET C 50 21.58 -11.66 50.13
C MET C 50 22.69 -10.83 49.46
N HIS C 51 23.89 -10.76 50.04
CA HIS C 51 24.96 -9.84 49.60
C HIS C 51 26.25 -10.62 49.30
N GLY C 52 27.24 -9.95 48.71
CA GLY C 52 28.50 -10.58 48.30
C GLY C 52 28.25 -11.59 47.19
N THR C 53 27.27 -11.30 46.34
CA THR C 53 26.74 -12.22 45.31
C THR C 53 27.39 -11.93 43.95
N ASP C 54 27.59 -13.00 43.18
CA ASP C 54 27.94 -12.94 41.74
C ASP C 54 26.76 -13.47 40.92
N ILE C 55 26.94 -13.47 39.60
CA ILE C 55 25.92 -13.90 38.61
C ILE C 55 26.29 -15.31 38.17
N GLY C 56 25.38 -16.26 38.41
CA GLY C 56 25.52 -17.66 37.98
C GLY C 56 25.07 -17.85 36.54
N ILE C 57 25.56 -18.90 35.90
CA ILE C 57 25.23 -19.27 34.49
C ILE C 57 24.67 -20.68 34.49
N ALA C 58 23.45 -20.86 33.97
CA ALA C 58 22.86 -22.17 33.62
C ALA C 58 22.69 -22.21 32.10
N GLU C 59 23.13 -23.29 31.48
CA GLU C 59 23.14 -23.44 30.00
C GLU C 59 22.32 -24.66 29.59
N SER C 60 21.50 -24.52 28.55
CA SER C 60 20.82 -25.64 27.86
C SER C 60 21.23 -25.66 26.40
N LYS C 61 21.66 -26.84 25.92
CA LYS C 61 22.03 -27.09 24.50
C LYS C 61 20.95 -27.90 23.79
N ASP C 62 19.88 -28.30 24.49
CA ASP C 62 18.82 -29.19 23.93
C ASP C 62 17.45 -28.50 24.00
N GLY C 63 17.41 -27.18 23.87
CA GLY C 63 16.15 -26.40 23.82
C GLY C 63 15.43 -26.37 25.16
N GLY C 64 16.17 -26.45 26.27
CA GLY C 64 15.63 -26.23 27.63
C GLY C 64 15.19 -27.51 28.31
N ARG C 65 15.42 -28.68 27.70
CA ARG C 65 15.03 -29.98 28.30
C ARG C 65 15.96 -30.30 29.48
N THR C 66 17.26 -29.98 29.35
CA THR C 66 18.28 -30.19 30.41
C THR C 66 19.12 -28.91 30.57
N TRP C 67 19.48 -28.61 31.81
CA TRP C 67 20.24 -27.40 32.20
C TRP C 67 21.48 -27.80 32.99
N PHE C 68 22.59 -27.11 32.74
CA PHE C 68 23.90 -27.38 33.38
C PHE C 68 24.52 -26.06 33.83
N TYR C 69 24.98 -26.02 35.07
CA TYR C 69 25.79 -24.91 35.61
C TYR C 69 27.09 -24.81 34.81
N ARG C 70 27.47 -23.59 34.43
CA ARG C 70 28.73 -23.33 33.70
C ARG C 70 29.73 -22.56 34.56
N GLY C 71 29.26 -21.78 35.53
CA GLY C 71 30.15 -20.94 36.36
C GLY C 71 29.53 -19.59 36.64
N THR C 72 30.37 -18.59 36.83
CA THR C 72 29.95 -17.23 37.26
C THR C 72 30.45 -16.17 36.27
N ILE C 73 29.73 -15.07 36.25
CA ILE C 73 30.23 -13.73 35.82
C ILE C 73 30.57 -12.98 37.12
N GLU C 74 31.86 -12.77 37.35
CA GLU C 74 32.40 -12.07 38.55
C GLU C 74 32.84 -10.67 38.11
N LEU C 75 31.91 -9.73 38.20
CA LEU C 75 32.13 -8.34 37.77
C LEU C 75 32.99 -7.64 38.82
N GLN C 76 33.69 -6.59 38.43
CA GLN C 76 34.44 -5.73 39.35
C GLN C 76 33.94 -4.30 39.17
N TYR C 77 33.70 -3.61 40.27
CA TYR C 77 33.47 -2.15 40.31
C TYR C 77 34.22 -1.60 41.53
N GLY C 78 35.36 -0.95 41.28
CA GLY C 78 36.29 -0.51 42.33
C GLY C 78 36.91 -1.71 43.05
N ARG C 79 37.41 -1.49 44.27
CA ARG C 79 38.14 -2.52 45.05
C ARG C 79 37.14 -3.32 45.90
N GLY C 80 37.56 -4.52 46.28
CA GLY C 80 36.95 -5.31 47.36
C GLY C 80 35.92 -6.30 46.87
N ARG C 81 35.33 -7.01 47.82
CA ARG C 81 34.19 -7.94 47.60
C ARG C 81 32.91 -7.10 47.66
N ASN C 82 32.19 -7.03 46.54
CA ASN C 82 30.95 -6.22 46.41
C ASN C 82 29.78 -7.16 46.08
N THR C 83 28.62 -6.57 45.83
CA THR C 83 27.33 -7.29 45.63
C THR C 83 26.80 -6.97 44.23
N PHE C 84 26.54 -8.00 43.42
CA PHE C 84 25.94 -7.87 42.06
C PHE C 84 24.60 -8.60 42.06
N TRP C 85 23.56 -7.92 41.58
CA TRP C 85 22.14 -8.35 41.63
C TRP C 85 21.46 -8.22 40.27
N ALA C 86 20.63 -9.21 39.93
CA ALA C 86 19.45 -9.06 39.05
C ALA C 86 19.86 -8.44 37.71
N PRO C 87 20.74 -9.09 36.92
CA PRO C 87 21.16 -8.53 35.64
C PRO C 87 19.99 -8.49 34.65
N GLU C 88 19.92 -7.40 33.90
CA GLU C 88 19.22 -7.32 32.59
C GLU C 88 20.31 -7.52 31.53
N VAL C 89 20.08 -8.39 30.55
CA VAL C 89 21.02 -8.56 29.41
C VAL C 89 20.22 -8.54 28.12
N ILE C 90 20.61 -7.68 27.19
CA ILE C 90 20.04 -7.64 25.81
C ILE C 90 21.19 -7.82 24.83
N PHE C 91 20.89 -8.38 23.66
CA PHE C 91 21.80 -8.42 22.50
C PHE C 91 21.39 -7.31 21.54
N TYR C 92 22.33 -6.43 21.20
CA TYR C 92 22.08 -5.23 20.36
C TYR C 92 23.38 -4.84 19.65
N GLU C 93 23.31 -4.66 18.33
CA GLU C 93 24.45 -4.19 17.49
C GLU C 93 25.71 -5.01 17.82
N GLY C 94 25.59 -6.33 17.74
CA GLY C 94 26.72 -7.28 17.77
C GLY C 94 27.30 -7.50 19.16
N GLU C 95 26.68 -6.95 20.21
CA GLU C 95 27.21 -7.06 21.60
C GLU C 95 26.08 -7.38 22.58
N TYR C 96 26.45 -7.96 23.71
CA TYR C 96 25.59 -8.14 24.89
C TYR C 96 25.78 -6.93 25.81
N HIS C 97 24.66 -6.37 26.26
CA HIS C 97 24.59 -5.18 27.14
C HIS C 97 23.94 -5.60 28.44
N MET C 98 24.66 -5.47 29.56
CA MET C 98 24.16 -5.85 30.90
C MET C 98 23.95 -4.60 31.74
N TYR C 99 22.76 -4.49 32.34
CA TYR C 99 22.45 -3.49 33.41
C TYR C 99 22.28 -4.27 34.70
N VAL C 100 23.30 -4.20 35.55
CA VAL C 100 23.38 -5.01 36.80
C VAL C 100 23.25 -4.06 37.99
N SER C 101 22.57 -4.52 39.04
CA SER C 101 22.40 -3.76 40.29
C SER C 101 23.61 -4.03 41.17
N PHE C 102 24.15 -2.97 41.76
CA PHE C 102 25.41 -3.01 42.54
C PHE C 102 25.12 -2.51 43.96
N VAL C 103 25.52 -3.29 44.96
CA VAL C 103 25.52 -2.84 46.38
C VAL C 103 26.97 -2.85 46.84
N PRO C 104 27.48 -1.71 47.37
CA PRO C 104 28.85 -1.64 47.85
C PRO C 104 29.11 -2.62 49.00
N GLY C 105 30.22 -3.35 48.94
CA GLY C 105 30.65 -4.29 49.99
C GLY C 105 29.68 -5.45 50.13
N VAL C 106 29.56 -5.98 51.35
CA VAL C 106 28.66 -7.11 51.70
C VAL C 106 27.87 -6.71 52.92
N PRO C 107 26.79 -5.91 52.75
CA PRO C 107 25.92 -5.54 53.86
C PRO C 107 25.22 -6.73 54.53
N GLN C 108 24.70 -6.49 55.73
CA GLN C 108 24.00 -7.48 56.57
C GLN C 108 22.59 -6.97 56.89
N ASP C 109 22.18 -5.88 56.25
CA ASP C 109 20.83 -5.28 56.35
C ASP C 109 20.58 -4.48 55.06
N TRP C 110 19.46 -3.77 54.98
CA TRP C 110 19.08 -3.00 53.76
C TRP C 110 19.68 -1.59 53.77
N ASN C 111 20.55 -1.28 54.75
CA ASN C 111 21.06 0.09 54.99
C ASN C 111 22.31 0.32 54.13
N ALA C 112 22.15 0.36 52.81
CA ALA C 112 23.26 0.56 51.85
C ALA C 112 22.73 1.17 50.56
N GLU C 113 23.62 1.80 49.79
CA GLU C 113 23.31 2.37 48.47
C GLU C 113 23.06 1.21 47.49
N ARG C 114 22.40 1.52 46.38
CA ARG C 114 22.27 0.61 45.21
C ARG C 114 22.42 1.44 43.94
N TYR C 115 23.28 0.99 43.03
CA TYR C 115 23.48 1.63 41.71
C TYR C 115 23.14 0.62 40.62
N ILE C 116 22.80 1.11 39.44
CA ILE C 116 22.74 0.27 38.22
C ILE C 116 23.99 0.59 37.40
N LEU C 117 24.75 -0.46 37.07
CA LEU C 117 26.02 -0.38 36.30
C LEU C 117 25.78 -1.00 34.93
N TYR C 118 26.46 -0.45 33.91
CA TYR C 118 26.41 -0.91 32.50
C TYR C 118 27.75 -1.58 32.17
N TYR C 119 27.69 -2.87 31.82
CA TYR C 119 28.84 -3.65 31.28
C TYR C 119 28.45 -4.16 29.89
N LYS C 120 29.44 -4.37 29.03
CA LYS C 120 29.20 -4.95 27.68
C LYS C 120 30.14 -6.12 27.46
N SER C 121 29.76 -7.01 26.54
CA SER C 121 30.47 -8.28 26.24
C SER C 121 30.24 -8.66 24.79
N LYS C 122 31.23 -9.28 24.15
CA LYS C 122 31.08 -9.89 22.81
C LYS C 122 30.66 -11.36 22.94
N ASN C 123 30.86 -11.99 24.11
CA ASN C 123 30.84 -13.47 24.21
C ASN C 123 30.10 -13.99 25.47
N LEU C 124 29.54 -13.11 26.30
CA LEU C 124 28.79 -13.43 27.56
C LEU C 124 29.71 -13.90 28.69
N TRP C 125 30.96 -14.29 28.41
CA TRP C 125 31.95 -14.69 29.45
C TRP C 125 32.65 -13.47 30.01
N ASP C 126 33.15 -12.62 29.11
CA ASP C 126 34.11 -11.51 29.41
C ASP C 126 33.37 -10.18 29.30
N TRP C 127 33.37 -9.40 30.38
CA TRP C 127 32.60 -8.14 30.49
C TRP C 127 33.55 -6.97 30.69
N GLU C 128 33.28 -5.88 29.97
CA GLU C 128 33.99 -4.58 30.08
C GLU C 128 33.04 -3.59 30.74
N PHE C 129 33.47 -2.96 31.82
CA PHE C 129 32.72 -1.88 32.51
C PHE C 129 32.59 -0.70 31.54
N VAL C 130 31.39 -0.14 31.40
CA VAL C 130 31.15 1.07 30.57
C VAL C 130 30.95 2.26 31.51
N CYS C 131 29.90 2.25 32.33
CA CYS C 131 29.62 3.38 33.24
C CYS C 131 28.64 2.98 34.35
N LYS C 132 28.63 3.78 35.41
CA LYS C 132 27.53 3.83 36.40
C LYS C 132 26.42 4.71 35.82
N LEU C 133 25.18 4.22 35.79
CA LEU C 133 24.01 5.01 35.35
C LEU C 133 23.72 6.06 36.42
N GLU C 134 23.39 7.28 35.99
CA GLU C 134 22.88 8.36 36.88
C GLU C 134 21.36 8.39 36.77
N LEU C 135 20.67 7.79 37.74
CA LEU C 135 19.18 7.68 37.76
C LEU C 135 18.65 8.54 38.92
N SER C 136 17.44 8.24 39.40
CA SER C 136 16.64 9.17 40.25
C SER C 136 17.18 9.20 41.68
N SER C 137 18.00 8.22 42.09
CA SER C 137 18.55 8.16 43.48
C SER C 137 19.77 7.23 43.55
N ASN C 138 20.36 7.15 44.74
CA ASN C 138 21.50 6.26 45.09
C ASN C 138 20.97 4.93 45.66
N LYS C 139 19.69 4.62 45.45
CA LYS C 139 19.06 3.34 45.89
C LYS C 139 18.15 2.82 44.76
N VAL C 140 18.76 2.45 43.63
CA VAL C 140 18.03 1.98 42.42
C VAL C 140 18.50 0.55 42.08
N ILE C 141 17.55 -0.35 41.82
CA ILE C 141 17.84 -1.78 41.50
C ILE C 141 16.88 -2.30 40.42
N ASP C 142 17.22 -3.47 39.87
CA ASP C 142 16.31 -4.37 39.11
C ASP C 142 15.95 -3.73 37.77
N ALA C 143 16.95 -3.35 36.97
CA ALA C 143 16.77 -2.79 35.62
C ALA C 143 16.07 -3.81 34.72
N CYS C 144 15.14 -3.34 33.89
CA CYS C 144 14.72 -4.02 32.65
C CYS C 144 14.65 -2.97 31.55
N VAL C 145 14.91 -3.38 30.32
CA VAL C 145 15.00 -2.50 29.14
C VAL C 145 14.05 -3.02 28.06
N PHE C 146 13.46 -2.11 27.29
CA PHE C 146 12.71 -2.43 26.06
C PHE C 146 12.91 -1.29 25.08
N GLN C 147 13.25 -1.62 23.83
CA GLN C 147 13.45 -0.61 22.77
C GLN C 147 12.08 -0.20 22.23
N MET C 148 11.82 1.10 22.20
CA MET C 148 10.52 1.70 21.80
C MET C 148 10.54 1.94 20.30
N PRO C 149 9.37 2.13 19.66
CA PRO C 149 9.30 2.29 18.20
C PRO C 149 10.16 3.42 17.62
N ASP C 150 10.42 4.49 18.38
CA ASP C 150 11.25 5.64 17.93
C ASP C 150 12.75 5.31 18.03
N GLY C 151 13.11 4.12 18.50
CA GLY C 151 14.50 3.63 18.58
C GLY C 151 15.13 3.89 19.96
N THR C 152 14.48 4.70 20.80
CA THR C 152 14.97 4.95 22.19
C THR C 152 14.81 3.66 22.99
N PHE C 153 15.71 3.41 23.92
CA PHE C 153 15.57 2.35 24.94
C PHE C 153 14.89 2.96 26.15
N ARG C 154 13.84 2.31 26.64
CA ARG C 154 13.18 2.66 27.92
C ARG C 154 13.66 1.65 28.96
N MET C 155 14.05 2.15 30.14
CA MET C 155 14.47 1.32 31.28
C MET C 155 13.45 1.54 32.40
N TRP C 156 13.04 0.46 33.05
CA TRP C 156 12.29 0.50 34.33
C TRP C 156 13.20 -0.04 35.44
N TYR C 157 13.01 0.49 36.64
CA TYR C 157 13.82 0.10 37.82
C TYR C 157 13.04 0.49 39.06
N LYS C 158 13.44 -0.08 40.19
CA LYS C 158 12.87 0.22 41.52
C LYS C 158 13.69 1.34 42.15
N ASP C 159 13.03 2.41 42.58
CA ASP C 159 13.66 3.51 43.34
C ASP C 159 13.24 3.39 44.82
N GLU C 160 14.12 2.84 45.65
CA GLU C 160 13.85 2.61 47.09
C GLU C 160 13.84 3.93 47.86
N ALA C 161 14.43 4.99 47.29
CA ALA C 161 14.43 6.36 47.86
C ALA C 161 13.07 7.03 47.67
N ASP C 162 12.25 6.56 46.72
CA ASP C 162 10.88 7.08 46.49
C ASP C 162 9.86 5.93 46.60
N HIS C 163 9.62 5.46 47.82
CA HIS C 163 8.52 4.52 48.21
C HIS C 163 8.64 3.17 47.47
N SER C 164 9.83 2.80 46.99
CA SER C 164 10.06 1.57 46.20
C SER C 164 9.08 1.51 45.03
N TYR C 165 8.85 2.66 44.39
CA TYR C 165 8.03 2.80 43.16
C TYR C 165 8.88 2.39 41.95
N ILE C 166 8.23 1.84 40.94
CA ILE C 166 8.87 1.58 39.62
C ILE C 166 8.97 2.91 38.88
N TYR C 167 10.18 3.28 38.50
CA TYR C 167 10.53 4.48 37.70
C TYR C 167 10.83 4.04 36.26
N ALA C 168 10.70 4.98 35.32
CA ALA C 168 11.13 4.81 33.91
C ALA C 168 12.18 5.87 33.59
N ALA C 169 13.13 5.50 32.72
CA ALA C 169 14.14 6.39 32.13
C ALA C 169 14.30 6.00 30.65
N GLU C 170 14.92 6.85 29.84
CA GLU C 170 15.11 6.56 28.40
C GLU C 170 16.51 6.99 27.96
N SER C 171 17.03 6.31 26.94
CA SER C 171 18.39 6.56 26.39
C SER C 171 18.40 6.29 24.88
N ASN C 172 19.20 7.08 24.16
CA ASN C 172 19.51 6.87 22.71
C ASN C 172 20.93 6.32 22.54
N ASN C 173 21.71 6.16 23.63
CA ASN C 173 23.13 5.72 23.52
C ASN C 173 23.47 4.63 24.54
N LEU C 174 22.49 4.15 25.32
CA LEU C 174 22.62 3.05 26.31
C LEU C 174 23.42 3.48 27.55
N LYS C 175 24.01 4.68 27.57
CA LYS C 175 24.96 5.11 28.64
C LYS C 175 24.33 6.25 29.46
N ASP C 176 23.77 7.26 28.78
CA ASP C 176 23.15 8.46 29.39
C ASP C 176 21.63 8.27 29.39
N TRP C 177 21.01 8.43 30.57
CA TRP C 177 19.58 8.13 30.79
C TRP C 177 18.85 9.38 31.29
N LYS C 178 17.78 9.76 30.59
CA LYS C 178 16.85 10.83 31.01
C LYS C 178 15.77 10.18 31.88
N ILE C 179 15.64 10.64 33.12
CA ILE C 179 14.61 10.14 34.08
C ILE C 179 13.24 10.64 33.60
N LEU C 180 12.30 9.74 33.34
CA LEU C 180 10.92 10.08 32.92
C LEU C 180 10.04 10.24 34.17
N GLY C 181 10.40 9.54 35.26
CA GLY C 181 9.78 9.69 36.59
C GLY C 181 9.08 8.40 37.02
N PRO C 182 8.25 8.46 38.08
CA PRO C 182 7.51 7.30 38.55
C PRO C 182 6.57 6.76 37.46
N ALA C 183 6.66 5.46 37.16
CA ALA C 183 5.82 4.75 36.18
C ALA C 183 4.60 4.14 36.89
N LEU C 184 4.81 3.57 38.07
CA LEU C 184 3.75 2.92 38.90
C LEU C 184 3.88 3.45 40.33
N THR C 185 2.81 4.03 40.87
CA THR C 185 2.77 4.61 42.24
C THR C 185 1.66 3.95 43.06
N ASP C 186 1.18 2.77 42.63
CA ASP C 186 0.04 2.06 43.25
C ASP C 186 0.52 1.28 44.49
N ARG C 187 1.73 0.71 44.44
CA ARG C 187 2.27 -0.12 45.54
C ARG C 187 3.79 -0.20 45.43
N PRO C 188 4.50 -0.47 46.54
CA PRO C 188 5.93 -0.77 46.49
C PRO C 188 6.09 -2.14 45.81
N GLN C 189 7.07 -2.27 44.91
CA GLN C 189 7.33 -3.55 44.19
C GLN C 189 8.70 -3.46 43.53
N GLU C 190 9.20 -4.58 43.01
CA GLU C 190 10.54 -4.62 42.37
C GLU C 190 10.48 -5.55 41.16
N GLY C 191 11.64 -5.85 40.58
CA GLY C 191 11.81 -6.80 39.47
C GLY C 191 10.88 -6.49 38.29
N PRO C 192 10.81 -5.22 37.81
CA PRO C 192 9.96 -4.91 36.66
C PRO C 192 10.47 -5.66 35.43
N ASN C 193 9.56 -6.10 34.57
CA ASN C 193 9.91 -6.84 33.34
C ASN C 193 8.88 -6.47 32.26
N VAL C 194 9.32 -5.79 31.21
CA VAL C 194 8.43 -5.26 30.14
C VAL C 194 8.62 -6.11 28.88
N PHE C 195 7.52 -6.53 28.27
CA PHE C 195 7.54 -7.28 26.99
C PHE C 195 6.31 -6.89 26.16
N TRP C 196 6.38 -7.14 24.87
CA TRP C 196 5.30 -6.93 23.87
C TRP C 196 4.70 -8.29 23.52
N TRP C 197 3.37 -8.40 23.60
CA TRP C 197 2.62 -9.65 23.32
C TRP C 197 1.14 -9.31 23.14
N LYS C 198 0.44 -10.02 22.27
CA LYS C 198 -1.03 -9.84 22.07
C LYS C 198 -1.32 -8.35 21.83
N SER C 199 -0.50 -7.68 21.02
CA SER C 199 -0.70 -6.30 20.50
C SER C 199 -0.64 -5.25 21.62
N LYS C 200 -0.01 -5.57 22.76
CA LYS C 200 0.09 -4.65 23.93
C LYS C 200 1.47 -4.78 24.57
N TYR C 201 1.87 -3.75 25.33
CA TYR C 201 2.98 -3.83 26.30
C TYR C 201 2.43 -4.43 27.59
N TRP C 202 3.25 -5.28 28.22
CA TRP C 202 2.98 -5.89 29.55
C TRP C 202 4.13 -5.56 30.48
N MET C 203 3.82 -5.29 31.74
CA MET C 203 4.86 -5.26 32.80
C MET C 203 4.48 -6.28 33.86
N ILE C 204 5.45 -7.15 34.16
CA ILE C 204 5.42 -8.04 35.36
C ILE C 204 6.25 -7.33 36.43
N THR C 205 5.75 -7.33 37.67
CA THR C 205 6.45 -6.77 38.84
C THR C 205 6.44 -7.82 39.95
N ASP C 206 7.18 -7.56 41.02
CA ASP C 206 7.16 -8.41 42.24
C ASP C 206 6.79 -7.54 43.43
N PRO C 207 5.47 -7.42 43.73
CA PRO C 207 5.01 -6.76 44.95
C PRO C 207 4.97 -7.70 46.18
N TRP C 208 5.61 -8.86 46.08
CA TRP C 208 5.87 -9.82 47.20
C TRP C 208 4.57 -10.46 47.69
N CYS C 209 3.61 -10.67 46.79
CA CYS C 209 2.35 -11.41 47.05
C CYS C 209 1.94 -12.10 45.74
N GLY C 210 2.89 -12.81 45.15
CA GLY C 210 2.85 -13.18 43.72
C GLY C 210 3.27 -11.98 42.88
N LEU C 211 3.21 -12.12 41.56
CA LEU C 211 3.74 -11.10 40.61
C LEU C 211 2.61 -10.20 40.12
N GLY C 212 2.90 -8.91 40.00
CA GLY C 212 1.97 -7.93 39.43
C GLY C 212 1.93 -8.05 37.92
N VAL C 213 0.79 -7.74 37.33
CA VAL C 213 0.56 -7.75 35.86
C VAL C 213 -0.12 -6.44 35.48
N TYR C 214 0.51 -5.69 34.57
CA TYR C 214 -0.03 -4.45 33.98
C TYR C 214 0.03 -4.54 32.45
N SER C 215 -0.90 -3.87 31.78
CA SER C 215 -0.89 -3.71 30.30
C SER C 215 -0.87 -2.22 29.95
N SER C 216 -0.38 -1.91 28.75
CA SER C 216 -0.29 -0.53 28.21
C SER C 216 -0.28 -0.56 26.69
N GLU C 217 -0.88 0.44 26.05
CA GLU C 217 -0.81 0.65 24.58
C GLU C 217 0.52 1.34 24.23
N ASP C 218 1.13 2.06 25.18
CA ASP C 218 2.25 3.01 24.91
C ASP C 218 3.43 2.80 25.87
N ALA C 219 3.35 1.83 26.79
CA ALA C 219 4.37 1.56 27.84
C ALA C 219 4.57 2.78 28.74
N THR C 220 3.50 3.57 28.94
CA THR C 220 3.48 4.78 29.80
C THR C 220 2.24 4.75 30.71
N ALA C 221 1.05 4.64 30.11
CA ALA C 221 -0.25 4.54 30.80
C ALA C 221 -0.56 3.06 31.08
N TRP C 222 -0.32 2.61 32.30
CA TRP C 222 -0.43 1.18 32.72
C TRP C 222 -1.80 0.93 33.35
N HIS C 223 -2.40 -0.22 33.01
CA HIS C 223 -3.67 -0.72 33.60
C HIS C 223 -3.35 -2.00 34.38
N ARG C 224 -3.73 -2.04 35.66
CA ARG C 224 -3.35 -3.16 36.57
C ARG C 224 -4.37 -4.30 36.43
N HIS C 225 -3.86 -5.52 36.31
CA HIS C 225 -4.66 -6.78 36.25
C HIS C 225 -4.42 -7.57 37.54
N GLU C 226 -4.98 -8.77 37.65
CA GLU C 226 -4.79 -9.63 38.84
C GLU C 226 -3.35 -10.14 38.86
N ASN C 227 -2.83 -10.39 40.06
CA ASN C 227 -1.49 -10.99 40.27
C ASN C 227 -1.48 -12.40 39.67
N ILE C 228 -0.30 -12.90 39.32
CA ILE C 228 -0.08 -14.31 38.90
C ILE C 228 0.91 -14.94 39.88
N LEU C 229 0.90 -16.28 39.97
CA LEU C 229 1.81 -17.07 40.82
C LEU C 229 1.65 -16.62 42.28
N ASP C 230 0.42 -16.31 42.70
CA ASP C 230 0.09 -15.84 44.07
C ASP C 230 -0.45 -17.01 44.89
N ARG C 231 -0.74 -18.15 44.26
CA ARG C 231 -1.24 -19.37 44.92
C ARG C 231 -0.24 -20.50 44.72
N PRO C 232 -0.01 -21.36 45.74
CA PRO C 232 0.95 -22.46 45.63
C PRO C 232 0.69 -23.37 44.43
N GLY C 233 1.76 -23.76 43.72
CA GLY C 233 1.72 -24.77 42.67
C GLY C 233 1.91 -26.16 43.24
N LYS C 234 1.63 -27.21 42.45
CA LYS C 234 1.73 -28.63 42.86
C LYS C 234 3.09 -29.20 42.47
N ARG C 235 3.83 -28.55 41.57
CA ARG C 235 5.12 -29.06 41.06
C ARG C 235 6.19 -28.92 42.15
N GLU C 236 7.26 -29.72 42.03
CA GLU C 236 8.40 -29.73 42.97
C GLU C 236 8.98 -28.32 43.09
N ASP C 237 9.09 -27.82 44.33
CA ASP C 237 9.65 -26.49 44.69
C ASP C 237 8.78 -25.36 44.14
N ASP C 238 7.55 -25.63 43.72
CA ASP C 238 6.67 -24.59 43.10
C ASP C 238 5.48 -24.27 44.03
N GLY C 239 5.56 -24.65 45.31
CA GLY C 239 4.44 -24.56 46.27
C GLY C 239 4.43 -23.26 47.05
N GLN C 240 4.99 -22.18 46.48
CA GLN C 240 5.10 -20.85 47.13
C GLN C 240 4.90 -19.77 46.07
N ILE C 241 4.76 -18.51 46.49
CA ILE C 241 4.60 -17.36 45.55
C ILE C 241 5.82 -17.29 44.61
N GLY C 242 5.58 -16.96 43.35
CA GLY C 242 6.63 -16.66 42.36
C GLY C 242 7.27 -15.31 42.63
N HIS C 243 8.55 -15.17 42.27
CA HIS C 243 9.36 -13.95 42.51
C HIS C 243 10.14 -13.55 41.26
N HIS C 244 10.41 -12.23 41.15
CA HIS C 244 11.32 -11.55 40.18
C HIS C 244 11.46 -12.37 38.89
N ALA C 245 10.58 -12.10 37.93
CA ALA C 245 10.41 -12.92 36.71
C ALA C 245 11.17 -12.30 35.53
N ASP C 246 11.45 -13.13 34.54
CA ASP C 246 11.82 -12.72 33.17
C ASP C 246 10.86 -13.42 32.19
N VAL C 247 10.36 -12.68 31.21
CA VAL C 247 9.43 -13.24 30.19
C VAL C 247 10.19 -13.39 28.87
N LEU C 248 10.10 -14.55 28.25
CA LEU C 248 10.64 -14.84 26.91
C LEU C 248 9.47 -15.11 25.97
N VAL C 249 9.29 -14.26 24.96
CA VAL C 249 8.23 -14.45 23.93
C VAL C 249 8.86 -15.24 22.77
N ILE C 250 8.37 -16.46 22.53
CA ILE C 250 8.82 -17.34 21.42
C ILE C 250 8.07 -16.93 20.15
N ASP C 251 6.75 -16.80 20.22
CA ASP C 251 5.90 -16.43 19.07
C ASP C 251 4.58 -15.82 19.58
N ASP C 252 3.65 -15.53 18.68
CA ASP C 252 2.40 -14.78 19.00
C ASP C 252 1.51 -15.59 19.96
N GLU C 253 1.73 -16.91 20.06
CA GLU C 253 0.92 -17.83 20.92
C GLU C 253 1.72 -18.32 22.14
N THR C 254 3.05 -18.15 22.14
CA THR C 254 3.97 -18.84 23.09
C THR C 254 4.85 -17.82 23.82
N ALA C 255 4.61 -17.64 25.11
CA ALA C 255 5.45 -16.82 26.02
C ALA C 255 5.66 -17.61 27.31
N TYR C 256 6.93 -17.72 27.72
CA TYR C 256 7.35 -18.42 28.96
C TYR C 256 7.73 -17.38 30.00
N ILE C 257 7.38 -17.66 31.26
CA ILE C 257 7.80 -16.81 32.42
C ILE C 257 8.78 -17.62 33.27
N PHE C 258 9.99 -17.10 33.41
CA PHE C 258 11.05 -17.63 34.30
C PHE C 258 10.99 -16.85 35.61
N TYR C 259 10.99 -17.55 36.74
CA TYR C 259 10.83 -16.93 38.07
C TYR C 259 11.56 -17.79 39.09
N PHE C 260 11.52 -17.39 40.36
CA PHE C 260 12.10 -18.20 41.45
C PHE C 260 11.11 -18.27 42.60
N THR C 261 11.30 -19.28 43.45
CA THR C 261 10.55 -19.50 44.71
C THR C 261 11.54 -19.70 45.84
N HIS C 262 11.07 -19.45 47.06
CA HIS C 262 11.64 -19.98 48.34
C HIS C 262 10.85 -21.22 48.70
N PRO C 263 11.23 -22.43 48.23
CA PRO C 263 10.38 -23.61 48.38
C PRO C 263 10.09 -24.02 49.84
N GLU C 264 10.91 -23.62 50.80
CA GLU C 264 10.73 -23.94 52.25
C GLU C 264 9.69 -22.99 52.88
N GLY C 265 9.35 -21.89 52.19
CA GLY C 265 8.29 -20.94 52.60
C GLY C 265 8.70 -20.10 53.80
N MET C 266 7.72 -19.76 54.64
CA MET C 266 7.86 -18.94 55.88
C MET C 266 8.36 -17.52 55.54
N GLU C 267 8.14 -17.03 54.32
CA GLU C 267 8.52 -15.63 53.95
C GLU C 267 7.73 -14.64 54.81
N GLY C 268 8.36 -13.51 55.17
CA GLY C 268 7.75 -12.42 55.95
C GLY C 268 7.58 -12.77 57.42
N THR C 269 8.20 -13.86 57.88
CA THR C 269 8.23 -14.26 59.31
C THR C 269 9.62 -13.96 59.88
N GLU C 270 9.71 -13.92 61.22
CA GLU C 270 11.00 -13.78 61.95
C GLU C 270 11.83 -15.04 61.68
N GLU C 271 11.16 -16.20 61.66
CA GLU C 271 11.80 -17.54 61.49
C GLU C 271 12.61 -17.57 60.20
N PHE C 272 12.11 -16.95 59.13
CA PHE C 272 12.78 -16.91 57.80
C PHE C 272 14.24 -16.49 57.98
N TRP C 273 14.49 -15.45 58.76
CA TRP C 273 15.84 -14.83 58.93
C TRP C 273 16.68 -15.58 59.98
N LYS C 274 16.04 -16.32 60.89
CA LYS C 274 16.73 -16.98 62.03
C LYS C 274 17.24 -18.37 61.62
N ASP C 275 16.74 -18.94 60.52
CA ASP C 275 17.09 -20.32 60.08
C ASP C 275 17.48 -20.32 58.61
N SER C 276 18.75 -20.58 58.31
CA SER C 276 19.33 -20.58 56.94
C SER C 276 18.62 -21.60 56.03
N LYS C 277 17.87 -22.55 56.59
CA LYS C 277 17.15 -23.56 55.76
C LYS C 277 16.17 -22.85 54.82
N TYR C 278 15.68 -21.65 55.18
CA TYR C 278 14.65 -20.91 54.40
C TYR C 278 15.26 -20.09 53.27
N TRP C 279 16.58 -19.98 53.19
CA TRP C 279 17.24 -18.98 52.30
C TRP C 279 17.35 -19.50 50.87
N ARG C 280 17.44 -20.82 50.69
CA ARG C 280 17.64 -21.42 49.34
C ARG C 280 16.45 -21.05 48.43
N THR C 281 16.73 -20.93 47.14
CA THR C 281 15.74 -20.55 46.11
C THR C 281 15.89 -21.51 44.92
N SER C 282 14.82 -21.70 44.18
CA SER C 282 14.75 -22.58 42.98
C SER C 282 14.22 -21.75 41.81
N LEU C 283 14.87 -21.85 40.66
CA LEU C 283 14.32 -21.29 39.39
C LEU C 283 13.19 -22.20 38.93
N GLN C 284 12.18 -21.61 38.31
CA GLN C 284 11.02 -22.31 37.72
C GLN C 284 10.70 -21.66 36.37
N VAL C 285 10.01 -22.39 35.51
CA VAL C 285 9.38 -21.79 34.30
C VAL C 285 7.91 -22.21 34.28
N ALA C 286 7.06 -21.34 33.77
CA ALA C 286 5.64 -21.63 33.49
C ALA C 286 5.28 -20.97 32.16
N LYS C 287 4.10 -21.29 31.65
CA LYS C 287 3.61 -20.78 30.35
C LYS C 287 2.56 -19.71 30.62
N LEU C 288 2.74 -18.54 30.01
CA LEU C 288 1.73 -17.45 30.07
C LEU C 288 0.60 -17.79 29.11
N GLU C 289 -0.62 -17.40 29.45
CA GLU C 289 -1.78 -17.44 28.53
C GLU C 289 -2.42 -16.06 28.51
N TYR C 290 -3.17 -15.79 27.44
CA TYR C 290 -3.99 -14.57 27.28
C TYR C 290 -5.45 -15.01 27.35
N VAL C 291 -6.11 -14.68 28.46
CA VAL C 291 -7.48 -15.16 28.83
C VAL C 291 -8.27 -13.95 29.33
N ASP C 292 -9.49 -13.73 28.81
CA ASP C 292 -10.38 -12.63 29.24
C ASP C 292 -9.62 -11.30 29.20
N GLY C 293 -8.82 -11.07 28.16
CA GLY C 293 -8.14 -9.80 27.89
C GLY C 293 -6.97 -9.52 28.83
N LYS C 294 -6.46 -10.52 29.56
CA LYS C 294 -5.33 -10.32 30.49
C LYS C 294 -4.34 -11.48 30.39
N VAL C 295 -3.07 -11.21 30.70
CA VAL C 295 -2.02 -12.24 30.85
C VAL C 295 -2.26 -12.95 32.19
N VAL C 296 -2.40 -14.27 32.12
CA VAL C 296 -2.62 -15.17 33.29
C VAL C 296 -1.57 -16.28 33.23
N CYS C 297 -1.53 -17.12 34.26
CA CYS C 297 -0.57 -18.24 34.32
C CYS C 297 -1.13 -19.33 35.23
N ASP C 298 -1.35 -20.51 34.66
CA ASP C 298 -1.62 -21.76 35.42
C ASP C 298 -0.29 -22.50 35.56
N ARG C 299 0.38 -22.32 36.70
CA ARG C 299 1.75 -22.86 36.96
C ARG C 299 1.70 -24.40 37.00
N ASP C 300 0.52 -24.99 37.21
CA ASP C 300 0.33 -26.46 37.33
C ASP C 300 0.12 -27.11 35.95
N LYS C 301 -0.33 -26.33 34.96
CA LYS C 301 -0.82 -26.89 33.66
C LYS C 301 0.36 -27.44 32.87
N GLU C 302 0.19 -28.64 32.29
CA GLU C 302 1.23 -29.27 31.44
C GLU C 302 1.36 -28.44 30.16
N PHE C 303 2.59 -28.26 29.69
CA PHE C 303 2.91 -27.65 28.38
C PHE C 303 4.22 -28.27 27.87
N ASP C 304 4.48 -28.13 26.58
CA ASP C 304 5.75 -28.56 25.94
C ASP C 304 6.71 -27.38 26.01
N PHE C 305 7.64 -27.40 26.96
CA PHE C 305 8.68 -26.35 27.12
C PHE C 305 9.78 -26.62 26.08
N TYR C 306 9.93 -25.73 25.11
CA TYR C 306 10.96 -25.83 24.06
C TYR C 306 11.49 -24.44 23.70
N LEU C 307 12.81 -24.29 23.73
CA LEU C 307 13.54 -23.07 23.33
C LEU C 307 14.20 -23.34 21.98
N PRO C 308 13.71 -22.75 20.87
CA PRO C 308 14.30 -23.02 19.56
C PRO C 308 15.65 -22.32 19.39
N ASP C 309 16.51 -22.82 18.50
CA ASP C 309 17.75 -22.13 18.05
C ASP C 309 17.34 -20.90 17.22
N LEU C 310 17.84 -19.72 17.59
CA LEU C 310 17.54 -18.44 16.88
C LEU C 310 18.42 -18.35 15.62
N PRO D 2 -25.46 -22.22 -40.51
CA PRO D 2 -25.23 -22.84 -39.17
C PRO D 2 -23.87 -22.46 -38.56
N ARG D 3 -23.72 -22.68 -37.25
CA ARG D 3 -22.42 -22.56 -36.54
C ARG D 3 -21.37 -23.37 -37.30
N PRO D 4 -20.09 -22.97 -37.24
CA PRO D 4 -19.02 -23.81 -37.78
C PRO D 4 -18.90 -25.08 -36.95
N PRO D 5 -18.30 -26.15 -37.50
CA PRO D 5 -17.94 -27.31 -36.68
C PRO D 5 -16.96 -26.84 -35.59
N ALA D 6 -17.07 -27.41 -34.39
CA ALA D 6 -16.13 -27.22 -33.27
C ALA D 6 -15.73 -28.59 -32.73
N PRO D 7 -14.44 -28.99 -32.84
CA PRO D 7 -13.43 -28.20 -33.52
C PRO D 7 -13.73 -28.12 -35.02
N LEU D 8 -13.14 -27.13 -35.70
CA LEU D 8 -13.28 -26.99 -37.17
C LEU D 8 -12.74 -28.25 -37.83
N PHE D 9 -11.59 -28.75 -37.35
CA PHE D 9 -10.89 -29.90 -37.96
C PHE D 9 -9.78 -30.43 -37.05
N ARG D 10 -9.67 -31.76 -36.98
CA ARG D 10 -8.49 -32.46 -36.44
C ARG D 10 -7.90 -33.34 -37.54
N ASP D 11 -6.58 -33.36 -37.63
CA ASP D 11 -5.82 -34.18 -38.60
C ASP D 11 -5.99 -35.65 -38.24
N PRO D 12 -6.36 -36.52 -39.20
CA PRO D 12 -6.55 -37.96 -38.93
C PRO D 12 -5.32 -38.86 -39.12
N ILE D 13 -4.13 -38.28 -39.23
CA ILE D 13 -2.84 -39.02 -39.36
C ILE D 13 -2.07 -38.91 -38.03
N TYR D 14 -1.73 -37.68 -37.63
CA TYR D 14 -0.91 -37.39 -36.42
C TYR D 14 -1.70 -36.58 -35.39
N ASP D 15 -2.84 -36.01 -35.77
CA ASP D 15 -3.68 -35.16 -34.88
C ASP D 15 -2.88 -33.93 -34.42
N GLY D 16 -2.10 -33.35 -35.33
CA GLY D 16 -1.19 -32.21 -35.03
C GLY D 16 -1.48 -30.98 -35.85
N ALA D 17 -2.74 -30.75 -36.24
CA ALA D 17 -3.14 -29.66 -37.17
C ALA D 17 -2.88 -28.30 -36.49
N ALA D 18 -2.10 -27.44 -37.13
CA ALA D 18 -1.71 -26.11 -36.60
C ALA D 18 -1.42 -25.13 -37.72
N ASP D 19 -1.32 -23.84 -37.39
CA ASP D 19 -0.87 -22.76 -38.31
C ASP D 19 -1.72 -22.80 -39.57
N PRO D 20 -3.06 -22.77 -39.49
CA PRO D 20 -3.90 -22.89 -40.67
C PRO D 20 -3.71 -21.72 -41.64
N THR D 21 -3.74 -22.01 -42.94
CA THR D 21 -3.87 -20.99 -44.00
C THR D 21 -5.01 -21.43 -44.92
N ILE D 22 -6.02 -20.58 -45.09
CA ILE D 22 -7.20 -20.91 -45.93
C ILE D 22 -6.96 -20.32 -47.33
N ILE D 23 -7.26 -21.12 -48.35
CA ILE D 23 -7.04 -20.77 -49.78
C ILE D 23 -8.15 -21.40 -50.61
N TYR D 24 -8.77 -20.62 -51.48
CA TYR D 24 -9.79 -21.13 -52.44
C TYR D 24 -9.06 -21.90 -53.53
N ASN D 25 -9.52 -23.12 -53.79
CA ASN D 25 -9.02 -24.01 -54.87
C ASN D 25 -9.88 -23.71 -56.12
N HIS D 26 -9.37 -22.89 -57.04
CA HIS D 26 -10.17 -22.37 -58.19
C HIS D 26 -10.46 -23.51 -59.17
N LEU D 27 -9.57 -24.49 -59.29
CA LEU D 27 -9.74 -25.63 -60.24
C LEU D 27 -10.83 -26.58 -59.74
N GLU D 28 -10.87 -26.86 -58.44
CA GLU D 28 -11.80 -27.87 -57.85
C GLU D 28 -13.04 -27.20 -57.26
N LYS D 29 -13.10 -25.85 -57.32
CA LYS D 29 -14.22 -25.02 -56.79
C LYS D 29 -14.54 -25.48 -55.36
N SER D 30 -13.53 -25.46 -54.51
CA SER D 30 -13.59 -25.89 -53.09
C SER D 30 -12.68 -24.98 -52.27
N TRP D 31 -12.90 -24.97 -50.96
CA TRP D 31 -12.04 -24.26 -49.98
C TRP D 31 -11.07 -25.27 -49.36
N TRP D 32 -9.79 -24.93 -49.35
CA TRP D 32 -8.71 -25.73 -48.73
C TRP D 32 -8.18 -25.00 -47.50
N ILE D 33 -7.94 -25.73 -46.43
CA ILE D 33 -7.07 -25.28 -45.32
C ILE D 33 -5.79 -26.11 -45.39
N LEU D 34 -4.66 -25.45 -45.58
CA LEU D 34 -3.32 -26.07 -45.45
C LEU D 34 -2.84 -25.81 -44.02
N TYR D 35 -2.23 -26.79 -43.40
CA TYR D 35 -1.81 -26.69 -41.98
C TYR D 35 -0.51 -27.44 -41.77
N THR D 36 0.32 -26.92 -40.87
CA THR D 36 1.43 -27.68 -40.26
C THR D 36 0.80 -28.89 -39.58
N ASN D 37 1.30 -30.10 -39.85
CA ASN D 37 0.82 -31.29 -39.11
C ASN D 37 1.95 -31.77 -38.20
N ARG D 38 1.93 -31.34 -36.94
CA ARG D 38 2.86 -31.84 -35.90
C ARG D 38 2.61 -33.34 -35.73
N ARG D 39 3.65 -34.09 -35.37
CA ARG D 39 3.56 -35.56 -35.16
C ARG D 39 3.10 -35.79 -33.72
N ALA D 40 1.90 -35.26 -33.40
CA ALA D 40 1.43 -35.00 -32.02
C ALA D 40 1.02 -36.30 -31.31
N ASN D 41 0.63 -37.35 -32.04
CA ASN D 41 0.09 -38.59 -31.44
C ASN D 41 1.18 -39.66 -31.32
N GLN D 42 2.46 -39.28 -31.42
CA GLN D 42 3.62 -40.20 -31.34
C GLN D 42 4.36 -39.96 -30.02
N LYS D 43 4.89 -41.02 -29.42
CA LYS D 43 5.73 -40.92 -28.20
C LYS D 43 7.18 -40.68 -28.65
N LEU D 44 7.67 -39.45 -28.48
CA LEU D 44 8.93 -38.98 -29.10
C LEU D 44 9.81 -38.29 -28.06
N PRO D 45 11.15 -38.28 -28.28
CA PRO D 45 12.07 -37.57 -27.41
C PRO D 45 12.03 -36.05 -27.56
N GLY D 46 12.20 -35.33 -26.46
CA GLY D 46 12.33 -33.87 -26.44
C GLY D 46 11.22 -33.20 -27.24
N LYS D 47 11.58 -32.28 -28.14
CA LYS D 47 10.61 -31.48 -28.93
C LYS D 47 10.50 -32.06 -30.35
N ALA D 48 10.76 -33.35 -30.52
CA ALA D 48 10.72 -34.03 -31.84
C ALA D 48 9.35 -33.86 -32.51
N PHE D 49 8.25 -33.85 -31.74
CA PHE D 49 6.88 -33.89 -32.32
C PHE D 49 6.63 -32.62 -33.17
N MET D 50 7.32 -31.53 -32.84
CA MET D 50 7.20 -30.22 -33.55
C MET D 50 7.96 -30.27 -34.89
N HIS D 51 8.77 -31.30 -35.13
CA HIS D 51 9.70 -31.34 -36.28
C HIS D 51 9.42 -32.58 -37.15
N GLY D 52 10.06 -32.64 -38.32
CA GLY D 52 9.82 -33.69 -39.32
C GLY D 52 8.39 -33.63 -39.85
N THR D 53 7.84 -32.42 -39.95
CA THR D 53 6.42 -32.15 -40.27
C THR D 53 6.25 -31.88 -41.77
N ASP D 54 5.10 -32.29 -42.29
CA ASP D 54 4.62 -31.90 -43.63
C ASP D 54 3.35 -31.06 -43.46
N ILE D 55 2.76 -30.66 -44.58
CA ILE D 55 1.55 -29.80 -44.65
C ILE D 55 0.35 -30.69 -44.95
N GLY D 56 -0.67 -30.66 -44.09
CA GLY D 56 -1.93 -31.38 -44.31
C GLY D 56 -2.91 -30.54 -45.10
N ILE D 57 -3.89 -31.19 -45.71
CA ILE D 57 -4.97 -30.56 -46.54
C ILE D 57 -6.32 -30.96 -45.94
N ALA D 58 -7.14 -29.98 -45.57
CA ALA D 58 -8.58 -30.17 -45.29
C ALA D 58 -9.36 -29.43 -46.36
N GLU D 59 -10.42 -30.04 -46.89
CA GLU D 59 -11.21 -29.48 -48.02
C GLU D 59 -12.68 -29.41 -47.61
N SER D 60 -13.35 -28.31 -47.98
CA SER D 60 -14.82 -28.16 -47.89
C SER D 60 -15.37 -27.84 -49.28
N LYS D 61 -16.40 -28.59 -49.71
CA LYS D 61 -17.09 -28.38 -51.00
C LYS D 61 -18.47 -27.76 -50.76
N ASP D 62 -18.84 -27.49 -49.51
CA ASP D 62 -20.19 -27.00 -49.14
C ASP D 62 -20.09 -25.67 -48.37
N GLY D 63 -19.08 -24.86 -48.71
CA GLY D 63 -18.91 -23.50 -48.14
C GLY D 63 -18.53 -23.53 -46.68
N GLY D 64 -17.82 -24.56 -46.23
CA GLY D 64 -17.21 -24.65 -44.89
C GLY D 64 -18.12 -25.32 -43.86
N ARG D 65 -19.26 -25.85 -44.28
CA ARG D 65 -20.21 -26.54 -43.36
C ARG D 65 -19.59 -27.89 -42.93
N THR D 66 -18.89 -28.57 -43.84
CA THR D 66 -18.23 -29.88 -43.57
C THR D 66 -16.82 -29.88 -44.17
N TRP D 67 -15.87 -30.49 -43.44
CA TRP D 67 -14.44 -30.55 -43.80
C TRP D 67 -13.98 -32.00 -43.86
N PHE D 68 -13.11 -32.30 -44.83
CA PHE D 68 -12.59 -33.66 -45.08
C PHE D 68 -11.09 -33.57 -45.37
N TYR D 69 -10.32 -34.44 -44.73
CA TYR D 69 -8.88 -34.64 -45.01
C TYR D 69 -8.71 -35.09 -46.46
N ARG D 70 -7.73 -34.53 -47.17
CA ARG D 70 -7.43 -34.94 -48.58
C ARG D 70 -6.03 -35.57 -48.67
N GLY D 71 -5.09 -35.18 -47.81
CA GLY D 71 -3.72 -35.72 -47.85
C GLY D 71 -2.70 -34.69 -47.46
N THR D 72 -1.48 -34.80 -48.01
CA THR D 72 -0.32 -33.97 -47.62
C THR D 72 0.28 -33.28 -48.84
N ILE D 73 0.94 -32.16 -48.57
CA ILE D 73 1.99 -31.56 -49.43
C ILE D 73 3.32 -31.88 -48.76
N GLU D 74 4.11 -32.76 -49.39
CA GLU D 74 5.42 -33.23 -48.89
C GLU D 74 6.50 -32.57 -49.75
N LEU D 75 7.00 -31.43 -49.28
CA LEU D 75 7.98 -30.60 -50.01
C LEU D 75 9.36 -31.24 -49.82
N GLN D 76 10.29 -30.90 -50.71
CA GLN D 76 11.70 -31.32 -50.61
C GLN D 76 12.58 -30.07 -50.71
N TYR D 77 13.55 -29.96 -49.81
CA TYR D 77 14.64 -28.96 -49.90
C TYR D 77 15.93 -29.67 -49.47
N GLY D 78 16.78 -30.00 -50.45
CA GLY D 78 18.00 -30.78 -50.24
C GLY D 78 17.68 -32.20 -49.84
N ARG D 79 18.62 -32.88 -49.19
CA ARG D 79 18.51 -34.32 -48.83
C ARG D 79 17.89 -34.47 -47.45
N GLY D 80 17.30 -35.64 -47.22
CA GLY D 80 16.94 -36.13 -45.89
C GLY D 80 15.52 -35.79 -45.49
N ARG D 81 15.15 -36.16 -44.27
CA ARG D 81 13.85 -35.85 -43.64
C ARG D 81 14.00 -34.48 -42.96
N ASN D 82 13.27 -33.48 -43.45
CA ASN D 82 13.37 -32.10 -42.94
C ASN D 82 12.02 -31.70 -42.34
N THR D 83 11.90 -30.43 -41.95
CA THR D 83 10.73 -29.89 -41.23
C THR D 83 10.13 -28.74 -42.05
N PHE D 84 8.84 -28.82 -42.36
CA PHE D 84 8.09 -27.75 -43.06
C PHE D 84 6.99 -27.21 -42.14
N TRP D 85 6.94 -25.88 -42.00
CA TRP D 85 6.07 -25.16 -41.04
C TRP D 85 5.27 -24.05 -41.72
N ALA D 86 4.00 -23.91 -41.34
CA ALA D 86 3.25 -22.64 -41.36
C ALA D 86 3.33 -21.98 -42.73
N PRO D 87 2.85 -22.66 -43.80
CA PRO D 87 2.87 -22.05 -45.13
C PRO D 87 1.96 -20.83 -45.18
N GLU D 88 2.44 -19.77 -45.83
CA GLU D 88 1.60 -18.70 -46.41
C GLU D 88 1.34 -19.11 -47.86
N VAL D 89 0.10 -19.02 -48.33
CA VAL D 89 -0.23 -19.28 -49.76
C VAL D 89 -1.13 -18.14 -50.26
N ILE D 90 -0.72 -17.49 -51.34
CA ILE D 90 -1.55 -16.49 -52.06
C ILE D 90 -1.72 -16.98 -53.50
N PHE D 91 -2.88 -16.67 -54.08
CA PHE D 91 -3.18 -16.89 -55.52
C PHE D 91 -2.94 -15.55 -56.23
N TYR D 92 -2.06 -15.55 -57.23
CA TYR D 92 -1.71 -14.33 -57.99
C TYR D 92 -1.35 -14.72 -59.42
N GLU D 93 -2.00 -14.07 -60.39
CA GLU D 93 -1.72 -14.24 -61.84
C GLU D 93 -1.70 -15.74 -62.18
N GLY D 94 -2.77 -16.45 -61.80
CA GLY D 94 -3.06 -17.82 -62.26
C GLY D 94 -2.25 -18.89 -61.55
N GLU D 95 -1.50 -18.54 -60.50
CA GLU D 95 -0.61 -19.49 -59.78
C GLU D 95 -0.70 -19.27 -58.27
N TYR D 96 -0.42 -20.33 -57.52
CA TYR D 96 -0.32 -20.30 -56.05
C TYR D 96 1.15 -20.12 -55.68
N HIS D 97 1.40 -19.16 -54.78
CA HIS D 97 2.73 -18.76 -54.30
C HIS D 97 2.79 -19.11 -52.81
N MET D 98 3.69 -20.03 -52.44
CA MET D 98 3.83 -20.52 -51.06
C MET D 98 5.14 -20.00 -50.47
N TYR D 99 5.07 -19.43 -49.27
CA TYR D 99 6.24 -19.06 -48.43
C TYR D 99 6.17 -19.92 -47.18
N VAL D 100 6.98 -20.97 -47.16
CA VAL D 100 6.93 -22.03 -46.12
C VAL D 100 8.21 -21.94 -45.29
N SER D 101 8.08 -22.16 -44.00
CA SER D 101 9.22 -22.15 -43.05
C SER D 101 9.85 -23.53 -43.05
N PHE D 102 11.18 -23.57 -43.05
CA PHE D 102 12.00 -24.80 -43.17
C PHE D 102 12.95 -24.87 -41.97
N VAL D 103 12.95 -26.03 -41.31
CA VAL D 103 13.98 -26.38 -40.29
C VAL D 103 14.72 -27.59 -40.82
N PRO D 104 16.07 -27.53 -40.92
CA PRO D 104 16.85 -28.68 -41.36
C PRO D 104 16.69 -29.86 -40.40
N GLY D 105 16.54 -31.06 -40.95
CA GLY D 105 16.46 -32.32 -40.21
C GLY D 105 15.20 -32.39 -39.35
N VAL D 106 15.31 -33.10 -38.24
CA VAL D 106 14.22 -33.25 -37.23
C VAL D 106 14.82 -32.96 -35.87
N PRO D 107 15.01 -31.67 -35.51
CA PRO D 107 15.51 -31.31 -34.19
C PRO D 107 14.63 -31.81 -33.04
N GLN D 108 15.22 -31.83 -31.85
CA GLN D 108 14.55 -32.22 -30.57
C GLN D 108 14.61 -31.05 -29.59
N ASP D 109 15.05 -29.88 -30.07
CA ASP D 109 15.11 -28.61 -29.31
C ASP D 109 15.04 -27.48 -30.33
N TRP D 110 15.15 -26.23 -29.87
CA TRP D 110 15.05 -25.03 -30.75
C TRP D 110 16.42 -24.65 -31.35
N ASN D 111 17.45 -25.50 -31.21
CA ASN D 111 18.86 -25.17 -31.55
C ASN D 111 19.13 -25.52 -33.01
N ALA D 112 18.40 -24.90 -33.94
CA ALA D 112 18.59 -25.12 -35.39
C ALA D 112 18.24 -23.86 -36.16
N GLU D 113 18.74 -23.76 -37.39
CA GLU D 113 18.40 -22.67 -38.33
C GLU D 113 16.93 -22.80 -38.73
N ARG D 114 16.38 -21.71 -39.27
CA ARG D 114 15.06 -21.69 -39.92
C ARG D 114 15.15 -20.77 -41.13
N TYR D 115 14.68 -21.23 -42.28
CA TYR D 115 14.61 -20.44 -43.54
C TYR D 115 13.16 -20.31 -43.97
N ILE D 116 12.89 -19.29 -44.80
CA ILE D 116 11.62 -19.19 -45.54
C ILE D 116 11.93 -19.53 -47.00
N LEU D 117 11.20 -20.52 -47.53
CA LEU D 117 11.37 -21.04 -48.91
C LEU D 117 10.14 -20.67 -49.74
N TYR D 118 10.37 -20.42 -51.02
CA TYR D 118 9.36 -20.04 -52.02
C TYR D 118 9.13 -21.22 -52.96
N TYR D 119 7.89 -21.73 -52.99
CA TYR D 119 7.43 -22.78 -53.94
C TYR D 119 6.23 -22.22 -54.71
N LYS D 120 6.01 -22.72 -55.93
CA LYS D 120 4.85 -22.33 -56.77
C LYS D 120 4.08 -23.58 -57.20
N SER D 121 2.79 -23.40 -57.45
CA SER D 121 1.87 -24.48 -57.90
C SER D 121 0.79 -23.89 -58.82
N LYS D 122 0.35 -24.68 -59.79
CA LYS D 122 -0.84 -24.36 -60.63
C LYS D 122 -2.10 -24.97 -60.02
N ASN D 123 -1.99 -25.97 -59.13
CA ASN D 123 -3.15 -26.84 -58.77
C ASN D 123 -3.23 -27.15 -57.27
N LEU D 124 -2.33 -26.61 -56.43
CA LEU D 124 -2.28 -26.78 -54.96
C LEU D 124 -1.78 -28.17 -54.54
N TRP D 125 -1.81 -29.17 -55.43
CA TRP D 125 -1.27 -30.53 -55.16
C TRP D 125 0.25 -30.56 -55.36
N ASP D 126 0.69 -30.04 -56.51
CA ASP D 126 2.06 -30.21 -57.04
C ASP D 126 2.80 -28.88 -56.95
N TRP D 127 3.97 -28.90 -56.29
CA TRP D 127 4.76 -27.68 -55.98
C TRP D 127 6.14 -27.80 -56.60
N GLU D 128 6.61 -26.68 -57.16
CA GLU D 128 7.98 -26.54 -57.71
C GLU D 128 8.73 -25.55 -56.83
N PHE D 129 9.92 -25.92 -56.38
CA PHE D 129 10.84 -25.05 -55.61
C PHE D 129 11.29 -23.90 -56.50
N VAL D 130 11.26 -22.67 -55.97
CA VAL D 130 11.78 -21.47 -56.68
C VAL D 130 13.12 -21.08 -56.03
N CYS D 131 13.11 -20.71 -54.75
CA CYS D 131 14.34 -20.25 -54.07
C CYS D 131 14.16 -20.19 -52.55
N LYS D 132 15.29 -20.14 -51.86
CA LYS D 132 15.37 -19.74 -50.44
C LYS D 132 15.41 -18.21 -50.39
N LEU D 133 14.51 -17.60 -49.62
CA LEU D 133 14.54 -16.13 -49.38
C LEU D 133 15.78 -15.77 -48.58
N GLU D 134 16.42 -14.65 -48.93
CA GLU D 134 17.55 -14.07 -48.16
C GLU D 134 16.98 -12.94 -47.29
N LEU D 135 16.61 -13.28 -46.06
CA LEU D 135 16.00 -12.32 -45.10
C LEU D 135 17.05 -11.95 -44.04
N SER D 136 16.61 -11.41 -42.90
CA SER D 136 17.46 -10.69 -41.92
C SER D 136 18.37 -11.65 -41.15
N SER D 137 18.07 -12.95 -41.13
CA SER D 137 18.89 -13.96 -40.41
C SER D 137 18.63 -15.37 -40.97
N ASN D 138 19.31 -16.36 -40.42
CA ASN D 138 19.08 -17.79 -40.75
C ASN D 138 18.25 -18.43 -39.64
N LYS D 139 17.43 -17.63 -38.93
CA LYS D 139 16.37 -18.11 -38.01
C LYS D 139 15.09 -17.31 -38.25
N VAL D 140 14.46 -17.51 -39.40
CA VAL D 140 13.25 -16.75 -39.84
C VAL D 140 12.11 -17.73 -40.12
N ILE D 141 10.91 -17.45 -39.61
CA ILE D 141 9.71 -18.33 -39.79
C ILE D 141 8.45 -17.48 -39.91
N ASP D 142 7.35 -18.13 -40.32
CA ASP D 142 5.95 -17.67 -40.17
C ASP D 142 5.70 -16.48 -41.11
N ALA D 143 5.98 -16.64 -42.40
CA ALA D 143 5.71 -15.60 -43.42
C ALA D 143 4.21 -15.32 -43.51
N CYS D 144 3.85 -14.05 -43.68
CA CYS D 144 2.53 -13.65 -44.24
C CYS D 144 2.79 -12.56 -45.27
N VAL D 145 1.94 -12.48 -46.30
CA VAL D 145 2.13 -11.55 -47.44
C VAL D 145 0.83 -10.76 -47.62
N PHE D 146 0.96 -9.49 -48.00
CA PHE D 146 -0.18 -8.63 -48.39
C PHE D 146 0.28 -7.72 -49.52
N GLN D 147 -0.51 -7.63 -50.58
CA GLN D 147 -0.21 -6.74 -51.73
C GLN D 147 -0.68 -5.33 -51.39
N MET D 148 0.24 -4.38 -51.45
CA MET D 148 -0.01 -2.95 -51.12
C MET D 148 -0.64 -2.27 -52.33
N PRO D 149 -1.30 -1.11 -52.14
CA PRO D 149 -2.00 -0.42 -53.23
C PRO D 149 -1.15 -0.13 -54.48
N ASP D 150 0.16 0.08 -54.32
CA ASP D 150 1.08 0.42 -55.44
C ASP D 150 1.50 -0.85 -56.20
N GLY D 151 1.04 -2.03 -55.75
CA GLY D 151 1.29 -3.32 -56.42
C GLY D 151 2.46 -4.08 -55.82
N THR D 152 3.28 -3.42 -55.00
CA THR D 152 4.37 -4.06 -54.22
C THR D 152 3.73 -5.08 -53.27
N PHE D 153 4.43 -6.19 -53.02
CA PHE D 153 4.07 -7.18 -51.97
C PHE D 153 4.88 -6.87 -50.73
N ARG D 154 4.23 -6.90 -49.57
CA ARG D 154 4.91 -6.77 -48.26
C ARG D 154 4.81 -8.12 -47.55
N MET D 155 5.92 -8.55 -46.94
CA MET D 155 5.99 -9.79 -46.14
C MET D 155 6.32 -9.42 -44.69
N TRP D 156 5.67 -10.09 -43.75
CA TRP D 156 6.05 -10.07 -42.33
C TRP D 156 6.48 -11.48 -41.93
N TYR D 157 7.43 -11.56 -41.00
CA TYR D 157 7.98 -12.84 -40.52
C TYR D 157 8.60 -12.59 -39.14
N LYS D 158 8.83 -13.68 -38.43
CA LYS D 158 9.48 -13.69 -37.09
C LYS D 158 10.97 -13.91 -37.30
N ASP D 159 11.81 -13.01 -36.75
CA ASP D 159 13.28 -13.17 -36.76
C ASP D 159 13.73 -13.60 -35.36
N GLU D 160 13.97 -14.90 -35.16
CA GLU D 160 14.38 -15.46 -33.85
C GLU D 160 15.82 -15.03 -33.51
N ALA D 161 16.61 -14.59 -34.49
CA ALA D 161 17.99 -14.12 -34.28
C ALA D 161 17.99 -12.69 -33.70
N ASP D 162 16.86 -11.98 -33.81
CA ASP D 162 16.67 -10.63 -33.22
C ASP D 162 15.42 -10.64 -32.34
N HIS D 163 15.51 -11.33 -31.19
CA HIS D 163 14.55 -11.26 -30.05
C HIS D 163 13.16 -11.75 -30.44
N SER D 164 13.03 -12.53 -31.52
CA SER D 164 11.74 -13.06 -32.04
C SER D 164 10.80 -11.87 -32.34
N TYR D 165 11.36 -10.78 -32.86
CA TYR D 165 10.60 -9.59 -33.32
C TYR D 165 10.03 -9.88 -34.72
N ILE D 166 8.87 -9.29 -35.00
CA ILE D 166 8.26 -9.29 -36.36
C ILE D 166 9.05 -8.29 -37.22
N TYR D 167 9.59 -8.77 -38.33
CA TYR D 167 10.29 -7.99 -39.38
C TYR D 167 9.37 -7.84 -40.58
N ALA D 168 9.65 -6.85 -41.43
CA ALA D 168 8.98 -6.63 -42.73
C ALA D 168 10.01 -6.71 -43.85
N ALA D 169 9.56 -7.18 -45.02
CA ALA D 169 10.32 -7.20 -46.29
C ALA D 169 9.35 -6.84 -47.41
N GLU D 170 9.85 -6.49 -48.59
CA GLU D 170 8.96 -6.14 -49.72
C GLU D 170 9.56 -6.68 -51.02
N SER D 171 8.70 -6.87 -52.01
CA SER D 171 9.07 -7.48 -53.31
C SER D 171 8.21 -6.89 -54.43
N ASN D 172 8.83 -6.67 -55.59
CA ASN D 172 8.12 -6.27 -56.83
C ASN D 172 7.84 -7.51 -57.69
N ASN D 173 8.35 -8.70 -57.33
CA ASN D 173 8.29 -9.87 -58.24
C ASN D 173 7.97 -11.19 -57.52
N LEU D 174 7.69 -11.15 -56.20
CA LEU D 174 7.32 -12.31 -55.34
C LEU D 174 8.51 -13.26 -55.10
N LYS D 175 9.66 -13.04 -55.73
CA LYS D 175 10.84 -13.94 -55.65
C LYS D 175 11.94 -13.28 -54.81
N ASP D 176 12.27 -12.02 -55.13
CA ASP D 176 13.39 -11.25 -54.51
C ASP D 176 12.79 -10.32 -53.45
N TRP D 177 13.26 -10.42 -52.21
CA TRP D 177 12.69 -9.69 -51.05
C TRP D 177 13.76 -8.77 -50.44
N LYS D 178 13.44 -7.48 -50.37
CA LYS D 178 14.26 -6.44 -49.72
C LYS D 178 13.84 -6.35 -48.25
N ILE D 179 14.78 -6.50 -47.33
CA ILE D 179 14.52 -6.38 -45.87
C ILE D 179 14.23 -4.91 -45.55
N LEU D 180 13.09 -4.63 -44.92
CA LEU D 180 12.72 -3.28 -44.44
C LEU D 180 13.25 -3.11 -43.01
N GLY D 181 13.25 -4.19 -42.23
CA GLY D 181 13.79 -4.22 -40.86
C GLY D 181 12.70 -4.55 -39.85
N PRO D 182 12.99 -4.38 -38.54
CA PRO D 182 12.02 -4.68 -37.50
C PRO D 182 10.73 -3.84 -37.68
N ALA D 183 9.58 -4.50 -37.65
CA ALA D 183 8.24 -3.87 -37.74
C ALA D 183 7.67 -3.65 -36.34
N LEU D 184 7.85 -4.63 -35.43
CA LEU D 184 7.35 -4.58 -34.04
C LEU D 184 8.47 -5.03 -33.10
N THR D 185 8.86 -4.19 -32.13
CA THR D 185 9.98 -4.46 -31.19
C THR D 185 9.46 -4.43 -29.74
N ASP D 186 8.15 -4.59 -29.54
CA ASP D 186 7.49 -4.46 -28.21
C ASP D 186 7.58 -5.78 -27.44
N ARG D 187 7.47 -6.92 -28.12
CA ARG D 187 7.44 -8.25 -27.47
C ARG D 187 7.82 -9.32 -28.47
N PRO D 188 8.40 -10.45 -28.02
CA PRO D 188 8.59 -11.60 -28.90
C PRO D 188 7.19 -12.13 -29.26
N GLN D 189 7.00 -12.51 -30.52
CA GLN D 189 5.72 -13.08 -31.00
C GLN D 189 5.95 -13.71 -32.36
N GLU D 190 4.98 -14.49 -32.84
CA GLU D 190 5.12 -15.18 -34.14
C GLU D 190 3.77 -15.15 -34.86
N GLY D 191 3.66 -15.89 -35.96
CA GLY D 191 2.43 -16.04 -36.75
C GLY D 191 1.81 -14.71 -37.14
N PRO D 192 2.58 -13.71 -37.65
CA PRO D 192 1.99 -12.45 -38.07
C PRO D 192 0.98 -12.72 -39.20
N ASN D 193 -0.12 -11.97 -39.21
CA ASN D 193 -1.16 -12.09 -40.25
C ASN D 193 -1.74 -10.70 -40.52
N VAL D 194 -1.51 -10.16 -41.71
CA VAL D 194 -1.92 -8.77 -42.08
C VAL D 194 -3.12 -8.86 -43.04
N PHE D 195 -4.13 -8.02 -42.79
CA PHE D 195 -5.32 -7.90 -43.66
C PHE D 195 -5.83 -6.46 -43.59
N TRP D 196 -6.63 -6.09 -44.58
CA TRP D 196 -7.32 -4.78 -44.68
C TRP D 196 -8.79 -4.98 -44.33
N TRP D 197 -9.30 -4.17 -43.41
CA TRP D 197 -10.72 -4.23 -42.95
C TRP D 197 -11.06 -2.92 -42.26
N LYS D 198 -12.31 -2.46 -42.39
CA LYS D 198 -12.80 -1.25 -41.69
C LYS D 198 -11.83 -0.08 -41.93
N SER D 199 -11.37 0.08 -43.17
CA SER D 199 -10.59 1.24 -43.68
C SER D 199 -9.21 1.34 -43.02
N LYS D 200 -8.66 0.21 -42.53
CA LYS D 200 -7.32 0.16 -41.88
C LYS D 200 -6.63 -1.16 -42.21
N TYR D 201 -5.31 -1.20 -42.06
CA TYR D 201 -4.51 -2.44 -41.99
C TYR D 201 -4.55 -2.97 -40.56
N TRP D 202 -4.64 -4.29 -40.43
CA TRP D 202 -4.59 -5.01 -39.14
C TRP D 202 -3.47 -6.03 -39.21
N MET D 203 -2.76 -6.21 -38.10
CA MET D 203 -1.86 -7.38 -37.93
C MET D 203 -2.32 -8.14 -36.69
N ILE D 204 -2.56 -9.43 -36.87
CA ILE D 204 -2.72 -10.39 -35.75
C ILE D 204 -1.37 -11.08 -35.55
N THR D 205 -0.94 -11.21 -34.30
CA THR D 205 0.32 -11.90 -33.93
C THR D 205 0.00 -12.97 -32.89
N ASP D 206 0.99 -13.79 -32.55
CA ASP D 206 0.86 -14.81 -31.48
C ASP D 206 2.00 -14.60 -30.49
N PRO D 207 1.78 -13.77 -29.45
CA PRO D 207 2.71 -13.65 -28.33
C PRO D 207 2.49 -14.69 -27.21
N TRP D 208 1.75 -15.76 -27.53
CA TRP D 208 1.60 -16.98 -26.67
C TRP D 208 0.82 -16.66 -25.39
N CYS D 209 -0.11 -15.71 -25.45
CA CYS D 209 -1.07 -15.42 -24.34
C CYS D 209 -2.38 -14.94 -24.95
N GLY D 210 -2.86 -15.65 -25.96
CA GLY D 210 -3.86 -15.14 -26.91
C GLY D 210 -3.15 -14.38 -28.01
N LEU D 211 -3.91 -13.81 -28.94
CA LEU D 211 -3.36 -13.21 -30.18
C LEU D 211 -3.24 -11.69 -30.01
N GLY D 212 -2.10 -11.14 -30.43
CA GLY D 212 -1.87 -9.69 -30.46
C GLY D 212 -2.66 -9.06 -31.59
N VAL D 213 -3.09 -7.81 -31.40
CA VAL D 213 -3.84 -7.05 -32.43
C VAL D 213 -3.18 -5.67 -32.57
N TYR D 214 -2.83 -5.30 -33.79
CA TYR D 214 -2.29 -3.97 -34.16
C TYR D 214 -3.08 -3.43 -35.35
N SER D 215 -3.21 -2.11 -35.46
CA SER D 215 -3.76 -1.45 -36.67
C SER D 215 -2.75 -0.41 -37.19
N SER D 216 -2.93 -0.01 -38.44
CA SER D 216 -2.02 0.92 -39.15
C SER D 216 -2.78 1.56 -40.31
N GLU D 217 -2.45 2.81 -40.64
CA GLU D 217 -2.98 3.50 -41.83
C GLU D 217 -2.13 3.12 -43.06
N ASP D 218 -0.88 2.66 -42.84
CA ASP D 218 0.12 2.50 -43.93
C ASP D 218 0.84 1.15 -43.87
N ALA D 219 0.47 0.24 -42.96
CA ALA D 219 1.12 -1.08 -42.74
C ALA D 219 2.62 -0.89 -42.42
N THR D 220 2.98 0.24 -41.81
CA THR D 220 4.37 0.57 -41.36
C THR D 220 4.35 1.02 -39.91
N ALA D 221 3.58 2.06 -39.60
CA ALA D 221 3.40 2.63 -38.25
C ALA D 221 2.24 1.88 -37.56
N TRP D 222 2.56 0.91 -36.71
CA TRP D 222 1.56 0.04 -36.03
C TRP D 222 1.17 0.61 -34.67
N HIS D 223 -0.11 0.50 -34.34
CA HIS D 223 -0.71 0.91 -33.05
C HIS D 223 -1.26 -0.34 -32.38
N ARG D 224 -0.76 -0.66 -31.18
CA ARG D 224 -1.10 -1.91 -30.46
C ARG D 224 -2.45 -1.72 -29.75
N HIS D 225 -3.29 -2.74 -29.85
CA HIS D 225 -4.62 -2.81 -29.21
C HIS D 225 -4.62 -3.98 -28.22
N GLU D 226 -5.79 -4.35 -27.72
CA GLU D 226 -5.94 -5.46 -26.75
C GLU D 226 -5.90 -6.80 -27.49
N ASN D 227 -5.33 -7.81 -26.84
CA ASN D 227 -5.26 -9.20 -27.35
C ASN D 227 -6.67 -9.75 -27.54
N ILE D 228 -6.82 -10.74 -28.42
CA ILE D 228 -8.09 -11.49 -28.64
C ILE D 228 -7.81 -12.98 -28.45
N LEU D 229 -8.87 -13.77 -28.26
CA LEU D 229 -8.81 -15.25 -28.04
C LEU D 229 -7.85 -15.56 -26.89
N ASP D 230 -7.86 -14.74 -25.84
CA ASP D 230 -7.02 -14.91 -24.63
C ASP D 230 -7.86 -15.51 -23.48
N ARG D 231 -9.19 -15.50 -23.61
CA ARG D 231 -10.12 -16.08 -22.60
C ARG D 231 -10.65 -17.40 -23.13
N PRO D 232 -10.70 -18.47 -22.29
CA PRO D 232 -11.17 -19.78 -22.75
C PRO D 232 -12.60 -19.73 -23.34
N GLY D 233 -12.81 -20.46 -24.43
CA GLY D 233 -14.13 -20.66 -25.05
C GLY D 233 -14.86 -21.82 -24.43
N LYS D 234 -16.17 -21.93 -24.69
CA LYS D 234 -17.05 -23.01 -24.17
C LYS D 234 -17.21 -24.12 -25.23
N ARG D 235 -16.90 -23.84 -26.50
CA ARG D 235 -17.07 -24.83 -27.59
C ARG D 235 -16.02 -25.95 -27.44
N GLU D 236 -16.31 -27.10 -28.04
CA GLU D 236 -15.45 -28.31 -28.01
C GLU D 236 -14.05 -27.92 -28.51
N ASP D 237 -13.03 -28.20 -27.69
CA ASP D 237 -11.59 -28.00 -27.98
C ASP D 237 -11.24 -26.52 -28.09
N ASP D 238 -12.11 -25.61 -27.61
CA ASP D 238 -11.90 -24.15 -27.74
C ASP D 238 -11.65 -23.51 -26.37
N GLY D 239 -11.31 -24.32 -25.36
CA GLY D 239 -11.19 -23.89 -23.95
C GLY D 239 -9.78 -23.43 -23.57
N GLN D 240 -9.01 -22.96 -24.55
CA GLN D 240 -7.62 -22.49 -24.33
C GLN D 240 -7.35 -21.28 -25.24
N ILE D 241 -6.21 -20.63 -25.05
CA ILE D 241 -5.77 -19.48 -25.89
C ILE D 241 -5.73 -19.93 -27.36
N GLY D 242 -6.12 -19.02 -28.27
CA GLY D 242 -5.98 -19.21 -29.71
C GLY D 242 -4.53 -19.00 -30.14
N HIS D 243 -4.11 -19.68 -31.20
CA HIS D 243 -2.73 -19.64 -31.73
C HIS D 243 -2.74 -19.41 -33.25
N HIS D 244 -1.68 -18.74 -33.72
CA HIS D 244 -1.24 -18.61 -35.14
C HIS D 244 -2.46 -18.54 -36.06
N ALA D 245 -3.01 -17.34 -36.21
CA ALA D 245 -4.30 -17.08 -36.89
C ALA D 245 -4.09 -16.82 -38.38
N ASP D 246 -5.12 -17.10 -39.17
CA ASP D 246 -5.28 -16.64 -40.58
C ASP D 246 -6.64 -15.98 -40.69
N VAL D 247 -6.67 -14.73 -41.12
CA VAL D 247 -7.94 -13.95 -41.24
C VAL D 247 -8.38 -13.99 -42.70
N LEU D 248 -9.64 -14.36 -42.93
CA LEU D 248 -10.29 -14.33 -44.27
C LEU D 248 -11.37 -13.25 -44.24
N VAL D 249 -11.16 -12.18 -44.99
CA VAL D 249 -12.18 -11.12 -45.21
C VAL D 249 -13.11 -11.59 -46.33
N ILE D 250 -14.39 -11.79 -46.01
CA ILE D 250 -15.46 -12.15 -46.99
C ILE D 250 -15.94 -10.84 -47.64
N ASP D 251 -16.28 -9.84 -46.82
CA ASP D 251 -16.77 -8.52 -47.29
C ASP D 251 -16.55 -7.48 -46.19
N ASP D 252 -17.07 -6.26 -46.36
CA ASP D 252 -16.84 -5.12 -45.44
C ASP D 252 -17.37 -5.44 -44.03
N GLU D 253 -18.34 -6.34 -43.91
CA GLU D 253 -19.03 -6.66 -42.63
C GLU D 253 -18.56 -8.00 -42.05
N THR D 254 -17.99 -8.88 -42.87
CA THR D 254 -17.77 -10.31 -42.53
C THR D 254 -16.28 -10.67 -42.66
N ALA D 255 -15.64 -10.96 -41.54
CA ALA D 255 -14.26 -11.49 -41.49
C ALA D 255 -14.21 -12.66 -40.50
N TYR D 256 -13.61 -13.77 -40.91
CA TYR D 256 -13.45 -14.98 -40.08
C TYR D 256 -11.99 -15.08 -39.66
N ILE D 257 -11.74 -15.56 -38.45
CA ILE D 257 -10.36 -15.84 -37.96
C ILE D 257 -10.24 -17.36 -37.77
N PHE D 258 -9.31 -17.97 -38.53
CA PHE D 258 -8.91 -19.38 -38.40
C PHE D 258 -7.70 -19.43 -37.48
N TYR D 259 -7.69 -20.39 -36.56
CA TYR D 259 -6.63 -20.50 -35.53
C TYR D 259 -6.57 -21.95 -35.05
N PHE D 260 -5.67 -22.24 -34.13
CA PHE D 260 -5.63 -23.56 -33.47
C PHE D 260 -5.50 -23.39 -31.96
N THR D 261 -5.85 -24.45 -31.25
CA THR D 261 -5.69 -24.59 -29.79
C THR D 261 -4.92 -25.89 -29.50
N HIS D 262 -4.29 -25.92 -28.33
CA HIS D 262 -3.91 -27.14 -27.59
C HIS D 262 -5.02 -27.41 -26.59
N PRO D 263 -6.09 -28.16 -26.97
CA PRO D 263 -7.27 -28.28 -26.13
C PRO D 263 -7.02 -28.88 -24.73
N GLU D 264 -5.97 -29.69 -24.56
CA GLU D 264 -5.62 -30.32 -23.26
C GLU D 264 -4.93 -29.33 -22.32
N GLY D 265 -4.49 -28.17 -22.82
CA GLY D 265 -3.89 -27.08 -22.02
C GLY D 265 -2.50 -27.41 -21.53
N MET D 266 -2.12 -26.85 -20.37
CA MET D 266 -0.79 -27.01 -19.70
C MET D 266 0.34 -26.51 -20.60
N GLU D 267 0.08 -25.58 -21.51
CA GLU D 267 1.11 -25.12 -22.48
C GLU D 267 2.29 -24.49 -21.72
N GLY D 268 3.51 -24.73 -22.22
CA GLY D 268 4.76 -24.16 -21.71
C GLY D 268 5.30 -24.86 -20.48
N THR D 269 4.58 -25.85 -19.95
CA THR D 269 4.93 -26.51 -18.66
C THR D 269 5.85 -27.70 -18.91
N GLU D 270 6.58 -28.11 -17.86
CA GLU D 270 7.34 -29.38 -17.83
C GLU D 270 6.39 -30.54 -18.18
N GLU D 271 5.20 -30.56 -17.57
CA GLU D 271 4.17 -31.62 -17.77
C GLU D 271 3.82 -31.74 -19.27
N PHE D 272 3.62 -30.60 -19.94
CA PHE D 272 3.29 -30.56 -21.39
C PHE D 272 4.34 -31.37 -22.18
N TRP D 273 5.62 -31.13 -21.93
CA TRP D 273 6.74 -31.77 -22.67
C TRP D 273 6.94 -33.23 -22.26
N LYS D 274 6.49 -33.63 -21.07
CA LYS D 274 6.74 -34.98 -20.53
C LYS D 274 5.60 -35.95 -20.89
N ASP D 275 4.44 -35.44 -21.34
CA ASP D 275 3.26 -36.27 -21.65
C ASP D 275 2.69 -35.89 -23.01
N SER D 276 2.80 -36.79 -23.99
CA SER D 276 2.36 -36.59 -25.39
C SER D 276 0.85 -36.35 -25.48
N LYS D 277 0.06 -36.65 -24.45
CA LYS D 277 -1.40 -36.35 -24.47
C LYS D 277 -1.62 -34.85 -24.73
N TYR D 278 -0.67 -33.98 -24.34
CA TYR D 278 -0.82 -32.51 -24.45
C TYR D 278 -0.46 -31.99 -25.85
N TRP D 279 0.12 -32.82 -26.71
CA TRP D 279 0.73 -32.34 -27.97
C TRP D 279 -0.32 -32.09 -29.06
N ARG D 280 -1.47 -32.77 -28.99
CA ARG D 280 -2.50 -32.68 -30.06
C ARG D 280 -3.04 -31.25 -30.13
N THR D 281 -3.44 -30.83 -31.33
CA THR D 281 -3.98 -29.48 -31.61
C THR D 281 -5.23 -29.63 -32.47
N SER D 282 -6.12 -28.65 -32.38
CA SER D 282 -7.41 -28.60 -33.10
C SER D 282 -7.51 -27.27 -33.82
N LEU D 283 -7.92 -27.29 -35.08
CA LEU D 283 -8.26 -26.06 -35.84
C LEU D 283 -9.62 -25.57 -35.35
N GLN D 284 -9.78 -24.25 -35.34
CA GLN D 284 -11.04 -23.58 -34.94
C GLN D 284 -11.26 -22.40 -35.87
N VAL D 285 -12.50 -21.94 -35.96
CA VAL D 285 -12.81 -20.64 -36.61
C VAL D 285 -13.72 -19.85 -35.66
N ALA D 286 -13.60 -18.53 -35.69
CA ALA D 286 -14.50 -17.59 -35.00
C ALA D 286 -14.73 -16.40 -35.92
N LYS D 287 -15.67 -15.54 -35.54
CA LYS D 287 -16.05 -14.35 -36.34
C LYS D 287 -15.47 -13.10 -35.67
N LEU D 288 -14.75 -12.29 -36.43
CA LEU D 288 -14.28 -10.97 -35.95
C LEU D 288 -15.45 -9.99 -35.97
N GLU D 289 -15.51 -9.10 -34.99
CA GLU D 289 -16.44 -7.94 -34.99
C GLU D 289 -15.62 -6.68 -34.81
N TYR D 290 -16.21 -5.54 -35.15
CA TYR D 290 -15.62 -4.18 -35.03
C TYR D 290 -16.57 -3.37 -34.17
N VAL D 291 -16.16 -3.09 -32.93
CA VAL D 291 -16.99 -2.43 -31.88
C VAL D 291 -16.16 -1.30 -31.27
N ASP D 292 -16.66 -0.07 -31.36
CA ASP D 292 -16.02 1.13 -30.77
C ASP D 292 -14.58 1.23 -31.27
N GLY D 293 -14.37 1.02 -32.57
CA GLY D 293 -13.06 1.21 -33.25
C GLY D 293 -12.07 0.09 -32.95
N LYS D 294 -12.52 -1.01 -32.34
CA LYS D 294 -11.63 -2.14 -31.93
C LYS D 294 -12.06 -3.42 -32.65
N VAL D 295 -11.09 -4.19 -33.14
CA VAL D 295 -11.33 -5.59 -33.57
C VAL D 295 -11.47 -6.43 -32.30
N VAL D 296 -12.62 -7.08 -32.14
CA VAL D 296 -12.96 -7.96 -30.99
C VAL D 296 -13.38 -9.31 -31.54
N CYS D 297 -13.44 -10.31 -30.67
CA CYS D 297 -13.86 -11.68 -31.07
C CYS D 297 -14.47 -12.39 -29.86
N ASP D 298 -15.77 -12.67 -29.96
CA ASP D 298 -16.51 -13.54 -29.01
C ASP D 298 -16.53 -14.94 -29.62
N ARG D 299 -15.59 -15.78 -29.20
CA ARG D 299 -15.38 -17.14 -29.76
C ARG D 299 -16.59 -18.03 -29.43
N ASP D 300 -17.41 -17.67 -28.44
CA ASP D 300 -18.58 -18.48 -27.99
C ASP D 300 -19.82 -18.14 -28.82
N LYS D 301 -19.87 -16.94 -29.42
CA LYS D 301 -21.10 -16.35 -30.02
C LYS D 301 -21.48 -17.12 -31.29
N GLU D 302 -22.76 -17.47 -31.42
CA GLU D 302 -23.35 -18.11 -32.62
C GLU D 302 -23.12 -17.18 -33.82
N PHE D 303 -22.76 -17.76 -34.97
CA PHE D 303 -22.76 -17.07 -36.28
C PHE D 303 -22.98 -18.12 -37.37
N ASP D 304 -23.38 -17.67 -38.56
CA ASP D 304 -23.55 -18.53 -39.75
C ASP D 304 -22.22 -18.51 -40.51
N PHE D 305 -21.42 -19.57 -40.34
CA PHE D 305 -20.12 -19.76 -41.03
C PHE D 305 -20.40 -20.22 -42.46
N TYR D 306 -20.13 -19.35 -43.44
CA TYR D 306 -20.31 -19.65 -44.87
C TYR D 306 -19.17 -19.04 -45.68
N LEU D 307 -18.53 -19.88 -46.51
CA LEU D 307 -17.46 -19.48 -47.46
C LEU D 307 -18.03 -19.51 -48.87
N PRO D 308 -18.33 -18.34 -49.48
CA PRO D 308 -18.85 -18.30 -50.84
C PRO D 308 -17.73 -18.68 -51.83
N ASP D 309 -18.10 -19.22 -52.99
CA ASP D 309 -17.14 -19.46 -54.11
C ASP D 309 -16.62 -18.11 -54.59
N LEU D 310 -15.33 -18.01 -54.89
CA LEU D 310 -14.68 -16.79 -55.47
C LEU D 310 -14.87 -16.80 -56.99
N PRO E 2 -10.85 50.01 -0.30
CA PRO E 2 -11.70 49.30 -1.26
C PRO E 2 -12.20 47.96 -0.73
N ARG E 3 -13.11 47.35 -1.49
CA ARG E 3 -13.66 46.01 -1.14
C ARG E 3 -12.51 45.02 -1.11
N PRO E 4 -12.63 43.94 -0.31
CA PRO E 4 -11.56 42.95 -0.25
C PRO E 4 -11.45 42.20 -1.57
N PRO E 5 -10.27 41.62 -1.89
CA PRO E 5 -10.17 40.68 -3.00
C PRO E 5 -11.15 39.52 -2.78
N ALA E 6 -11.77 39.04 -3.86
CA ALA E 6 -12.64 37.85 -3.87
C ALA E 6 -12.26 36.98 -5.07
N PRO E 7 -11.72 35.76 -4.86
CA PRO E 7 -11.43 35.24 -3.53
C PRO E 7 -10.33 36.04 -2.82
N LEU E 8 -10.26 35.96 -1.50
CA LEU E 8 -9.19 36.64 -0.73
C LEU E 8 -7.84 36.07 -1.17
N PHE E 9 -7.76 34.75 -1.33
CA PHE E 9 -6.48 34.06 -1.64
C PHE E 9 -6.75 32.61 -2.04
N ARG E 10 -6.01 32.16 -3.05
CA ARG E 10 -5.89 30.73 -3.42
C ARG E 10 -4.41 30.36 -3.34
N ASP E 11 -4.13 29.19 -2.77
CA ASP E 11 -2.76 28.65 -2.63
C ASP E 11 -2.21 28.32 -4.02
N PRO E 12 -0.99 28.77 -4.36
CA PRO E 12 -0.41 28.54 -5.69
C PRO E 12 0.43 27.26 -5.85
N ILE E 13 0.37 26.33 -4.90
CA ILE E 13 1.08 25.02 -4.96
C ILE E 13 0.05 23.91 -5.22
N TYR E 14 -0.92 23.77 -4.33
CA TYR E 14 -1.95 22.69 -4.35
C TYR E 14 -3.37 23.27 -4.50
N ASP E 15 -3.56 24.58 -4.32
CA ASP E 15 -4.89 25.24 -4.42
C ASP E 15 -5.83 24.63 -3.37
N GLY E 16 -5.32 24.37 -2.17
CA GLY E 16 -6.08 23.72 -1.09
C GLY E 16 -6.19 24.56 0.17
N ALA E 17 -6.19 25.90 0.06
CA ALA E 17 -6.19 26.83 1.22
C ALA E 17 -7.48 26.71 2.03
N ALA E 18 -7.38 26.43 3.35
CA ALA E 18 -8.51 26.15 4.25
C ALA E 18 -8.14 26.49 5.69
N ASP E 19 -9.14 26.58 6.57
CA ASP E 19 -8.93 26.75 8.03
C ASP E 19 -8.00 27.93 8.28
N PRO E 20 -8.27 29.12 7.72
CA PRO E 20 -7.37 30.25 7.88
C PRO E 20 -7.29 30.72 9.33
N THR E 21 -6.09 31.09 9.77
CA THR E 21 -5.87 31.84 11.03
C THR E 21 -5.05 33.08 10.67
N ILE E 22 -5.52 34.27 11.04
CA ILE E 22 -4.83 35.54 10.72
C ILE E 22 -4.04 35.98 11.95
N ILE E 23 -2.79 36.42 11.72
CA ILE E 23 -1.86 36.80 12.81
C ILE E 23 -1.01 37.97 12.31
N TYR E 24 -0.89 39.02 13.10
CA TYR E 24 0.02 40.15 12.81
C TYR E 24 1.46 39.67 13.03
N ASN E 25 2.30 39.85 12.01
CA ASN E 25 3.75 39.57 12.05
C ASN E 25 4.45 40.85 12.53
N HIS E 26 4.76 40.94 13.83
CA HIS E 26 5.32 42.17 14.45
C HIS E 26 6.76 42.38 13.96
N LEU E 27 7.45 41.32 13.52
CA LEU E 27 8.85 41.41 13.03
C LEU E 27 8.89 42.10 11.66
N GLU E 28 7.97 41.73 10.77
CA GLU E 28 7.93 42.20 9.35
C GLU E 28 6.94 43.36 9.20
N LYS E 29 6.18 43.69 10.24
CA LYS E 29 5.11 44.72 10.22
C LYS E 29 4.20 44.40 9.02
N SER E 30 3.67 43.19 9.01
CA SER E 30 2.80 42.65 7.94
C SER E 30 1.75 41.74 8.56
N TRP E 31 0.68 41.45 7.82
CA TRP E 31 -0.38 40.51 8.23
C TRP E 31 -0.14 39.18 7.54
N TRP E 32 -0.13 38.11 8.32
CA TRP E 32 0.01 36.72 7.82
C TRP E 32 -1.31 35.98 7.98
N ILE E 33 -1.70 35.24 6.95
CA ILE E 33 -2.72 34.16 7.09
C ILE E 33 -2.00 32.83 6.97
N LEU E 34 -2.07 32.03 8.02
CA LEU E 34 -1.63 30.61 8.00
C LEU E 34 -2.86 29.76 7.70
N TYR E 35 -2.71 28.75 6.85
CA TYR E 35 -3.84 27.92 6.39
C TYR E 35 -3.40 26.47 6.21
N THR E 36 -4.30 25.55 6.50
CA THR E 36 -4.18 24.14 6.04
C THR E 36 -4.12 24.19 4.52
N ASN E 37 -3.10 23.57 3.91
CA ASN E 37 -3.06 23.46 2.43
C ASN E 37 -3.33 22.01 2.05
N ARG E 38 -4.59 21.70 1.78
CA ARG E 38 -5.01 20.38 1.23
C ARG E 38 -4.31 20.20 -0.11
N ARG E 39 -4.04 18.94 -0.48
CA ARG E 39 -3.37 18.61 -1.77
C ARG E 39 -4.46 18.49 -2.84
N ALA E 40 -5.19 19.58 -3.06
CA ALA E 40 -6.52 19.62 -3.72
C ALA E 40 -6.42 19.43 -5.24
N ASN E 41 -5.30 19.80 -5.85
CA ASN E 41 -5.15 19.79 -7.33
C ASN E 41 -4.45 18.52 -7.81
N GLN E 42 -4.38 17.48 -6.96
CA GLN E 42 -3.77 16.18 -7.30
C GLN E 42 -4.86 15.12 -7.44
N LYS E 43 -4.69 14.17 -8.37
CA LYS E 43 -5.62 13.04 -8.57
C LYS E 43 -5.17 11.92 -7.62
N LEU E 44 -5.93 11.70 -6.55
CA LEU E 44 -5.51 10.86 -5.40
C LEU E 44 -6.62 9.89 -5.03
N PRO E 45 -6.24 8.76 -4.38
CA PRO E 45 -7.21 7.79 -3.87
C PRO E 45 -7.97 8.26 -2.63
N GLY E 46 -9.24 7.86 -2.53
CA GLY E 46 -10.09 8.10 -1.34
C GLY E 46 -10.01 9.54 -0.88
N LYS E 47 -9.77 9.74 0.42
CA LYS E 47 -9.74 11.09 1.06
C LYS E 47 -8.28 11.54 1.25
N ALA E 48 -7.35 11.02 0.43
CA ALA E 48 -5.90 11.36 0.53
C ALA E 48 -5.66 12.87 0.47
N PHE E 49 -6.45 13.62 -0.32
CA PHE E 49 -6.14 15.05 -0.60
C PHE E 49 -6.22 15.86 0.71
N MET E 50 -7.03 15.39 1.66
CA MET E 50 -7.23 16.04 2.99
C MET E 50 -6.03 15.80 3.91
N HIS E 51 -5.10 14.92 3.54
CA HIS E 51 -4.01 14.43 4.44
C HIS E 51 -2.64 14.68 3.81
N GLY E 52 -1.58 14.51 4.59
CA GLY E 52 -0.21 14.80 4.14
C GLY E 52 -0.03 16.28 3.91
N THR E 53 -0.72 17.09 4.69
CA THR E 53 -0.84 18.55 4.54
C THR E 53 0.17 19.28 5.42
N ASP E 54 0.69 20.39 4.91
CA ASP E 54 1.46 21.40 5.68
C ASP E 54 0.64 22.68 5.75
N ILE E 55 1.23 23.70 6.37
CA ILE E 55 0.60 25.02 6.60
C ILE E 55 1.20 26.00 5.58
N GLY E 56 0.34 26.65 4.79
CA GLY E 56 0.73 27.69 3.84
C GLY E 56 0.75 29.06 4.50
N ILE E 57 1.52 29.99 3.92
CA ILE E 57 1.64 31.40 4.38
C ILE E 57 1.21 32.34 3.26
N ALA E 58 0.22 33.19 3.54
CA ALA E 58 -0.14 34.36 2.70
C ALA E 58 0.19 35.63 3.50
N GLU E 59 0.83 36.61 2.87
CA GLU E 59 1.30 37.84 3.55
C GLU E 59 0.70 39.06 2.83
N SER E 60 0.26 40.06 3.60
CA SER E 60 -0.11 41.39 3.08
C SER E 60 0.70 42.47 3.80
N LYS E 61 1.36 43.32 3.03
CA LYS E 61 2.16 44.48 3.53
C LYS E 61 1.39 45.79 3.34
N ASP E 62 0.18 45.75 2.77
CA ASP E 62 -0.60 46.98 2.43
C ASP E 62 -1.99 46.94 3.10
N GLY E 63 -2.08 46.35 4.30
CA GLY E 63 -3.30 46.37 5.12
C GLY E 63 -4.41 45.52 4.54
N GLY E 64 -4.06 44.47 3.80
CA GLY E 64 -5.03 43.47 3.30
C GLY E 64 -5.50 43.73 1.88
N ARG E 65 -5.00 44.78 1.22
CA ARG E 65 -5.42 45.11 -0.17
C ARG E 65 -4.84 44.07 -1.14
N THR E 66 -3.61 43.62 -0.93
CA THR E 66 -2.94 42.58 -1.79
C THR E 66 -2.31 41.51 -0.90
N TRP E 67 -2.38 40.26 -1.37
CA TRP E 67 -1.88 39.06 -0.65
C TRP E 67 -0.93 38.29 -1.55
N PHE E 68 0.16 37.80 -0.97
CA PHE E 68 1.24 37.06 -1.67
C PHE E 68 1.62 35.82 -0.88
N TYR E 69 1.71 34.69 -1.57
CA TYR E 69 2.23 33.43 -1.01
C TYR E 69 3.68 33.63 -0.59
N ARG E 70 4.06 33.13 0.58
CA ARG E 70 5.46 33.22 1.07
C ARG E 70 6.10 31.84 1.13
N GLY E 71 5.33 30.78 1.35
CA GLY E 71 5.88 29.43 1.51
C GLY E 71 5.12 28.62 2.53
N THR E 72 5.79 27.68 3.18
CA THR E 72 5.16 26.70 4.09
C THR E 72 5.83 26.72 5.47
N ILE E 73 5.05 26.31 6.45
CA ILE E 73 5.51 25.79 7.76
C ILE E 73 5.36 24.26 7.69
N GLU E 74 6.48 23.56 7.63
CA GLU E 74 6.56 22.08 7.52
C GLU E 74 6.99 21.53 8.88
N LEU E 75 6.00 21.20 9.72
CA LEU E 75 6.23 20.75 11.10
C LEU E 75 6.66 19.28 11.06
N GLN E 76 7.34 18.82 12.11
CA GLN E 76 7.71 17.40 12.29
C GLN E 76 7.19 16.95 13.65
N TYR E 77 6.54 15.79 13.67
CA TYR E 77 6.19 15.04 14.90
C TYR E 77 6.43 13.57 14.62
N GLY E 78 7.56 13.05 15.13
CA GLY E 78 8.06 11.69 14.84
C GLY E 78 8.49 11.56 13.40
N ARG E 79 8.59 10.34 12.91
CA ARG E 79 9.12 10.03 11.55
C ARG E 79 8.00 10.11 10.53
N GLY E 80 8.38 10.33 9.28
CA GLY E 80 7.55 10.07 8.09
C GLY E 80 6.79 11.29 7.64
N ARG E 81 5.96 11.10 6.62
CA ARG E 81 5.03 12.10 6.06
C ARG E 81 3.74 12.04 6.89
N ASN E 82 3.47 13.09 7.67
CA ASN E 82 2.28 13.15 8.54
C ASN E 82 1.36 14.27 8.05
N THR E 83 0.32 14.57 8.82
CA THR E 83 -0.77 15.51 8.44
C THR E 83 -0.86 16.60 9.50
N PHE E 84 -0.78 17.86 9.09
CA PHE E 84 -0.95 19.04 9.97
C PHE E 84 -2.16 19.85 9.49
N TRP E 85 -3.05 20.17 10.43
CA TRP E 85 -4.37 20.79 10.17
C TRP E 85 -4.61 22.00 11.07
N ALA E 86 -5.22 23.05 10.50
CA ALA E 86 -6.03 24.05 11.23
C ALA E 86 -5.27 24.61 12.43
N PRO E 87 -4.11 25.25 12.22
CA PRO E 87 -3.37 25.85 13.33
C PRO E 87 -4.16 27.00 13.96
N GLU E 88 -4.17 27.05 15.29
CA GLU E 88 -4.45 28.27 16.08
C GLU E 88 -3.09 28.91 16.37
N VAL E 89 -2.96 30.21 16.18
CA VAL E 89 -1.72 30.95 16.56
C VAL E 89 -2.12 32.20 17.33
N ILE E 90 -1.57 32.35 18.53
CA ILE E 90 -1.70 33.59 19.35
C ILE E 90 -0.28 34.10 19.65
N PHE E 91 -0.16 35.43 19.75
CA PHE E 91 1.06 36.11 20.23
C PHE E 91 0.87 36.39 21.72
N TYR E 92 1.83 35.98 22.55
CA TYR E 92 1.80 36.21 24.01
C TYR E 92 3.22 36.18 24.57
N GLU E 93 3.57 37.21 25.34
CA GLU E 93 4.86 37.32 26.07
C GLU E 93 6.01 37.03 25.10
N GLY E 94 6.06 37.78 23.99
CA GLY E 94 7.21 37.84 23.06
C GLY E 94 7.35 36.61 22.17
N GLU E 95 6.36 35.72 22.16
CA GLU E 95 6.41 34.46 21.36
C GLU E 95 5.06 34.20 20.69
N TYR E 96 5.11 33.47 19.57
CA TYR E 96 3.91 32.93 18.88
C TYR E 96 3.71 31.48 19.36
N HIS E 97 2.48 31.17 19.74
CA HIS E 97 2.07 29.86 20.30
C HIS E 97 1.09 29.22 19.33
N MET E 98 1.45 28.05 18.79
CA MET E 98 0.62 27.33 17.80
C MET E 98 0.06 26.06 18.43
N TYR E 99 -1.25 25.86 18.29
CA TYR E 99 -1.97 24.62 18.64
C TYR E 99 -2.49 24.04 17.32
N VAL E 100 -1.75 23.05 16.81
CA VAL E 100 -1.99 22.47 15.46
C VAL E 100 -2.55 21.06 15.64
N SER E 101 -3.47 20.68 14.77
CA SER E 101 -4.09 19.34 14.75
C SER E 101 -3.18 18.42 13.94
N PHE E 102 -2.94 17.21 14.46
CA PHE E 102 -2.01 16.22 13.87
C PHE E 102 -2.77 14.93 13.58
N VAL E 103 -2.62 14.42 12.36
CA VAL E 103 -3.08 13.06 11.98
C VAL E 103 -1.84 12.28 11.57
N PRO E 104 -1.60 11.08 12.16
CA PRO E 104 -0.45 10.28 11.79
C PRO E 104 -0.57 9.80 10.33
N GLY E 105 0.54 9.86 9.61
CA GLY E 105 0.67 9.38 8.22
C GLY E 105 -0.16 10.21 7.27
N VAL E 106 -0.61 9.57 6.19
CA VAL E 106 -1.49 10.17 5.15
C VAL E 106 -2.66 9.23 4.95
N PRO E 107 -3.66 9.24 5.86
CA PRO E 107 -4.86 8.43 5.69
C PRO E 107 -5.62 8.73 4.39
N GLN E 108 -6.49 7.79 4.02
CA GLN E 108 -7.37 7.90 2.83
C GLN E 108 -8.84 7.80 3.26
N ASP E 109 -9.08 7.85 4.57
CA ASP E 109 -10.44 7.92 5.16
C ASP E 109 -10.28 8.52 6.56
N TRP E 110 -11.35 8.55 7.35
CA TRP E 110 -11.37 9.21 8.67
C TRP E 110 -10.92 8.26 9.79
N ASN E 111 -10.39 7.08 9.46
CA ASN E 111 -10.09 6.00 10.43
C ASN E 111 -8.67 6.16 10.98
N ALA E 112 -8.39 7.28 11.65
CA ALA E 112 -7.08 7.57 12.26
C ALA E 112 -7.27 8.44 13.50
N GLU E 113 -6.26 8.46 14.37
CA GLU E 113 -6.23 9.33 15.57
C GLU E 113 -6.07 10.78 15.11
N ARG E 114 -6.38 11.72 16.00
CA ARG E 114 -6.07 13.16 15.85
C ARG E 114 -5.60 13.68 17.21
N TYR E 115 -4.48 14.39 17.23
CA TYR E 115 -3.91 15.04 18.44
C TYR E 115 -3.85 16.54 18.21
N ILE E 116 -3.85 17.31 19.30
CA ILE E 116 -3.47 18.75 19.25
C ILE E 116 -2.06 18.87 19.83
N LEU E 117 -1.15 19.43 19.03
CA LEU E 117 0.28 19.63 19.38
C LEU E 117 0.53 21.12 19.61
N TYR E 118 1.41 21.43 20.56
CA TYR E 118 1.85 22.80 20.89
C TYR E 118 3.28 23.00 20.35
N TYR E 119 3.42 23.96 19.42
CA TYR E 119 4.72 24.48 18.91
C TYR E 119 4.81 25.97 19.24
N LYS E 120 6.03 26.48 19.38
CA LYS E 120 6.27 27.92 19.68
C LYS E 120 7.32 28.46 18.71
N SER E 121 7.24 29.76 18.44
CA SER E 121 8.10 30.46 17.45
C SER E 121 8.35 31.89 17.92
N LYS E 122 9.54 32.41 17.64
CA LYS E 122 9.87 33.84 17.83
C LYS E 122 9.62 34.62 16.53
N ASN E 123 9.54 33.95 15.38
CA ASN E 123 9.62 34.65 14.07
C ASN E 123 8.57 34.19 13.05
N LEU E 124 7.66 33.27 13.43
CA LEU E 124 6.56 32.70 12.59
C LEU E 124 7.08 31.75 11.50
N TRP E 125 8.37 31.78 11.16
CA TRP E 125 8.99 30.86 10.16
C TRP E 125 9.37 29.53 10.82
N ASP E 126 10.03 29.61 11.98
CA ASP E 126 10.75 28.48 12.61
C ASP E 126 10.01 28.09 13.88
N TRP E 127 9.62 26.83 13.99
CA TRP E 127 8.74 26.31 15.06
C TRP E 127 9.47 25.23 15.85
N GLU E 128 9.37 25.32 17.18
CA GLU E 128 9.97 24.37 18.14
C GLU E 128 8.81 23.58 18.77
N PHE E 129 8.85 22.25 18.68
CA PHE E 129 7.86 21.36 19.34
C PHE E 129 7.98 21.53 20.86
N VAL E 130 6.84 21.69 21.53
CA VAL E 130 6.79 21.76 23.02
C VAL E 130 6.20 20.45 23.54
N CYS E 131 4.96 20.13 23.19
CA CYS E 131 4.28 18.93 23.73
C CYS E 131 3.01 18.58 22.94
N LYS E 132 2.60 17.32 23.04
CA LYS E 132 1.25 16.85 22.69
C LYS E 132 0.33 17.18 23.88
N LEU E 133 -0.78 17.88 23.64
CA LEU E 133 -1.80 18.14 24.67
C LEU E 133 -2.48 16.83 25.04
N GLU E 134 -2.78 16.64 26.33
CA GLU E 134 -3.55 15.49 26.85
C GLU E 134 -4.98 15.98 27.07
N LEU E 135 -5.83 15.82 26.05
CA LEU E 135 -7.24 16.29 26.07
C LEU E 135 -8.16 15.07 26.22
N SER E 136 -9.45 15.24 25.92
CA SER E 136 -10.53 14.31 26.31
C SER E 136 -10.46 12.98 25.52
N SER E 137 -9.77 12.94 24.38
CA SER E 137 -9.65 11.70 23.56
C SER E 137 -8.44 11.77 22.63
N ASN E 138 -8.22 10.68 21.88
CA ASN E 138 -7.19 10.53 20.82
C ASN E 138 -7.77 10.92 19.46
N LYS E 139 -8.88 11.67 19.42
CA LYS E 139 -9.53 12.17 18.17
C LYS E 139 -9.99 13.61 18.40
N VAL E 140 -9.03 14.53 18.59
CA VAL E 140 -9.29 15.95 18.92
C VAL E 140 -8.63 16.85 17.85
N ILE E 141 -9.37 17.84 17.36
CA ILE E 141 -8.89 18.77 16.30
C ILE E 141 -9.44 20.18 16.52
N ASP E 142 -8.87 21.15 15.79
CA ASP E 142 -9.46 22.49 15.53
C ASP E 142 -9.43 23.32 16.81
N ALA E 143 -8.27 23.44 17.44
CA ALA E 143 -8.07 24.28 18.65
C ALA E 143 -8.37 25.74 18.32
N CYS E 144 -9.01 26.44 19.25
CA CYS E 144 -8.96 27.92 19.33
C CYS E 144 -8.75 28.30 20.79
N VAL E 145 -8.10 29.43 21.03
CA VAL E 145 -7.71 29.87 22.40
C VAL E 145 -8.22 31.29 22.60
N PHE E 146 -8.64 31.61 23.82
CA PHE E 146 -8.97 32.98 24.25
C PHE E 146 -8.52 33.15 25.71
N GLN E 147 -7.83 34.25 26.00
CA GLN E 147 -7.38 34.57 27.38
C GLN E 147 -8.55 35.21 28.13
N MET E 148 -8.89 34.63 29.29
CA MET E 148 -10.03 35.07 30.13
C MET E 148 -9.58 36.24 31.01
N PRO E 149 -10.53 37.01 31.60
CA PRO E 149 -10.17 38.17 32.41
C PRO E 149 -9.20 37.90 33.58
N ASP E 150 -9.22 36.69 34.16
CA ASP E 150 -8.35 36.32 35.32
C ASP E 150 -6.95 35.94 34.82
N GLY E 151 -6.70 35.95 33.50
CA GLY E 151 -5.39 35.67 32.90
C GLY E 151 -5.24 34.22 32.46
N THR E 152 -6.16 33.33 32.88
CA THR E 152 -6.24 31.93 32.43
C THR E 152 -6.56 31.91 30.93
N PHE E 153 -5.97 30.97 30.19
CA PHE E 153 -6.33 30.72 28.77
C PHE E 153 -7.38 29.62 28.74
N ARG E 154 -8.40 29.80 27.91
CA ARG E 154 -9.41 28.77 27.61
C ARG E 154 -9.18 28.29 26.18
N MET E 155 -9.24 26.98 25.97
CA MET E 155 -9.15 26.35 24.63
C MET E 155 -10.48 25.67 24.35
N TRP E 156 -10.96 25.79 23.10
CA TRP E 156 -12.07 24.96 22.59
C TRP E 156 -11.52 24.10 21.44
N TYR E 157 -12.10 22.91 21.29
CA TYR E 157 -11.69 21.93 20.26
C TYR E 157 -12.85 20.98 20.02
N LYS E 158 -12.76 20.23 18.93
CA LYS E 158 -13.74 19.20 18.53
C LYS E 158 -13.25 17.86 19.05
N ASP E 159 -14.10 17.14 19.80
CA ASP E 159 -13.81 15.76 20.25
C ASP E 159 -14.64 14.79 19.40
N GLU E 160 -14.03 14.17 18.40
CA GLU E 160 -14.71 13.24 17.47
C GLU E 160 -15.08 11.94 18.20
N ALA E 161 -14.43 11.62 19.32
CA ALA E 161 -14.73 10.41 20.14
C ALA E 161 -16.00 10.63 20.97
N ASP E 162 -16.45 11.88 21.15
CA ASP E 162 -17.72 12.21 21.85
C ASP E 162 -18.61 13.03 20.92
N HIS E 163 -19.14 12.40 19.86
CA HIS E 163 -20.24 12.91 18.99
C HIS E 163 -19.80 14.18 18.24
N SER E 164 -18.51 14.43 18.09
CA SER E 164 -17.96 15.65 17.46
C SER E 164 -18.52 16.89 18.17
N TYR E 165 -18.64 16.84 19.50
CA TYR E 165 -19.03 17.98 20.34
C TYR E 165 -17.81 18.90 20.54
N ILE E 166 -18.07 20.19 20.72
CA ILE E 166 -17.04 21.19 21.12
C ILE E 166 -16.81 21.04 22.62
N TYR E 167 -15.56 20.78 22.99
CA TYR E 167 -15.06 20.68 24.40
C TYR E 167 -14.29 21.96 24.72
N ALA E 168 -14.11 22.22 26.02
CA ALA E 168 -13.28 23.33 26.55
C ALA E 168 -12.22 22.74 27.47
N ALA E 169 -11.06 23.39 27.50
CA ALA E 169 -9.94 23.13 28.44
C ALA E 169 -9.37 24.49 28.88
N GLU E 170 -8.54 24.49 29.91
CA GLU E 170 -7.94 25.75 30.44
C GLU E 170 -6.49 25.50 30.85
N SER E 171 -5.68 26.57 30.79
CA SER E 171 -4.23 26.54 31.10
C SER E 171 -3.83 27.89 31.71
N ASN E 172 -2.91 27.85 32.69
CA ASN E 172 -2.26 29.04 33.28
C ASN E 172 -0.88 29.28 32.64
N ASN E 173 -0.36 28.31 31.86
CA ASN E 173 1.04 28.37 31.34
C ASN E 173 1.13 28.08 29.84
N LEU E 174 0.00 27.85 29.16
CA LEU E 174 -0.12 27.61 27.69
C LEU E 174 0.41 26.22 27.29
N LYS E 175 1.00 25.47 28.23
CA LYS E 175 1.64 24.15 27.95
C LYS E 175 0.77 23.01 28.51
N ASP E 176 0.35 23.14 29.77
CA ASP E 176 -0.45 22.12 30.52
C ASP E 176 -1.93 22.56 30.52
N TRP E 177 -2.81 21.68 30.06
CA TRP E 177 -4.26 21.96 29.85
C TRP E 177 -5.11 21.00 30.68
N LYS E 178 -5.99 21.57 31.51
CA LYS E 178 -7.02 20.84 32.29
C LYS E 178 -8.30 20.81 31.45
N ILE E 179 -8.86 19.61 31.25
CA ILE E 179 -10.13 19.41 30.49
C ILE E 179 -11.27 19.95 31.37
N LEU E 180 -12.12 20.84 30.83
CA LEU E 180 -13.32 21.35 31.54
C LEU E 180 -14.52 20.47 31.17
N GLY E 181 -14.58 19.97 29.94
CA GLY E 181 -15.60 19.02 29.46
C GLY E 181 -16.37 19.57 28.27
N PRO E 182 -17.47 18.93 27.86
CA PRO E 182 -18.27 19.38 26.72
C PRO E 182 -18.77 20.82 26.95
N ALA E 183 -18.58 21.69 25.96
CA ALA E 183 -19.03 23.10 25.96
C ALA E 183 -20.35 23.23 25.20
N LEU E 184 -20.47 22.55 24.06
CA LEU E 184 -21.69 22.53 23.20
C LEU E 184 -22.05 21.09 22.85
N THR E 185 -23.26 20.65 23.19
CA THR E 185 -23.76 19.27 22.96
C THR E 185 -25.03 19.31 22.12
N ASP E 186 -25.25 20.39 21.36
CA ASP E 186 -26.51 20.61 20.59
C ASP E 186 -26.42 19.91 19.22
N ARG E 187 -25.23 19.87 18.61
CA ARG E 187 -25.01 19.28 17.28
C ARG E 187 -23.53 18.97 17.08
N PRO E 188 -23.17 18.03 16.18
CA PRO E 188 -21.78 17.83 15.80
C PRO E 188 -21.33 19.06 15.00
N GLN E 189 -20.10 19.53 15.23
CA GLN E 189 -19.55 20.71 14.52
C GLN E 189 -18.06 20.80 14.81
N GLU E 190 -17.34 21.65 14.08
CA GLU E 190 -15.88 21.78 14.23
C GLU E 190 -15.48 23.25 14.09
N GLY E 191 -14.17 23.52 14.02
CA GLY E 191 -13.61 24.87 13.80
C GLY E 191 -14.17 25.90 14.77
N PRO E 192 -14.21 25.64 16.10
CA PRO E 192 -14.67 26.63 17.06
C PRO E 192 -13.76 27.86 17.01
N ASN E 193 -14.34 29.05 17.19
CA ASN E 193 -13.59 30.33 17.19
C ASN E 193 -14.28 31.29 18.16
N VAL E 194 -13.62 31.61 19.27
CA VAL E 194 -14.17 32.46 20.36
C VAL E 194 -13.52 33.85 20.27
N PHE E 195 -14.33 34.90 20.36
CA PHE E 195 -13.88 36.30 20.42
C PHE E 195 -14.82 37.10 21.33
N TRP E 196 -14.33 38.25 21.81
CA TRP E 196 -15.10 39.23 22.61
C TRP E 196 -15.44 40.42 21.71
N TRP E 197 -16.72 40.80 21.70
CA TRP E 197 -17.26 41.91 20.86
C TRP E 197 -18.63 42.31 21.39
N LYS E 198 -18.96 43.60 21.33
CA LYS E 198 -20.30 44.11 21.73
C LYS E 198 -20.65 43.59 23.14
N SER E 199 -19.68 43.64 24.06
CA SER E 199 -19.86 43.37 25.52
C SER E 199 -20.26 41.92 25.79
N LYS E 200 -19.94 40.98 24.89
CA LYS E 200 -20.26 39.54 25.04
C LYS E 200 -19.14 38.68 24.45
N TYR E 201 -19.05 37.42 24.87
CA TYR E 201 -18.28 36.36 24.17
C TYR E 201 -19.13 35.81 23.03
N TRP E 202 -18.49 35.53 21.89
CA TRP E 202 -19.10 34.87 20.71
C TRP E 202 -18.29 33.63 20.38
N MET E 203 -18.97 32.55 20.01
CA MET E 203 -18.31 31.40 19.34
C MET E 203 -18.92 31.23 17.96
N ILE E 204 -18.04 31.16 16.96
CA ILE E 204 -18.38 30.69 15.59
C ILE E 204 -17.96 29.22 15.53
N THR E 205 -18.82 28.38 14.96
CA THR E 205 -18.54 26.94 14.74
C THR E 205 -18.78 26.62 13.27
N ASP E 206 -18.45 25.41 12.85
CA ASP E 206 -18.75 24.89 11.50
C ASP E 206 -19.54 23.59 11.64
N PRO E 207 -20.89 23.68 11.71
CA PRO E 207 -21.75 22.49 11.64
C PRO E 207 -22.08 22.04 10.20
N TRP E 208 -21.33 22.55 9.20
CA TRP E 208 -21.35 22.08 7.79
C TRP E 208 -22.68 22.41 7.12
N CYS E 209 -23.33 23.51 7.54
CA CYS E 209 -24.54 24.08 6.89
C CYS E 209 -24.47 25.60 7.05
N GLY E 210 -23.32 26.18 6.68
CA GLY E 210 -22.91 27.52 7.12
C GLY E 210 -22.35 27.44 8.54
N LEU E 211 -22.01 28.58 9.13
CA LEU E 211 -21.31 28.65 10.43
C LEU E 211 -22.32 28.90 11.54
N GLY E 212 -22.18 28.17 12.64
CA GLY E 212 -22.96 28.39 13.87
C GLY E 212 -22.52 29.67 14.56
N VAL E 213 -23.44 30.34 15.24
CA VAL E 213 -23.17 31.57 16.04
C VAL E 213 -23.78 31.38 17.42
N TYR E 214 -22.96 31.53 18.46
CA TYR E 214 -23.38 31.46 19.89
C TYR E 214 -22.86 32.71 20.62
N SER E 215 -23.58 33.16 21.65
CA SER E 215 -23.13 34.25 22.56
C SER E 215 -23.11 33.73 23.99
N SER E 216 -22.30 34.35 24.85
CA SER E 216 -22.15 34.00 26.29
C SER E 216 -21.72 35.24 27.08
N GLU E 217 -22.17 35.36 28.33
CA GLU E 217 -21.67 36.41 29.27
C GLU E 217 -20.35 35.95 29.90
N ASP E 218 -20.08 34.64 29.94
CA ASP E 218 -19.00 34.03 30.77
C ASP E 218 -18.15 33.04 29.96
N ALA E 219 -18.42 32.87 28.66
CA ALA E 219 -17.74 31.90 27.76
C ALA E 219 -17.91 30.46 28.29
N THR E 220 -19.03 30.18 28.98
CA THR E 220 -19.40 28.85 29.53
C THR E 220 -20.83 28.51 29.14
N ALA E 221 -21.80 29.35 29.51
CA ALA E 221 -23.24 29.20 29.20
C ALA E 221 -23.52 29.86 27.83
N TRP E 222 -23.59 29.05 26.77
CA TRP E 222 -23.73 29.51 25.36
C TRP E 222 -25.21 29.55 24.95
N HIS E 223 -25.61 30.61 24.25
CA HIS E 223 -26.95 30.78 23.65
C HIS E 223 -26.80 30.77 22.13
N ARG E 224 -27.50 29.85 21.46
CA ARG E 224 -27.38 29.64 19.99
C ARG E 224 -28.22 30.68 19.24
N HIS E 225 -27.64 31.28 18.21
CA HIS E 225 -28.30 32.25 17.29
C HIS E 225 -28.38 31.62 15.89
N GLU E 226 -28.78 32.41 14.89
CA GLU E 226 -28.92 31.94 13.49
C GLU E 226 -27.52 31.73 12.88
N ASN E 227 -27.41 30.74 12.00
CA ASN E 227 -26.17 30.46 11.22
C ASN E 227 -25.86 31.68 10.33
N ILE E 228 -24.58 31.85 9.98
CA ILE E 228 -24.14 32.84 8.97
C ILE E 228 -23.45 32.09 7.82
N LEU E 229 -23.36 32.73 6.65
CA LEU E 229 -22.70 32.17 5.45
C LEU E 229 -23.32 30.81 5.09
N ASP E 230 -24.64 30.67 5.29
CA ASP E 230 -25.40 29.41 5.01
C ASP E 230 -26.06 29.51 3.63
N ARG E 231 -26.10 30.70 3.02
CA ARG E 231 -26.68 30.94 1.67
C ARG E 231 -25.58 31.38 0.72
N PRO E 232 -25.64 30.97 -0.58
CA PRO E 232 -24.62 31.35 -1.54
C PRO E 232 -24.42 32.87 -1.65
N GLY E 233 -23.16 33.30 -1.74
CA GLY E 233 -22.78 34.68 -2.08
C GLY E 233 -22.64 34.86 -3.58
N LYS E 234 -22.55 36.13 -4.02
CA LYS E 234 -22.48 36.52 -5.46
C LYS E 234 -21.03 36.77 -5.88
N ARG E 235 -20.10 36.95 -4.93
CA ARG E 235 -18.68 37.25 -5.25
C ARG E 235 -18.00 35.99 -5.81
N GLU E 236 -16.90 36.16 -6.53
CA GLU E 236 -16.13 35.05 -7.14
C GLU E 236 -15.75 34.04 -6.05
N ASP E 237 -16.06 32.76 -6.28
CA ASP E 237 -15.72 31.61 -5.39
C ASP E 237 -16.44 31.74 -4.04
N ASP E 238 -17.48 32.58 -3.92
CA ASP E 238 -18.21 32.79 -2.65
C ASP E 238 -19.64 32.24 -2.73
N GLY E 239 -19.92 31.34 -3.70
CA GLY E 239 -21.27 30.86 -4.02
C GLY E 239 -21.63 29.56 -3.30
N GLN E 240 -20.97 29.27 -2.18
CA GLN E 240 -21.23 28.04 -1.37
C GLN E 240 -21.14 28.41 0.11
N ILE E 241 -21.51 27.46 0.98
CA ILE E 241 -21.47 27.67 2.46
C ILE E 241 -20.04 28.04 2.88
N GLY E 242 -19.92 28.96 3.83
CA GLY E 242 -18.62 29.29 4.46
C GLY E 242 -18.18 28.19 5.41
N HIS E 243 -16.87 28.03 5.57
CA HIS E 243 -16.26 26.98 6.44
C HIS E 243 -15.20 27.56 7.36
N HIS E 244 -15.03 26.91 8.52
CA HIS E 244 -13.91 27.02 9.49
C HIS E 244 -13.35 28.44 9.48
N ALA E 245 -13.97 29.31 10.27
CA ALA E 245 -13.71 30.78 10.27
C ALA E 245 -12.70 31.15 11.35
N ASP E 246 -12.01 32.27 11.12
CA ASP E 246 -11.24 33.01 12.15
C ASP E 246 -11.76 34.44 12.15
N VAL E 247 -12.10 34.95 13.33
CA VAL E 247 -12.63 36.32 13.49
C VAL E 247 -11.49 37.22 13.98
N LEU E 248 -11.31 38.36 13.32
CA LEU E 248 -10.35 39.41 13.73
C LEU E 248 -11.15 40.66 14.13
N VAL E 249 -11.13 40.99 15.41
CA VAL E 249 -11.73 42.25 15.95
C VAL E 249 -10.70 43.36 15.76
N ILE E 250 -11.04 44.39 14.98
CA ILE E 250 -10.20 45.60 14.76
C ILE E 250 -10.49 46.58 15.90
N ASP E 251 -11.77 46.84 16.17
CA ASP E 251 -12.24 47.77 17.23
C ASP E 251 -13.69 47.44 17.58
N ASP E 252 -14.33 48.27 18.41
CA ASP E 252 -15.70 48.02 18.94
C ASP E 252 -16.73 47.98 17.79
N GLU E 253 -16.42 48.60 16.65
CA GLU E 253 -17.36 48.73 15.49
C GLU E 253 -16.99 47.75 14.36
N THR E 254 -15.73 47.32 14.27
CA THR E 254 -15.17 46.63 13.07
C THR E 254 -14.63 45.25 13.47
N ALA E 255 -15.24 44.20 12.92
CA ALA E 255 -14.80 42.80 13.05
C ALA E 255 -14.92 42.12 11.68
N TYR E 256 -13.87 41.43 11.26
CA TYR E 256 -13.83 40.69 9.98
C TYR E 256 -13.85 39.19 10.29
N ILE E 257 -14.48 38.43 9.40
CA ILE E 257 -14.51 36.94 9.48
C ILE E 257 -13.78 36.40 8.25
N PHE E 258 -12.71 35.66 8.49
CA PHE E 258 -11.92 34.92 7.48
C PHE E 258 -12.44 33.49 7.46
N TYR E 259 -12.67 32.96 6.26
CA TYR E 259 -13.28 31.63 6.09
C TYR E 259 -12.81 31.06 4.76
N PHE E 260 -13.28 29.87 4.43
CA PHE E 260 -13.03 29.26 3.11
C PHE E 260 -14.31 28.65 2.57
N THR E 261 -14.31 28.46 1.26
CA THR E 261 -15.38 27.75 0.50
C THR E 261 -14.75 26.65 -0.33
N HIS E 262 -15.55 25.64 -0.63
CA HIS E 262 -15.40 24.72 -1.80
C HIS E 262 -16.23 25.32 -2.93
N PRO E 263 -15.66 26.22 -3.76
CA PRO E 263 -16.45 27.00 -4.72
C PRO E 263 -17.20 26.16 -5.76
N GLU E 264 -16.71 24.96 -6.08
CA GLU E 264 -17.35 24.06 -7.09
C GLU E 264 -18.55 23.34 -6.48
N GLY E 265 -18.70 23.37 -5.16
CA GLY E 265 -19.87 22.80 -4.45
C GLY E 265 -19.87 21.28 -4.44
N MET E 266 -21.06 20.69 -4.39
CA MET E 266 -21.33 19.21 -4.36
C MET E 266 -20.82 18.61 -3.04
N GLU E 267 -20.69 19.40 -1.98
CA GLU E 267 -20.32 18.90 -0.63
C GLU E 267 -21.46 18.00 -0.13
N GLY E 268 -21.13 16.97 0.65
CA GLY E 268 -22.10 16.02 1.24
C GLY E 268 -22.64 15.03 0.22
N THR E 269 -22.04 14.96 -0.97
CA THR E 269 -22.38 13.97 -2.03
C THR E 269 -21.25 12.96 -2.16
N GLU E 270 -21.54 11.77 -2.69
CA GLU E 270 -20.52 10.75 -3.04
C GLU E 270 -19.67 11.31 -4.19
N GLU E 271 -20.29 12.06 -5.10
CA GLU E 271 -19.64 12.62 -6.32
C GLU E 271 -18.46 13.53 -5.93
N PHE E 272 -18.58 14.25 -4.81
CA PHE E 272 -17.50 15.14 -4.28
C PHE E 272 -16.15 14.40 -4.28
N TRP E 273 -16.14 13.11 -3.90
CA TRP E 273 -14.91 12.30 -3.73
C TRP E 273 -14.46 11.66 -5.05
N LYS E 274 -15.29 11.70 -6.09
CA LYS E 274 -15.05 10.95 -7.36
C LYS E 274 -14.35 11.84 -8.39
N ASP E 275 -14.20 13.14 -8.12
CA ASP E 275 -13.56 14.08 -9.08
C ASP E 275 -12.77 15.12 -8.28
N SER E 276 -11.46 15.21 -8.53
CA SER E 276 -10.55 16.16 -7.87
C SER E 276 -10.97 17.61 -8.14
N LYS E 277 -11.80 17.86 -9.16
CA LYS E 277 -12.24 19.25 -9.49
C LYS E 277 -12.97 19.87 -8.29
N TYR E 278 -13.57 19.06 -7.41
CA TYR E 278 -14.37 19.53 -6.25
C TYR E 278 -13.49 19.89 -5.05
N TRP E 279 -12.20 19.54 -5.08
CA TRP E 279 -11.38 19.53 -3.84
C TRP E 279 -10.80 20.92 -3.56
N ARG E 280 -10.59 21.75 -4.59
CA ARG E 280 -9.97 23.08 -4.41
C ARG E 280 -10.82 23.93 -3.47
N THR E 281 -10.16 24.79 -2.71
CA THR E 281 -10.81 25.70 -1.73
C THR E 281 -10.22 27.11 -1.91
N SER E 282 -11.01 28.11 -1.56
CA SER E 282 -10.65 29.55 -1.68
C SER E 282 -10.88 30.22 -0.33
N LEU E 283 -9.90 30.99 0.13
CA LEU E 283 -10.08 31.85 1.32
C LEU E 283 -10.95 33.04 0.92
N GLN E 284 -11.76 33.51 1.86
CA GLN E 284 -12.64 34.69 1.67
C GLN E 284 -12.61 35.49 2.96
N VAL E 285 -13.02 36.75 2.88
CA VAL E 285 -13.29 37.58 4.08
C VAL E 285 -14.64 38.24 3.90
N ALA E 286 -15.35 38.44 5.02
CA ALA E 286 -16.59 39.24 5.08
C ALA E 286 -16.53 40.07 6.36
N LYS E 287 -17.49 40.98 6.50
CA LYS E 287 -17.56 41.90 7.66
C LYS E 287 -18.73 41.46 8.54
N LEU E 288 -18.48 41.29 9.84
CA LEU E 288 -19.54 41.00 10.83
C LEU E 288 -20.30 42.31 11.12
N GLU E 289 -21.61 42.20 11.36
CA GLU E 289 -22.43 43.32 11.86
C GLU E 289 -23.17 42.83 13.09
N TYR E 290 -23.68 43.77 13.89
CA TYR E 290 -24.42 43.51 15.14
C TYR E 290 -25.80 44.15 14.99
N VAL E 291 -26.83 43.32 14.81
CA VAL E 291 -28.22 43.75 14.49
C VAL E 291 -29.17 43.02 15.45
N ASP E 292 -29.97 43.77 16.22
CA ASP E 292 -30.98 43.24 17.17
C ASP E 292 -30.31 42.24 18.12
N GLY E 293 -29.13 42.60 18.63
CA GLY E 293 -28.40 41.84 19.66
C GLY E 293 -27.74 40.57 19.15
N LYS E 294 -27.58 40.43 17.82
CA LYS E 294 -27.05 39.19 17.20
C LYS E 294 -25.92 39.54 16.21
N VAL E 295 -24.84 38.77 16.23
CA VAL E 295 -23.77 38.83 15.20
C VAL E 295 -24.35 38.22 13.92
N VAL E 296 -24.37 39.00 12.84
CA VAL E 296 -24.88 38.59 11.50
C VAL E 296 -23.80 38.94 10.47
N CYS E 297 -23.99 38.52 9.24
CA CYS E 297 -23.00 38.71 8.15
C CYS E 297 -23.72 38.69 6.79
N ASP E 298 -23.61 39.77 6.04
CA ASP E 298 -24.03 39.81 4.61
C ASP E 298 -22.76 39.72 3.76
N ARG E 299 -22.46 38.51 3.28
CA ARG E 299 -21.23 38.22 2.49
C ARG E 299 -21.23 39.01 1.17
N ASP E 300 -22.38 39.50 0.72
CA ASP E 300 -22.54 40.23 -0.57
C ASP E 300 -22.34 41.74 -0.34
N LYS E 301 -22.45 42.23 0.89
CA LYS E 301 -22.37 43.68 1.19
C LYS E 301 -20.91 44.11 1.15
N GLU E 302 -20.55 44.99 0.21
CA GLU E 302 -19.18 45.52 0.07
C GLU E 302 -18.84 46.40 1.28
N PHE E 303 -17.57 46.42 1.66
CA PHE E 303 -17.02 47.17 2.80
C PHE E 303 -15.56 47.53 2.48
N ASP E 304 -15.05 48.56 3.13
CA ASP E 304 -13.63 48.92 2.93
C ASP E 304 -12.81 48.06 3.90
N PHE E 305 -12.21 47.01 3.38
CA PHE E 305 -11.37 46.04 4.11
C PHE E 305 -9.99 46.67 4.35
N TYR E 306 -9.63 46.85 5.62
CA TYR E 306 -8.33 47.43 6.02
C TYR E 306 -7.86 46.82 7.33
N LEU E 307 -6.63 46.30 7.32
CA LEU E 307 -5.93 45.74 8.51
C LEU E 307 -4.86 46.74 8.96
N PRO E 308 -5.09 47.50 10.05
CA PRO E 308 -4.09 48.45 10.53
C PRO E 308 -2.92 47.69 11.18
N ASP E 309 -1.73 48.29 11.21
CA ASP E 309 -0.57 47.76 11.97
C ASP E 309 -0.92 47.78 13.45
N LEU E 310 -0.58 46.73 14.20
CA LEU E 310 -0.77 46.67 15.67
C LEU E 310 0.39 47.39 16.36
N PRO F 2 23.64 13.39 -37.24
CA PRO F 2 22.19 13.33 -37.40
C PRO F 2 21.48 14.61 -36.91
N ARG F 3 20.22 14.76 -37.31
CA ARG F 3 19.37 15.87 -36.85
C ARG F 3 19.35 15.85 -35.33
N PRO F 4 19.15 17.03 -34.70
CA PRO F 4 18.94 17.05 -33.25
C PRO F 4 17.61 16.38 -32.94
N PRO F 5 17.40 15.90 -31.69
CA PRO F 5 16.07 15.47 -31.27
C PRO F 5 15.10 16.66 -31.42
N ALA F 6 13.86 16.38 -31.81
CA ALA F 6 12.75 17.36 -31.83
C ALA F 6 11.55 16.75 -31.11
N PRO F 7 11.10 17.31 -29.96
CA PRO F 7 11.75 18.46 -29.33
C PRO F 7 13.16 18.09 -28.83
N LEU F 8 14.02 19.08 -28.61
CA LEU F 8 15.37 18.83 -28.02
C LEU F 8 15.17 18.18 -26.66
N PHE F 9 14.24 18.70 -25.87
CA PHE F 9 14.04 18.26 -24.47
C PHE F 9 12.72 18.79 -23.91
N ARG F 10 12.04 17.92 -23.17
CA ARG F 10 10.92 18.29 -22.27
C ARG F 10 11.29 17.87 -20.85
N ASP F 11 10.98 18.74 -19.89
CA ASP F 11 11.27 18.49 -18.45
C ASP F 11 10.35 17.39 -17.95
N PRO F 12 10.88 16.35 -17.27
CA PRO F 12 10.07 15.22 -16.80
C PRO F 12 9.46 15.36 -15.39
N ILE F 13 9.48 16.55 -14.81
CA ILE F 13 8.88 16.85 -13.47
C ILE F 13 7.60 17.67 -13.67
N TYR F 14 7.74 18.85 -14.27
CA TYR F 14 6.63 19.82 -14.48
C TYR F 14 6.36 20.08 -15.96
N ASP F 15 7.24 19.65 -16.87
CA ASP F 15 7.08 19.85 -18.33
C ASP F 15 7.04 21.35 -18.65
N GLY F 16 7.87 22.15 -17.97
CA GLY F 16 7.88 23.62 -18.13
C GLY F 16 9.24 24.17 -18.55
N ALA F 17 10.02 23.42 -19.32
CA ALA F 17 11.40 23.81 -19.71
C ALA F 17 11.35 25.08 -20.57
N ALA F 18 12.09 26.11 -20.15
CA ALA F 18 12.14 27.42 -20.83
C ALA F 18 13.47 28.13 -20.58
N ASP F 19 13.75 29.17 -21.36
CA ASP F 19 14.89 30.10 -21.15
C ASP F 19 16.20 29.31 -21.08
N PRO F 20 16.50 28.41 -22.04
CA PRO F 20 17.66 27.54 -21.94
C PRO F 20 18.98 28.33 -21.99
N THR F 21 19.96 27.90 -21.21
CA THR F 21 21.36 28.35 -21.31
C THR F 21 22.23 27.09 -21.38
N ILE F 22 23.13 27.03 -22.35
CA ILE F 22 23.99 25.82 -22.54
C ILE F 22 25.38 26.15 -21.98
N ILE F 23 25.97 25.19 -21.28
CA ILE F 23 27.29 25.37 -20.61
C ILE F 23 28.00 24.02 -20.60
N TYR F 24 29.27 24.00 -21.00
CA TYR F 24 30.14 22.80 -20.93
C TYR F 24 30.50 22.54 -19.47
N ASN F 25 30.25 21.32 -19.01
CA ASN F 25 30.63 20.83 -17.66
C ASN F 25 32.04 20.24 -17.77
N HIS F 26 33.07 21.01 -17.40
CA HIS F 26 34.50 20.64 -17.62
C HIS F 26 34.89 19.45 -16.73
N LEU F 27 34.29 19.32 -15.53
CA LEU F 27 34.64 18.23 -14.58
C LEU F 27 34.06 16.90 -15.08
N GLU F 28 32.84 16.90 -15.64
CA GLU F 28 32.13 15.65 -16.04
C GLU F 28 32.26 15.44 -17.55
N LYS F 29 32.91 16.36 -18.27
CA LYS F 29 33.17 16.27 -19.73
C LYS F 29 31.85 15.99 -20.44
N SER F 30 30.85 16.83 -20.19
CA SER F 30 29.48 16.71 -20.75
C SER F 30 28.96 18.12 -21.03
N TRP F 31 27.88 18.19 -21.82
CA TRP F 31 27.15 19.44 -22.11
C TRP F 31 25.90 19.49 -21.24
N TRP F 32 25.71 20.60 -20.52
CA TRP F 32 24.53 20.87 -19.67
C TRP F 32 23.68 21.96 -20.32
N ILE F 33 22.36 21.76 -20.33
CA ILE F 33 21.38 22.85 -20.55
C ILE F 33 20.69 23.11 -19.22
N LEU F 34 20.84 24.32 -18.70
CA LEU F 34 20.09 24.82 -17.51
C LEU F 34 18.88 25.59 -18.05
N TYR F 35 17.72 25.43 -17.41
CA TYR F 35 16.46 26.02 -17.91
C TYR F 35 15.56 26.37 -16.73
N THR F 36 14.81 27.47 -16.88
CA THR F 36 13.65 27.76 -16.01
C THR F 36 12.69 26.59 -16.15
N ASN F 37 12.22 26.02 -15.05
CA ASN F 37 11.20 24.95 -15.12
C ASN F 37 9.89 25.50 -14.55
N ARG F 38 9.02 26.02 -15.43
CA ARG F 38 7.66 26.47 -15.05
C ARG F 38 6.92 25.24 -14.50
N ARG F 39 6.00 25.47 -13.57
CA ARG F 39 5.18 24.36 -12.98
C ARG F 39 3.98 24.13 -13.90
N ALA F 40 4.26 23.77 -15.15
CA ALA F 40 3.33 23.86 -16.31
C ALA F 40 2.24 22.78 -16.25
N ASN F 41 2.52 21.62 -15.62
CA ASN F 41 1.59 20.46 -15.66
C ASN F 41 0.73 20.43 -14.39
N GLN F 42 0.66 21.52 -13.64
CA GLN F 42 -0.15 21.62 -12.39
C GLN F 42 -1.36 22.52 -12.64
N LYS F 43 -2.50 22.19 -12.02
CA LYS F 43 -3.73 23.03 -12.09
C LYS F 43 -3.62 24.09 -11.00
N LEU F 44 -3.29 25.32 -11.39
CA LEU F 44 -2.89 26.39 -10.45
C LEU F 44 -3.71 27.65 -10.72
N PRO F 45 -3.90 28.50 -9.69
CA PRO F 45 -4.59 29.78 -9.86
C PRO F 45 -3.76 30.83 -10.60
N GLY F 46 -4.43 31.65 -11.40
CA GLY F 46 -3.83 32.82 -12.09
C GLY F 46 -2.56 32.43 -12.81
N LYS F 47 -1.48 33.21 -12.63
CA LYS F 47 -0.17 33.01 -13.30
C LYS F 47 0.81 32.28 -12.37
N ALA F 48 0.30 31.50 -11.41
CA ALA F 48 1.14 30.75 -10.44
C ALA F 48 2.15 29.85 -11.16
N PHE F 49 1.81 29.27 -12.32
CA PHE F 49 2.66 28.25 -13.00
C PHE F 49 3.99 28.89 -13.42
N MET F 50 4.00 30.20 -13.64
CA MET F 50 5.20 30.96 -14.07
C MET F 50 6.13 31.22 -12.87
N HIS F 51 5.69 30.92 -11.64
CA HIS F 51 6.40 31.32 -10.40
C HIS F 51 6.65 30.09 -9.51
N GLY F 52 7.45 30.27 -8.46
CA GLY F 52 7.86 29.17 -7.56
C GLY F 52 8.74 28.18 -8.30
N THR F 53 9.53 28.70 -9.25
CA THR F 53 10.31 27.91 -10.23
C THR F 53 11.74 27.72 -9.74
N ASP F 54 12.32 26.57 -10.07
CA ASP F 54 13.76 26.28 -9.94
C ASP F 54 14.34 26.06 -11.33
N ILE F 55 15.63 25.74 -11.38
CA ILE F 55 16.40 25.54 -12.64
C ILE F 55 16.57 24.03 -12.84
N GLY F 56 16.12 23.53 -13.98
CA GLY F 56 16.32 22.13 -14.39
C GLY F 56 17.65 21.94 -15.10
N ILE F 57 18.15 20.71 -15.09
CA ILE F 57 19.44 20.28 -15.74
C ILE F 57 19.14 19.18 -16.74
N ALA F 58 19.45 19.40 -18.02
CA ALA F 58 19.52 18.34 -19.04
C ALA F 58 20.99 18.15 -19.43
N GLU F 59 21.44 16.91 -19.53
CA GLU F 59 22.86 16.58 -19.79
C GLU F 59 22.97 15.72 -21.05
N SER F 60 23.97 15.98 -21.88
CA SER F 60 24.39 15.09 -23.00
C SER F 60 25.86 14.72 -22.84
N LYS F 61 26.16 13.42 -22.91
CA LYS F 61 27.54 12.87 -22.85
C LYS F 61 28.00 12.44 -24.24
N ASP F 62 27.16 12.56 -25.27
CA ASP F 62 27.46 12.05 -26.65
C ASP F 62 27.42 13.21 -27.65
N GLY F 63 27.75 14.43 -27.21
CA GLY F 63 27.86 15.61 -28.09
C GLY F 63 26.50 16.09 -28.58
N GLY F 64 25.44 15.90 -27.80
CA GLY F 64 24.11 16.48 -28.05
C GLY F 64 23.17 15.56 -28.81
N ARG F 65 23.58 14.32 -29.12
CA ARG F 65 22.72 13.35 -29.85
C ARG F 65 21.59 12.87 -28.93
N THR F 66 21.87 12.70 -27.63
CA THR F 66 20.87 12.27 -26.61
C THR F 66 21.01 13.12 -25.36
N TRP F 67 19.87 13.43 -24.73
CA TRP F 67 19.75 14.31 -23.55
C TRP F 67 18.99 13.58 -22.45
N PHE F 68 19.44 13.77 -21.21
CA PHE F 68 18.88 13.14 -20.00
C PHE F 68 18.74 14.19 -18.90
N TYR F 69 17.58 14.21 -18.26
CA TYR F 69 17.33 15.02 -17.04
C TYR F 69 18.29 14.54 -15.95
N ARG F 70 18.91 15.47 -15.22
CA ARG F 70 19.82 15.15 -14.08
C ARG F 70 19.22 15.63 -12.75
N GLY F 71 18.39 16.67 -12.75
CA GLY F 71 17.81 17.21 -11.51
C GLY F 71 17.70 18.72 -11.55
N THR F 72 17.79 19.35 -10.37
CA THR F 72 17.53 20.80 -10.20
C THR F 72 18.71 21.48 -9.53
N ILE F 73 18.82 22.78 -9.80
CA ILE F 73 19.53 23.78 -8.95
C ILE F 73 18.43 24.55 -8.20
N GLU F 74 18.35 24.35 -6.88
CA GLU F 74 17.35 24.95 -5.98
C GLU F 74 18.07 26.01 -5.15
N LEU F 75 18.06 27.25 -5.65
CA LEU F 75 18.77 28.38 -5.02
C LEU F 75 17.93 28.90 -3.86
N GLN F 76 18.58 29.59 -2.92
CA GLN F 76 17.89 30.26 -1.80
C GLN F 76 18.32 31.73 -1.81
N TYR F 77 17.35 32.63 -1.64
CA TYR F 77 17.58 34.06 -1.37
C TYR F 77 16.53 34.51 -0.35
N GLY F 78 16.98 34.67 0.90
CA GLY F 78 16.09 34.97 2.04
C GLY F 78 15.20 33.77 2.36
N ARG F 79 14.12 34.01 3.09
CA ARG F 79 13.20 32.95 3.58
C ARG F 79 12.14 32.65 2.52
N GLY F 80 11.58 31.45 2.59
CA GLY F 80 10.32 31.09 1.92
C GLY F 80 10.53 30.45 0.55
N ARG F 81 9.42 30.16 -0.10
CA ARG F 81 9.39 29.64 -1.50
C ARG F 81 9.40 30.85 -2.42
N ASN F 82 10.45 30.98 -3.24
CA ASN F 82 10.64 32.14 -4.14
C ASN F 82 10.70 31.64 -5.57
N THR F 83 11.01 32.53 -6.51
CA THR F 83 10.97 32.25 -7.96
C THR F 83 12.34 32.55 -8.56
N PHE F 84 12.92 31.58 -9.28
CA PHE F 84 14.21 31.73 -10.00
C PHE F 84 13.98 31.51 -11.49
N TRP F 85 14.46 32.44 -12.31
CA TRP F 85 14.24 32.52 -13.77
C TRP F 85 15.55 32.67 -14.54
N ALA F 86 15.63 31.99 -15.69
CA ALA F 86 16.43 32.40 -16.86
C ALA F 86 17.87 32.70 -16.45
N PRO F 87 18.60 31.71 -15.90
CA PRO F 87 19.98 31.93 -15.52
C PRO F 87 20.86 32.17 -16.76
N GLU F 88 21.80 33.11 -16.62
CA GLU F 88 23.03 33.16 -17.46
C GLU F 88 24.11 32.42 -16.68
N VAL F 89 24.91 31.59 -17.34
CA VAL F 89 26.09 30.95 -16.71
C VAL F 89 27.27 31.07 -17.67
N ILE F 90 28.38 31.62 -17.18
CA ILE F 90 29.68 31.65 -17.91
C ILE F 90 30.73 30.99 -17.02
N PHE F 91 31.70 30.32 -17.66
CA PHE F 91 32.90 29.77 -17.00
C PHE F 91 34.04 30.78 -17.16
N TYR F 92 34.65 31.21 -16.05
CA TYR F 92 35.75 32.20 -16.05
C TYR F 92 36.64 32.00 -14.81
N GLU F 93 37.95 31.87 -15.03
CA GLU F 93 38.97 31.75 -13.95
C GLU F 93 38.55 30.64 -12.98
N GLY F 94 38.28 29.45 -13.51
CA GLY F 94 38.10 28.20 -12.74
C GLY F 94 36.76 28.09 -12.05
N GLU F 95 35.82 29.02 -12.30
CA GLU F 95 34.50 29.03 -11.62
C GLU F 95 33.39 29.29 -12.63
N TYR F 96 32.20 28.78 -12.34
CA TYR F 96 30.95 29.09 -13.05
C TYR F 96 30.29 30.28 -12.35
N HIS F 97 29.90 31.28 -13.14
CA HIS F 97 29.29 32.55 -12.68
C HIS F 97 27.85 32.58 -13.19
N MET F 98 26.88 32.56 -12.28
CA MET F 98 25.44 32.56 -12.62
C MET F 98 24.82 33.92 -12.30
N TYR F 99 24.12 34.49 -13.27
CA TYR F 99 23.26 35.69 -13.10
C TYR F 99 21.81 35.25 -13.32
N VAL F 100 21.10 35.04 -12.22
CA VAL F 100 19.75 34.45 -12.20
C VAL F 100 18.75 35.54 -11.83
N SER F 101 17.59 35.52 -12.46
CA SER F 101 16.48 36.47 -12.18
C SER F 101 15.66 35.92 -11.02
N PHE F 102 15.29 36.80 -10.09
CA PHE F 102 14.60 36.45 -8.83
C PHE F 102 13.30 37.22 -8.75
N VAL F 103 12.21 36.52 -8.43
CA VAL F 103 10.90 37.14 -8.08
C VAL F 103 10.57 36.68 -6.67
N PRO F 104 10.27 37.61 -5.74
CA PRO F 104 9.92 37.22 -4.38
C PRO F 104 8.61 36.41 -4.36
N GLY F 105 8.59 35.36 -3.54
CA GLY F 105 7.41 34.51 -3.30
C GLY F 105 6.99 33.76 -4.55
N VAL F 106 5.69 33.51 -4.67
CA VAL F 106 5.07 32.80 -5.82
C VAL F 106 3.87 33.63 -6.25
N PRO F 107 4.10 34.75 -6.96
CA PRO F 107 3.01 35.59 -7.45
C PRO F 107 2.03 34.83 -8.35
N GLN F 108 0.82 35.37 -8.46
CA GLN F 108 -0.25 34.84 -9.34
C GLN F 108 -0.59 35.89 -10.41
N ASP F 109 0.23 36.95 -10.48
CA ASP F 109 0.13 38.03 -11.49
C ASP F 109 1.54 38.61 -11.65
N TRP F 110 1.68 39.73 -12.36
CA TRP F 110 3.00 40.38 -12.60
C TRP F 110 3.31 41.43 -11.53
N ASN F 111 2.56 41.46 -10.42
CA ASN F 111 2.64 42.54 -9.38
C ASN F 111 3.73 42.19 -8.36
N ALA F 112 4.99 42.17 -8.79
CA ALA F 112 6.14 41.84 -7.92
C ALA F 112 7.42 42.45 -8.49
N GLU F 113 8.42 42.64 -7.64
CA GLU F 113 9.76 43.10 -8.05
C GLU F 113 10.44 41.96 -8.82
N ARG F 114 11.51 42.29 -9.55
CA ARG F 114 12.44 41.31 -10.15
C ARG F 114 13.86 41.80 -9.93
N TYR F 115 14.74 40.95 -9.42
CA TYR F 115 16.17 41.26 -9.22
C TYR F 115 17.02 40.29 -10.03
N ILE F 116 18.25 40.69 -10.34
CA ILE F 116 19.30 39.75 -10.84
C ILE F 116 20.28 39.50 -9.70
N LEU F 117 20.46 38.22 -9.39
CA LEU F 117 21.35 37.73 -8.29
C LEU F 117 22.55 37.01 -8.92
N TYR F 118 23.70 37.16 -8.28
CA TYR F 118 24.99 36.54 -8.67
C TYR F 118 25.31 35.41 -7.70
N TYR F 119 25.41 34.19 -8.24
CA TYR F 119 25.86 32.97 -7.52
C TYR F 119 27.09 32.43 -8.26
N LYS F 120 27.99 31.74 -7.55
CA LYS F 120 29.17 31.11 -8.18
C LYS F 120 29.24 29.64 -7.76
N SER F 121 29.88 28.83 -8.59
CA SER F 121 30.02 27.36 -8.40
C SER F 121 31.35 26.89 -8.97
N LYS F 122 31.93 25.86 -8.36
CA LYS F 122 33.12 25.14 -8.87
C LYS F 122 32.67 23.97 -9.75
N ASN F 123 31.43 23.47 -9.59
CA ASN F 123 31.04 22.13 -10.11
C ASN F 123 29.65 22.10 -10.76
N LEU F 124 28.96 23.24 -10.92
CA LEU F 124 27.61 23.39 -11.55
C LEU F 124 26.49 22.80 -10.69
N TRP F 125 26.79 21.95 -9.70
CA TRP F 125 25.78 21.38 -8.76
C TRP F 125 25.52 22.34 -7.60
N ASP F 126 26.61 22.84 -6.99
CA ASP F 126 26.59 23.52 -5.67
C ASP F 126 26.90 25.00 -5.88
N TRP F 127 26.01 25.87 -5.41
CA TRP F 127 26.06 27.33 -5.69
C TRP F 127 26.17 28.11 -4.39
N GLU F 128 27.07 29.09 -4.39
CA GLU F 128 27.27 30.04 -3.28
C GLU F 128 26.74 31.41 -3.73
N PHE F 129 25.86 32.01 -2.91
CA PHE F 129 25.35 33.39 -3.13
C PHE F 129 26.51 34.38 -3.00
N VAL F 130 26.62 35.30 -3.96
CA VAL F 130 27.62 36.41 -3.90
C VAL F 130 26.88 37.70 -3.53
N CYS F 131 25.98 38.18 -4.40
CA CYS F 131 25.30 39.47 -4.18
C CYS F 131 24.08 39.64 -5.10
N LYS F 132 23.18 40.52 -4.69
CA LYS F 132 22.14 41.11 -5.55
C LYS F 132 22.80 42.23 -6.36
N LEU F 133 22.69 42.18 -7.69
CA LEU F 133 23.23 43.26 -8.57
C LEU F 133 22.41 44.54 -8.34
N GLU F 134 23.09 45.68 -8.38
CA GLU F 134 22.47 47.02 -8.33
C GLU F 134 22.36 47.52 -9.76
N LEU F 135 21.24 47.24 -10.42
CA LEU F 135 21.00 47.60 -11.84
C LEU F 135 19.96 48.73 -11.89
N SER F 136 19.40 49.01 -13.07
CA SER F 136 18.71 50.27 -13.40
C SER F 136 17.34 50.37 -12.71
N SER F 137 16.77 49.26 -12.22
CA SER F 137 15.47 49.27 -11.50
C SER F 137 15.32 48.04 -10.61
N ASN F 138 14.19 47.99 -9.90
CA ASN F 138 13.76 46.84 -9.06
C ASN F 138 12.87 45.89 -9.88
N LYS F 139 12.92 45.97 -11.22
CA LYS F 139 12.19 45.05 -12.12
C LYS F 139 13.09 44.71 -13.31
N VAL F 140 14.16 43.94 -13.04
CA VAL F 140 15.18 43.57 -14.05
C VAL F 140 15.28 42.04 -14.13
N ILE F 141 15.31 41.50 -15.35
CA ILE F 141 15.37 40.03 -15.60
C ILE F 141 16.23 39.73 -16.83
N ASP F 142 16.55 38.44 -17.02
CA ASP F 142 17.04 37.85 -18.30
C ASP F 142 18.46 38.36 -18.60
N ALA F 143 19.40 38.21 -17.67
CA ALA F 143 20.81 38.59 -17.86
C ALA F 143 21.44 37.75 -18.98
N CYS F 144 22.27 38.37 -19.80
CA CYS F 144 23.29 37.67 -20.62
C CYS F 144 24.60 38.46 -20.50
N VAL F 145 25.73 37.77 -20.60
CA VAL F 145 27.07 38.37 -20.38
C VAL F 145 27.96 38.02 -21.57
N PHE F 146 28.84 38.94 -21.93
CA PHE F 146 29.87 38.75 -22.97
C PHE F 146 31.12 39.52 -22.57
N GLN F 147 32.28 38.88 -22.63
CA GLN F 147 33.58 39.53 -22.32
C GLN F 147 34.04 40.30 -23.56
N MET F 148 34.31 41.60 -23.39
CA MET F 148 34.77 42.51 -24.47
C MET F 148 36.27 42.31 -24.67
N PRO F 149 36.85 42.74 -25.82
CA PRO F 149 38.27 42.54 -26.09
C PRO F 149 39.25 43.09 -25.04
N ASP F 150 38.89 44.16 -24.34
CA ASP F 150 39.73 44.81 -23.29
C ASP F 150 39.63 44.04 -21.97
N GLY F 151 38.86 42.94 -21.92
CA GLY F 151 38.77 42.05 -20.75
C GLY F 151 37.61 42.38 -19.84
N THR F 152 37.00 43.58 -20.00
CA THR F 152 35.79 44.00 -19.27
C THR F 152 34.62 43.12 -19.73
N PHE F 153 33.69 42.83 -18.83
CA PHE F 153 32.44 42.09 -19.13
C PHE F 153 31.32 43.10 -19.34
N ARG F 154 30.46 42.77 -20.28
CA ARG F 154 29.23 43.54 -20.49
C ARG F 154 28.05 42.61 -20.20
N MET F 155 27.03 43.16 -19.56
CA MET F 155 25.76 42.44 -19.28
C MET F 155 24.65 43.18 -19.99
N TRP F 156 23.73 42.44 -20.60
CA TRP F 156 22.43 42.97 -21.09
C TRP F 156 21.32 42.31 -20.30
N TYR F 157 20.23 43.05 -20.09
CA TYR F 157 19.06 42.58 -19.30
C TYR F 157 17.85 43.40 -19.72
N LYS F 158 16.68 42.91 -19.36
CA LYS F 158 15.38 43.58 -19.60
C LYS F 158 15.05 44.45 -18.38
N ASP F 159 14.78 45.73 -18.61
CA ASP F 159 14.33 46.66 -17.54
C ASP F 159 12.83 46.91 -17.73
N GLU F 160 12.00 46.21 -16.94
CA GLU F 160 10.52 46.31 -17.05
C GLU F 160 10.04 47.68 -16.54
N ALA F 161 10.82 48.36 -15.69
CA ALA F 161 10.46 49.70 -15.16
C ALA F 161 10.62 50.75 -16.27
N ASP F 162 11.54 50.53 -17.22
CA ASP F 162 11.76 51.44 -18.37
C ASP F 162 11.33 50.74 -19.66
N HIS F 163 10.02 50.55 -19.84
CA HIS F 163 9.37 50.17 -21.13
C HIS F 163 9.79 48.78 -21.59
N SER F 164 10.31 47.93 -20.69
CA SER F 164 10.84 46.58 -21.03
C SER F 164 11.91 46.73 -22.12
N TYR F 165 12.76 47.75 -22.01
CA TYR F 165 13.90 47.98 -22.92
C TYR F 165 15.10 47.14 -22.46
N ILE F 166 15.93 46.73 -23.42
CA ILE F 166 17.22 46.04 -23.15
C ILE F 166 18.23 47.11 -22.71
N TYR F 167 18.76 46.91 -21.51
CA TYR F 167 19.81 47.77 -20.88
C TYR F 167 21.15 47.03 -20.95
N ALA F 168 22.23 47.81 -20.87
CA ALA F 168 23.63 47.31 -20.79
C ALA F 168 24.27 47.82 -19.51
N ALA F 169 25.12 46.99 -18.91
CA ALA F 169 26.00 47.33 -17.77
C ALA F 169 27.38 46.70 -18.04
N GLU F 170 28.40 47.13 -17.31
CA GLU F 170 29.79 46.64 -17.49
C GLU F 170 30.42 46.38 -16.12
N SER F 171 31.36 45.44 -16.08
CA SER F 171 32.10 45.03 -14.87
C SER F 171 33.51 44.58 -15.26
N ASN F 172 34.50 44.86 -14.41
CA ASN F 172 35.88 44.32 -14.55
C ASN F 172 36.14 43.27 -13.47
N ASN F 173 35.14 42.90 -12.65
CA ASN F 173 35.32 41.90 -11.56
C ASN F 173 34.11 40.95 -11.43
N LEU F 174 33.07 41.10 -12.27
CA LEU F 174 31.88 40.20 -12.37
C LEU F 174 30.92 40.39 -11.17
N LYS F 175 31.29 41.18 -10.16
CA LYS F 175 30.49 41.40 -8.92
C LYS F 175 29.87 42.80 -8.94
N ASP F 176 30.68 43.83 -9.24
CA ASP F 176 30.27 45.25 -9.25
C ASP F 176 30.01 45.68 -10.70
N TRP F 177 28.83 46.25 -10.97
CA TRP F 177 28.35 46.58 -12.34
C TRP F 177 28.02 48.06 -12.44
N LYS F 178 28.57 48.74 -13.45
CA LYS F 178 28.19 50.12 -13.83
C LYS F 178 27.11 50.04 -14.91
N ILE F 179 25.98 50.72 -14.68
CA ILE F 179 24.87 50.80 -15.68
C ILE F 179 25.30 51.78 -16.77
N LEU F 180 25.25 51.35 -18.03
CA LEU F 180 25.56 52.20 -19.21
C LEU F 180 24.29 52.87 -19.72
N GLY F 181 23.14 52.21 -19.56
CA GLY F 181 21.83 52.73 -19.96
C GLY F 181 21.17 51.82 -20.98
N PRO F 182 20.04 52.24 -21.59
CA PRO F 182 19.33 51.43 -22.58
C PRO F 182 20.17 51.21 -23.84
N ALA F 183 20.29 49.95 -24.26
CA ALA F 183 21.00 49.54 -25.49
C ALA F 183 20.02 49.59 -26.67
N LEU F 184 18.76 49.21 -26.44
CA LEU F 184 17.69 49.14 -27.47
C LEU F 184 16.42 49.83 -26.93
N THR F 185 15.92 50.83 -27.64
CA THR F 185 14.71 51.61 -27.25
C THR F 185 13.65 51.52 -28.35
N ASP F 186 13.71 50.50 -29.22
CA ASP F 186 12.86 50.37 -30.43
C ASP F 186 11.54 49.68 -30.08
N ARG F 187 11.56 48.72 -29.15
CA ARG F 187 10.37 47.91 -28.80
C ARG F 187 10.58 47.22 -27.46
N PRO F 188 9.51 46.86 -26.73
CA PRO F 188 9.64 46.03 -25.54
C PRO F 188 10.07 44.62 -25.98
N GLN F 189 11.00 44.01 -25.25
CA GLN F 189 11.49 42.65 -25.56
C GLN F 189 12.27 42.12 -24.36
N GLU F 190 12.60 40.83 -24.39
CA GLU F 190 13.31 40.18 -23.25
C GLU F 190 14.31 39.16 -23.79
N GLY F 191 14.92 38.40 -22.89
CA GLY F 191 15.88 37.32 -23.20
C GLY F 191 16.99 37.78 -24.15
N PRO F 192 17.66 38.92 -23.92
CA PRO F 192 18.78 39.34 -24.77
C PRO F 192 19.88 38.28 -24.72
N ASN F 193 20.57 38.08 -25.85
CA ASN F 193 21.66 37.10 -25.97
C ASN F 193 22.68 37.63 -26.98
N VAL F 194 23.88 37.95 -26.51
CA VAL F 194 24.95 38.58 -27.33
C VAL F 194 26.03 37.52 -27.61
N PHE F 195 26.45 37.43 -28.87
CA PHE F 195 27.57 36.57 -29.31
C PHE F 195 28.33 37.28 -30.44
N TRP F 196 29.56 36.83 -30.67
CA TRP F 196 30.45 37.28 -31.76
C TRP F 196 30.49 36.19 -32.84
N TRP F 197 30.22 36.56 -34.08
CA TRP F 197 30.17 35.63 -35.25
C TRP F 197 30.29 36.45 -36.53
N LYS F 198 30.96 35.91 -37.55
CA LYS F 198 31.08 36.54 -38.88
C LYS F 198 31.57 37.99 -38.73
N SER F 199 32.57 38.18 -37.87
CA SER F 199 33.33 39.45 -37.68
C SER F 199 32.44 40.58 -37.14
N LYS F 200 31.35 40.25 -36.43
CA LYS F 200 30.40 41.24 -35.85
C LYS F 200 29.86 40.73 -34.52
N TYR F 201 29.37 41.64 -33.67
CA TYR F 201 28.49 41.31 -32.53
C TYR F 201 27.06 41.13 -33.04
N TRP F 202 26.35 40.19 -32.44
CA TRP F 202 24.92 39.90 -32.69
C TRP F 202 24.19 39.90 -31.35
N MET F 203 22.98 40.46 -31.32
CA MET F 203 22.05 40.26 -30.19
C MET F 203 20.77 39.62 -30.72
N ILE F 204 20.37 38.53 -30.08
CA ILE F 204 19.03 37.91 -30.23
C ILE F 204 18.18 38.43 -29.07
N THR F 205 16.95 38.83 -29.34
CA THR F 205 15.97 39.27 -28.32
C THR F 205 14.69 38.46 -28.51
N ASP F 206 13.75 38.58 -27.57
CA ASP F 206 12.40 37.99 -27.70
C ASP F 206 11.37 39.11 -27.57
N PRO F 207 10.98 39.74 -28.71
CA PRO F 207 9.86 40.68 -28.74
C PRO F 207 8.47 40.01 -28.89
N TRP F 208 8.40 38.68 -28.73
CA TRP F 208 7.14 37.89 -28.63
C TRP F 208 6.41 37.84 -29.98
N CYS F 209 7.18 37.88 -31.09
CA CYS F 209 6.68 37.67 -32.47
C CYS F 209 7.80 37.00 -33.27
N GLY F 210 8.33 35.91 -32.70
CA GLY F 210 9.66 35.37 -33.06
C GLY F 210 10.74 36.19 -32.40
N LEU F 211 12.00 35.86 -32.66
CA LEU F 211 13.17 36.47 -31.98
C LEU F 211 13.71 37.63 -32.81
N GLY F 212 14.07 38.73 -32.14
CA GLY F 212 14.73 39.88 -32.76
C GLY F 212 16.19 39.57 -33.06
N VAL F 213 16.72 40.15 -34.13
CA VAL F 213 18.15 40.00 -34.54
C VAL F 213 18.72 41.40 -34.77
N TYR F 214 19.82 41.71 -34.09
CA TYR F 214 20.58 42.98 -34.23
C TYR F 214 22.05 42.64 -34.46
N SER F 215 22.76 43.50 -35.19
CA SER F 215 24.24 43.44 -35.38
C SER F 215 24.87 44.74 -34.89
N SER F 216 26.15 44.70 -34.55
CA SER F 216 26.95 45.85 -34.08
C SER F 216 28.43 45.57 -34.35
N GLU F 217 29.20 46.63 -34.61
CA GLU F 217 30.68 46.57 -34.74
C GLU F 217 31.33 46.71 -33.36
N ASP F 218 30.60 47.26 -32.37
CA ASP F 218 31.18 47.68 -31.07
C ASP F 218 30.34 47.22 -29.87
N ALA F 219 29.26 46.47 -30.09
CA ALA F 219 28.32 45.99 -29.05
C ALA F 219 27.71 47.16 -28.27
N THR F 220 27.59 48.33 -28.91
CA THR F 220 27.02 49.58 -28.33
C THR F 220 25.93 50.11 -29.26
N ALA F 221 26.30 50.40 -30.51
CA ALA F 221 25.40 50.86 -31.59
C ALA F 221 24.87 49.65 -32.35
N TRP F 222 23.57 49.35 -32.20
CA TRP F 222 22.92 48.14 -32.77
C TRP F 222 22.12 48.50 -34.01
N HIS F 223 22.12 47.61 -35.00
CA HIS F 223 21.35 47.72 -36.27
C HIS F 223 20.36 46.55 -36.32
N ARG F 224 19.07 46.85 -36.46
CA ARG F 224 18.00 45.81 -36.42
C ARG F 224 17.87 45.14 -37.79
N HIS F 225 17.76 43.81 -37.78
CA HIS F 225 17.53 42.96 -38.97
C HIS F 225 16.16 42.29 -38.84
N GLU F 226 15.85 41.32 -39.70
CA GLU F 226 14.54 40.61 -39.71
C GLU F 226 14.52 39.64 -38.54
N ASN F 227 13.34 39.42 -37.96
CA ASN F 227 13.10 38.42 -36.89
C ASN F 227 13.41 37.02 -37.44
N ILE F 228 13.77 36.08 -36.57
CA ILE F 228 13.91 34.64 -36.89
C ILE F 228 12.91 33.85 -36.04
N LEU F 229 12.61 32.61 -36.45
CA LEU F 229 11.68 31.69 -35.74
C LEU F 229 10.33 32.39 -35.52
N ASP F 230 9.86 33.17 -36.50
CA ASP F 230 8.58 33.92 -36.43
C ASP F 230 7.50 33.17 -37.23
N ARG F 231 7.89 32.13 -37.98
CA ARG F 231 6.96 31.29 -38.77
C ARG F 231 7.02 29.86 -38.24
N PRO F 232 5.87 29.13 -38.18
CA PRO F 232 5.85 27.77 -37.68
C PRO F 232 6.86 26.84 -38.38
N GLY F 233 7.52 25.98 -37.61
CA GLY F 233 8.36 24.89 -38.13
C GLY F 233 7.54 23.63 -38.34
N LYS F 234 8.10 22.64 -39.04
CA LYS F 234 7.42 21.37 -39.37
C LYS F 234 7.80 20.28 -38.36
N ARG F 235 8.88 20.46 -37.61
CA ARG F 235 9.38 19.44 -36.65
C ARG F 235 8.44 19.36 -35.44
N GLU F 236 8.46 18.23 -34.73
CA GLU F 236 7.61 17.97 -33.53
C GLU F 236 7.84 19.12 -32.52
N ASP F 237 6.74 19.73 -32.06
CA ASP F 237 6.71 20.81 -31.04
C ASP F 237 7.39 22.08 -31.55
N ASP F 238 7.65 22.21 -32.85
CA ASP F 238 8.37 23.38 -33.42
C ASP F 238 7.44 24.22 -34.29
N GLY F 239 6.11 24.03 -34.15
CA GLY F 239 5.09 24.65 -35.02
C GLY F 239 4.58 25.98 -34.48
N GLN F 240 5.40 26.69 -33.71
CA GLN F 240 5.04 27.97 -33.06
C GLN F 240 6.26 28.88 -33.03
N ILE F 241 6.08 30.15 -32.70
CA ILE F 241 7.20 31.14 -32.59
C ILE F 241 8.22 30.62 -31.56
N GLY F 242 9.50 30.84 -31.83
CA GLY F 242 10.61 30.57 -30.90
C GLY F 242 10.65 31.62 -29.80
N HIS F 243 11.13 31.24 -28.61
CA HIS F 243 11.21 32.12 -27.42
C HIS F 243 12.60 32.04 -26.75
N HIS F 244 12.98 33.13 -26.10
CA HIS F 244 14.14 33.30 -25.17
C HIS F 244 15.26 32.32 -25.52
N ALA F 245 16.16 32.74 -26.41
CA ALA F 245 17.19 31.87 -27.03
C ALA F 245 18.54 32.01 -26.34
N ASP F 246 19.38 30.98 -26.48
CA ASP F 246 20.83 31.02 -26.19
C ASP F 246 21.57 30.58 -27.46
N VAL F 247 22.60 31.31 -27.84
CA VAL F 247 23.43 30.97 -29.03
C VAL F 247 24.74 30.35 -28.56
N LEU F 248 25.12 29.22 -29.17
CA LEU F 248 26.44 28.58 -28.96
C LEU F 248 27.19 28.59 -30.30
N VAL F 249 28.29 29.32 -30.35
CA VAL F 249 29.23 29.35 -31.51
C VAL F 249 30.20 28.17 -31.33
N ILE F 250 30.21 27.23 -32.28
CA ILE F 250 31.15 26.08 -32.31
C ILE F 250 32.43 26.55 -33.01
N ASP F 251 32.30 27.18 -34.18
CA ASP F 251 33.43 27.70 -34.97
C ASP F 251 32.91 28.79 -35.92
N ASP F 252 33.74 29.26 -36.85
CA ASP F 252 33.42 30.40 -37.75
C ASP F 252 32.23 30.06 -38.66
N GLU F 253 31.96 28.77 -38.91
CA GLU F 253 30.90 28.31 -39.84
C GLU F 253 29.67 27.80 -39.09
N THR F 254 29.83 27.36 -37.84
CA THR F 254 28.81 26.58 -37.08
C THR F 254 28.39 27.34 -35.82
N ALA F 255 27.14 27.81 -35.78
CA ALA F 255 26.49 28.39 -34.59
C ALA F 255 25.10 27.76 -34.44
N TYR F 256 24.75 27.33 -33.23
CA TYR F 256 23.44 26.73 -32.88
C TYR F 256 22.66 27.71 -32.01
N ILE F 257 21.35 27.76 -32.21
CA ILE F 257 20.42 28.57 -31.38
C ILE F 257 19.50 27.61 -30.62
N PHE F 258 19.57 27.67 -29.29
CA PHE F 258 18.69 26.93 -28.35
C PHE F 258 17.55 27.87 -27.96
N TYR F 259 16.32 27.37 -27.97
CA TYR F 259 15.12 28.20 -27.70
C TYR F 259 14.03 27.28 -27.16
N PHE F 260 12.85 27.86 -26.87
CA PHE F 260 11.68 27.06 -26.45
C PHE F 260 10.45 27.52 -27.22
N THR F 261 9.46 26.63 -27.26
CA THR F 261 8.13 26.89 -27.86
C THR F 261 7.05 26.50 -26.85
N HIS F 262 5.87 27.09 -27.02
CA HIS F 262 4.58 26.61 -26.47
C HIS F 262 3.88 25.80 -27.57
N PRO F 263 4.15 24.48 -27.67
CA PRO F 263 3.69 23.71 -28.83
C PRO F 263 2.16 23.65 -29.01
N GLU F 264 1.39 23.82 -27.94
CA GLU F 264 -0.10 23.81 -27.99
C GLU F 264 -0.62 25.15 -28.56
N GLY F 265 0.23 26.18 -28.65
CA GLY F 265 -0.09 27.49 -29.24
C GLY F 265 -1.07 28.28 -28.39
N MET F 266 -1.91 29.10 -29.05
CA MET F 266 -2.95 29.98 -28.44
C MET F 266 -2.30 31.05 -27.55
N GLU F 267 -1.05 31.43 -27.81
CA GLU F 267 -0.34 32.49 -27.04
C GLU F 267 -1.04 33.83 -27.29
N GLY F 268 -1.12 34.68 -26.25
CA GLY F 268 -1.72 36.03 -26.33
C GLY F 268 -3.24 35.99 -26.38
N THR F 269 -3.85 34.84 -26.08
CA THR F 269 -5.33 34.67 -25.97
C THR F 269 -5.71 34.52 -24.49
N GLU F 270 -6.98 34.76 -24.16
CA GLU F 270 -7.56 34.51 -22.82
C GLU F 270 -7.49 33.01 -22.52
N GLU F 271 -7.76 32.16 -23.53
CA GLU F 271 -7.77 30.67 -23.40
C GLU F 271 -6.42 30.19 -22.86
N PHE F 272 -5.31 30.80 -23.28
CA PHE F 272 -3.94 30.42 -22.88
C PHE F 272 -3.84 30.34 -21.36
N TRP F 273 -4.29 31.39 -20.66
CA TRP F 273 -4.15 31.55 -19.19
C TRP F 273 -5.21 30.72 -18.46
N LYS F 274 -6.32 30.37 -19.12
CA LYS F 274 -7.50 29.71 -18.49
C LYS F 274 -7.38 28.18 -18.52
N ASP F 275 -6.61 27.61 -19.47
CA ASP F 275 -6.49 26.15 -19.66
C ASP F 275 -5.03 25.73 -19.55
N SER F 276 -4.70 24.93 -18.54
CA SER F 276 -3.32 24.51 -18.20
C SER F 276 -2.68 23.69 -19.34
N LYS F 277 -3.46 23.15 -20.28
CA LYS F 277 -2.87 22.36 -21.40
C LYS F 277 -1.91 23.26 -22.22
N TYR F 278 -2.09 24.58 -22.19
CA TYR F 278 -1.30 25.54 -23.00
C TYR F 278 0.02 25.93 -22.33
N TRP F 279 0.24 25.55 -21.07
CA TRP F 279 1.36 26.08 -20.26
C TRP F 279 2.67 25.35 -20.56
N ARG F 280 2.60 24.09 -21.00
CA ARG F 280 3.82 23.27 -21.21
C ARG F 280 4.67 23.90 -22.31
N THR F 281 5.98 23.72 -22.23
CA THR F 281 6.97 24.28 -23.18
C THR F 281 7.97 23.18 -23.54
N SER F 282 8.57 23.28 -24.72
CA SER F 282 9.56 22.31 -25.24
C SER F 282 10.82 23.08 -25.64
N LEU F 283 11.99 22.60 -25.24
CA LEU F 283 13.28 23.11 -25.76
C LEU F 283 13.45 22.61 -27.20
N GLN F 284 14.10 23.43 -28.01
CA GLN F 284 14.44 23.13 -29.42
C GLN F 284 15.85 23.65 -29.68
N VAL F 285 16.49 23.12 -30.72
CA VAL F 285 17.74 23.72 -31.27
C VAL F 285 17.55 23.82 -32.78
N ALA F 286 18.12 24.87 -33.38
CA ALA F 286 18.20 25.05 -34.85
C ALA F 286 19.60 25.55 -35.17
N LYS F 287 19.96 25.57 -36.45
CA LYS F 287 21.29 26.00 -36.94
C LYS F 287 21.15 27.40 -37.53
N LEU F 288 22.01 28.33 -37.09
CA LEU F 288 22.08 29.70 -37.66
C LEU F 288 22.82 29.64 -38.99
N GLU F 289 22.40 30.46 -39.95
CA GLU F 289 23.12 30.67 -41.23
C GLU F 289 23.38 32.16 -41.40
N TYR F 290 24.32 32.50 -42.27
CA TYR F 290 24.73 33.90 -42.58
C TYR F 290 24.54 34.11 -44.08
N VAL F 291 23.51 34.88 -44.46
CA VAL F 291 23.05 35.10 -45.86
C VAL F 291 22.87 36.61 -46.08
N ASP F 292 23.57 37.17 -47.07
CA ASP F 292 23.50 38.61 -47.47
C ASP F 292 23.79 39.49 -46.25
N GLY F 293 24.78 39.10 -45.43
CA GLY F 293 25.28 39.91 -44.30
C GLY F 293 24.39 39.86 -43.07
N LYS F 294 23.41 38.94 -43.03
CA LYS F 294 22.41 38.84 -41.93
C LYS F 294 22.38 37.42 -41.37
N VAL F 295 22.32 37.29 -40.04
CA VAL F 295 22.05 36.01 -39.33
C VAL F 295 20.58 35.64 -39.57
N VAL F 296 20.35 34.47 -40.15
CA VAL F 296 19.00 33.92 -40.47
C VAL F 296 18.93 32.49 -39.93
N CYS F 297 17.76 31.86 -40.02
CA CYS F 297 17.51 30.51 -39.48
C CYS F 297 16.36 29.83 -40.21
N ASP F 298 16.66 28.72 -40.88
CA ASP F 298 15.65 27.75 -41.41
C ASP F 298 15.54 26.62 -40.37
N ARG F 299 14.52 26.71 -39.50
CA ARG F 299 14.29 25.78 -38.37
C ARG F 299 13.95 24.37 -38.88
N ASP F 300 13.57 24.23 -40.16
CA ASP F 300 13.13 22.94 -40.77
C ASP F 300 14.33 22.19 -41.37
N LYS F 301 15.38 22.92 -41.74
CA LYS F 301 16.53 22.44 -42.53
C LYS F 301 17.23 21.29 -41.79
N GLU F 302 17.59 20.22 -42.51
CA GLU F 302 18.41 19.10 -41.97
C GLU F 302 19.81 19.65 -41.65
N PHE F 303 20.35 19.29 -40.49
CA PHE F 303 21.77 19.56 -40.11
C PHE F 303 22.25 18.48 -39.16
N ASP F 304 23.58 18.32 -39.07
CA ASP F 304 24.25 17.40 -38.12
C ASP F 304 24.52 18.20 -36.84
N PHE F 305 23.68 17.99 -35.82
CA PHE F 305 23.84 18.64 -34.49
C PHE F 305 24.91 17.87 -33.72
N TYR F 306 26.05 18.50 -33.47
CA TYR F 306 27.18 17.92 -32.71
C TYR F 306 27.85 19.00 -31.86
N LEU F 307 28.01 18.71 -30.57
CA LEU F 307 28.70 19.57 -29.58
C LEU F 307 30.04 18.93 -29.23
N PRO F 308 31.17 19.42 -29.79
CA PRO F 308 32.48 18.87 -29.45
C PRO F 308 32.82 19.22 -28.00
N ASP F 309 33.62 18.39 -27.34
CA ASP F 309 34.19 18.68 -25.99
C ASP F 309 35.09 19.90 -26.09
N LEU F 310 35.02 20.82 -25.13
CA LEU F 310 35.99 21.94 -24.97
C LEU F 310 37.23 21.40 -24.26
N PHE F 311 38.41 21.95 -24.56
CA PHE F 311 39.72 21.52 -24.01
C PHE F 311 40.30 22.61 -23.12
#